data_5OI2
# 
_entry.id   5OI2 
# 
_audit_conform.dict_name       mmcif_pdbx.dic 
_audit_conform.dict_version    5.399 
_audit_conform.dict_location   http://mmcif.pdb.org/dictionaries/ascii/mmcif_pdbx.dic 
# 
loop_
_database_2.database_id 
_database_2.database_code 
_database_2.pdbx_database_accession 
_database_2.pdbx_DOI 
PDB   5OI2         pdb_00005oi2 10.2210/pdb5oi2/pdb 
WWPDB D_1200005848 ?            ?                   
# 
loop_
_pdbx_audit_revision_history.ordinal 
_pdbx_audit_revision_history.data_content_type 
_pdbx_audit_revision_history.major_revision 
_pdbx_audit_revision_history.minor_revision 
_pdbx_audit_revision_history.revision_date 
1 'Structure model' 1 0 2018-03-07 
2 'Structure model' 1 1 2018-03-14 
3 'Structure model' 1 2 2018-05-02 
4 'Structure model' 1 3 2019-10-16 
5 'Structure model' 1 4 2024-01-17 
6 'Structure model' 1 5 2024-11-20 
# 
_pdbx_audit_revision_details.ordinal             1 
_pdbx_audit_revision_details.revision_ordinal    1 
_pdbx_audit_revision_details.data_content_type   'Structure model' 
_pdbx_audit_revision_details.provider            repository 
_pdbx_audit_revision_details.type                'Initial release' 
_pdbx_audit_revision_details.description         ? 
_pdbx_audit_revision_details.details             ? 
# 
loop_
_pdbx_audit_revision_group.ordinal 
_pdbx_audit_revision_group.revision_ordinal 
_pdbx_audit_revision_group.data_content_type 
_pdbx_audit_revision_group.group 
1 2 'Structure model' 'Database references'    
2 3 'Structure model' 'Data collection'        
3 3 'Structure model' 'Database references'    
4 4 'Structure model' 'Data collection'        
5 5 'Structure model' 'Data collection'        
6 5 'Structure model' 'Database references'    
7 5 'Structure model' 'Derived calculations'   
8 5 'Structure model' 'Refinement description' 
9 6 'Structure model' 'Structure summary'      
# 
loop_
_pdbx_audit_revision_category.ordinal 
_pdbx_audit_revision_category.revision_ordinal 
_pdbx_audit_revision_category.data_content_type 
_pdbx_audit_revision_category.category 
1  2 'Structure model' citation                      
2  2 'Structure model' citation_author               
3  3 'Structure model' citation                      
4  4 'Structure model' reflns_shell                  
5  5 'Structure model' chem_comp_atom                
6  5 'Structure model' chem_comp_bond                
7  5 'Structure model' database_2                    
8  5 'Structure model' pdbx_initial_refinement_model 
9  5 'Structure model' pdbx_struct_conn_angle        
10 5 'Structure model' struct_conn                   
11 5 'Structure model' struct_conn_type              
12 6 'Structure model' pdbx_entry_details            
13 6 'Structure model' pdbx_modification_feature     
# 
loop_
_pdbx_audit_revision_item.ordinal 
_pdbx_audit_revision_item.revision_ordinal 
_pdbx_audit_revision_item.data_content_type 
_pdbx_audit_revision_item.item 
1  2 'Structure model' '_citation.country'                           
2  2 'Structure model' '_citation.journal_abbrev'                    
3  2 'Structure model' '_citation.journal_id_ASTM'                   
4  2 'Structure model' '_citation.journal_id_CSD'                    
5  2 'Structure model' '_citation.journal_id_ISSN'                   
6  2 'Structure model' '_citation.pdbx_database_id_DOI'              
7  2 'Structure model' '_citation.pdbx_database_id_PubMed'           
8  2 'Structure model' '_citation.title'                             
9  2 'Structure model' '_citation.year'                              
10 3 'Structure model' '_citation.journal_volume'                    
11 3 'Structure model' '_citation.page_first'                        
12 3 'Structure model' '_citation.page_last'                         
13 5 'Structure model' '_database_2.pdbx_DOI'                        
14 5 'Structure model' '_database_2.pdbx_database_accession'         
15 5 'Structure model' '_pdbx_struct_conn_angle.ptnr1_auth_comp_id'  
16 5 'Structure model' '_pdbx_struct_conn_angle.ptnr1_auth_seq_id'   
17 5 'Structure model' '_pdbx_struct_conn_angle.ptnr1_label_atom_id' 
18 5 'Structure model' '_pdbx_struct_conn_angle.ptnr1_label_comp_id' 
19 5 'Structure model' '_pdbx_struct_conn_angle.ptnr1_label_seq_id'  
20 5 'Structure model' '_pdbx_struct_conn_angle.ptnr2_symmetry'      
21 5 'Structure model' '_pdbx_struct_conn_angle.ptnr3_auth_comp_id'  
22 5 'Structure model' '_pdbx_struct_conn_angle.ptnr3_auth_seq_id'   
23 5 'Structure model' '_pdbx_struct_conn_angle.ptnr3_label_atom_id' 
24 5 'Structure model' '_pdbx_struct_conn_angle.ptnr3_label_comp_id' 
25 5 'Structure model' '_pdbx_struct_conn_angle.ptnr3_label_seq_id'  
26 5 'Structure model' '_pdbx_struct_conn_angle.value'               
27 5 'Structure model' '_struct_conn.conn_type_id'                   
28 5 'Structure model' '_struct_conn.id'                             
29 5 'Structure model' '_struct_conn.pdbx_dist_value'                
30 5 'Structure model' '_struct_conn.pdbx_leaving_atom_flag'         
31 5 'Structure model' '_struct_conn.ptnr1_auth_comp_id'             
32 5 'Structure model' '_struct_conn.ptnr1_auth_seq_id'              
33 5 'Structure model' '_struct_conn.ptnr1_label_atom_id'            
34 5 'Structure model' '_struct_conn.ptnr1_label_comp_id'            
35 5 'Structure model' '_struct_conn.ptnr1_label_seq_id'             
36 5 'Structure model' '_struct_conn.ptnr2_auth_comp_id'             
37 5 'Structure model' '_struct_conn.ptnr2_auth_seq_id'              
38 5 'Structure model' '_struct_conn.ptnr2_label_asym_id'            
39 5 'Structure model' '_struct_conn.ptnr2_label_atom_id'            
40 5 'Structure model' '_struct_conn.ptnr2_label_comp_id'            
41 5 'Structure model' '_struct_conn.ptnr2_label_seq_id'             
42 5 'Structure model' '_struct_conn.ptnr2_symmetry'                 
43 5 'Structure model' '_struct_conn_type.id'                        
# 
_pdbx_database_status.status_code                     REL 
_pdbx_database_status.status_code_sf                  REL 
_pdbx_database_status.status_code_mr                  ? 
_pdbx_database_status.entry_id                        5OI2 
_pdbx_database_status.recvd_initial_deposition_date   2017-07-18 
_pdbx_database_status.SG_entry                        N 
_pdbx_database_status.deposit_site                    PDBE 
_pdbx_database_status.process_site                    PDBE 
_pdbx_database_status.status_code_cs                  ? 
_pdbx_database_status.methods_development_category    ? 
_pdbx_database_status.pdb_format_compatible           Y 
_pdbx_database_status.status_code_nmr_data            ? 
# 
_pdbx_database_related.db_name        PDB 
_pdbx_database_related.details        '4LH4 contains the same protein with a different ligand' 
_pdbx_database_related.db_id          4LH4 
_pdbx_database_related.content_type   unspecified 
# 
loop_
_audit_author.name 
_audit_author.pdbx_ordinal 
_audit_author.identifier_ORCID 
'Ruff, M.'     1 ? 
'Benarous, R.' 2 ? 
# 
_citation.abstract                  ? 
_citation.abstract_id_CAS           ? 
_citation.book_id_ISBN              ? 
_citation.book_publisher            ? 
_citation.book_publisher_city       ? 
_citation.book_title                ? 
_citation.coordinate_linkage        ? 
_citation.country                   US 
_citation.database_id_Medline       ? 
_citation.details                   ? 
_citation.id                        primary 
_citation.journal_abbrev            'J. Biol. Chem.' 
_citation.journal_id_ASTM           JBCHA3 
_citation.journal_id_CSD            0071 
_citation.journal_id_ISSN           1083-351X 
_citation.journal_full              ? 
_citation.journal_issue             ? 
_citation.journal_volume            293 
_citation.language                  ? 
_citation.page_first                6172 
_citation.page_last                 6186 
_citation.title                     
;Structure-function analyses unravel distinct effects of allosteric inhibitors of HIV-1 integrase on viral maturation and integration.
;
_citation.year                      2018 
_citation.database_id_CSD           ? 
_citation.pdbx_database_id_DOI      10.1074/jbc.M117.816793 
_citation.pdbx_database_id_PubMed   29507092 
_citation.unpublished_flag          ? 
# 
loop_
_citation_author.citation_id 
_citation_author.name 
_citation_author.ordinal 
_citation_author.identifier_ORCID 
primary 'Bonnard, D.'    1  ? 
primary 'Le Rouzic, E.'  2  ? 
primary 'Eiler, S.'      3  ? 
primary 'Amadori, C.'    4  ? 
primary 'Orlov, I.'      5  ? 
primary 'Bruneau, J.M.'  6  ? 
primary 'Brias, J.'      7  ? 
primary 'Barbion, J.'    8  ? 
primary 'Chevreuil, F.'  9  ? 
primary 'Spehner, D.'    10 ? 
primary 'Chasset, S.'    11 ? 
primary 'Ledoussal, B.'  12 ? 
primary 'Moreau, F.'     13 ? 
primary 'Saib, A.'       14 ? 
primary 'Klaholz, B.P.'  15 ? 
primary 'Emiliani, S.'   16 ? 
primary 'Ruff, M.'       17 ? 
primary 'Zamborlini, A.' 18 ? 
primary 'Benarous, R.'   19 ? 
# 
loop_
_entity.id 
_entity.type 
_entity.src_method 
_entity.pdbx_description 
_entity.formula_weight 
_entity.pdbx_number_of_molecules 
_entity.pdbx_ec 
_entity.pdbx_mutation 
_entity.pdbx_fragment 
_entity.details 
1 polymer     man Integrase 20139.646 1  ? ? 'Catalytic core domain, UNP Residues 50-212' ? 
2 non-polymer syn 'MAGNESIUM ION' 24.305    4  ? ? ?                                            ? 
3 non-polymer syn 
'(2~{S})-2-[4-(4,4-dimethylcyclohexen-1-yl)-2-methyl-5-pyridin-4-yl-thiophen-3-yl]-2-[(2-methylpropan-2-yl)oxy]ethanoic acid' 
413.573   1  ? ? ?                                            ? 
4 non-polymer syn 'SULFATE ION' 96.063    2  ? ? ?                                            ? 
5 water       nat water 18.015    73 ? ? ?                                            ? 
# 
_entity_poly.entity_id                      1 
_entity_poly.type                           'polypeptide(L)' 
_entity_poly.nstd_linkage                   no 
_entity_poly.nstd_monomer                   yes 
_entity_poly.pdbx_seq_one_letter_code       
;MGSSHHHHHHSSGLVPRGSMHGQVDCSPGIWQLD(CAS)THLEGKVILVAVHVASGYIEAEVIPAETGQETAYFLLKLAG
RWPVKTVHTDNGSNFTSTTVKAA(CAS)WWAGIKQEFGIPYNPQSQGVVESMNKELKKIIGQVRDQAEHLKTAVQMAVFI
HNKKRKGGIGGYSAGERIVDIIATDIQTKE
;
_entity_poly.pdbx_seq_one_letter_code_can   
;MGSSHHHHHHSSGLVPRGSMHGQVDCSPGIWQLDCTHLEGKVILVAVHVASGYIEAEVIPAETGQETAYFLLKLAGRWPV
KTVHTDNGSNFTSTTVKAACWWAGIKQEFGIPYNPQSQGVVESMNKELKKIIGQVRDQAEHLKTAVQMAVFIHNKKRKGG
IGGYSAGERIVDIIATDIQTKE
;
_entity_poly.pdbx_strand_id                 A 
_entity_poly.pdbx_target_identifier         ? 
# 
loop_
_pdbx_entity_nonpoly.entity_id 
_pdbx_entity_nonpoly.name 
_pdbx_entity_nonpoly.comp_id 
2 'MAGNESIUM ION'                                                                                                               MG 
3 '(2~{S})-2-[4-(4,4-dimethylcyclohexen-1-yl)-2-methyl-5-pyridin-4-yl-thiophen-3-yl]-2-[(2-methylpropan-2-yl)oxy]ethanoic acid' 
9VN 
4 'SULFATE ION'                                                                                                                 
SO4 
5 water                                                                                                                         
HOH 
# 
loop_
_entity_poly_seq.entity_id 
_entity_poly_seq.num 
_entity_poly_seq.mon_id 
_entity_poly_seq.hetero 
1 1   MET n 
1 2   GLY n 
1 3   SER n 
1 4   SER n 
1 5   HIS n 
1 6   HIS n 
1 7   HIS n 
1 8   HIS n 
1 9   HIS n 
1 10  HIS n 
1 11  SER n 
1 12  SER n 
1 13  GLY n 
1 14  LEU n 
1 15  VAL n 
1 16  PRO n 
1 17  ARG n 
1 18  GLY n 
1 19  SER n 
1 20  MET n 
1 21  HIS n 
1 22  GLY n 
1 23  GLN n 
1 24  VAL n 
1 25  ASP n 
1 26  CYS n 
1 27  SER n 
1 28  PRO n 
1 29  GLY n 
1 30  ILE n 
1 31  TRP n 
1 32  GLN n 
1 33  LEU n 
1 34  ASP n 
1 35  CAS n 
1 36  THR n 
1 37  HIS n 
1 38  LEU n 
1 39  GLU n 
1 40  GLY n 
1 41  LYS n 
1 42  VAL n 
1 43  ILE n 
1 44  LEU n 
1 45  VAL n 
1 46  ALA n 
1 47  VAL n 
1 48  HIS n 
1 49  VAL n 
1 50  ALA n 
1 51  SER n 
1 52  GLY n 
1 53  TYR n 
1 54  ILE n 
1 55  GLU n 
1 56  ALA n 
1 57  GLU n 
1 58  VAL n 
1 59  ILE n 
1 60  PRO n 
1 61  ALA n 
1 62  GLU n 
1 63  THR n 
1 64  GLY n 
1 65  GLN n 
1 66  GLU n 
1 67  THR n 
1 68  ALA n 
1 69  TYR n 
1 70  PHE n 
1 71  LEU n 
1 72  LEU n 
1 73  LYS n 
1 74  LEU n 
1 75  ALA n 
1 76  GLY n 
1 77  ARG n 
1 78  TRP n 
1 79  PRO n 
1 80  VAL n 
1 81  LYS n 
1 82  THR n 
1 83  VAL n 
1 84  HIS n 
1 85  THR n 
1 86  ASP n 
1 87  ASN n 
1 88  GLY n 
1 89  SER n 
1 90  ASN n 
1 91  PHE n 
1 92  THR n 
1 93  SER n 
1 94  THR n 
1 95  THR n 
1 96  VAL n 
1 97  LYS n 
1 98  ALA n 
1 99  ALA n 
1 100 CAS n 
1 101 TRP n 
1 102 TRP n 
1 103 ALA n 
1 104 GLY n 
1 105 ILE n 
1 106 LYS n 
1 107 GLN n 
1 108 GLU n 
1 109 PHE n 
1 110 GLY n 
1 111 ILE n 
1 112 PRO n 
1 113 TYR n 
1 114 ASN n 
1 115 PRO n 
1 116 GLN n 
1 117 SER n 
1 118 GLN n 
1 119 GLY n 
1 120 VAL n 
1 121 VAL n 
1 122 GLU n 
1 123 SER n 
1 124 MET n 
1 125 ASN n 
1 126 LYS n 
1 127 GLU n 
1 128 LEU n 
1 129 LYS n 
1 130 LYS n 
1 131 ILE n 
1 132 ILE n 
1 133 GLY n 
1 134 GLN n 
1 135 VAL n 
1 136 ARG n 
1 137 ASP n 
1 138 GLN n 
1 139 ALA n 
1 140 GLU n 
1 141 HIS n 
1 142 LEU n 
1 143 LYS n 
1 144 THR n 
1 145 ALA n 
1 146 VAL n 
1 147 GLN n 
1 148 MET n 
1 149 ALA n 
1 150 VAL n 
1 151 PHE n 
1 152 ILE n 
1 153 HIS n 
1 154 ASN n 
1 155 LYS n 
1 156 LYS n 
1 157 ARG n 
1 158 LYS n 
1 159 GLY n 
1 160 GLY n 
1 161 ILE n 
1 162 GLY n 
1 163 GLY n 
1 164 TYR n 
1 165 SER n 
1 166 ALA n 
1 167 GLY n 
1 168 GLU n 
1 169 ARG n 
1 170 ILE n 
1 171 VAL n 
1 172 ASP n 
1 173 ILE n 
1 174 ILE n 
1 175 ALA n 
1 176 THR n 
1 177 ASP n 
1 178 ILE n 
1 179 GLN n 
1 180 THR n 
1 181 LYS n 
1 182 GLU n 
# 
_entity_src_gen.entity_id                          1 
_entity_src_gen.pdbx_src_id                        1 
_entity_src_gen.pdbx_alt_source_flag               sample 
_entity_src_gen.pdbx_seq_type                      'Biological sequence' 
_entity_src_gen.pdbx_beg_seq_num                   1 
_entity_src_gen.pdbx_end_seq_num                   182 
_entity_src_gen.gene_src_common_name               HIV-1 
_entity_src_gen.gene_src_genus                     ? 
_entity_src_gen.pdbx_gene_src_gene                 ? 
_entity_src_gen.gene_src_species                   ? 
_entity_src_gen.gene_src_strain                    ? 
_entity_src_gen.gene_src_tissue                    ? 
_entity_src_gen.gene_src_tissue_fraction           ? 
_entity_src_gen.gene_src_details                   ? 
_entity_src_gen.pdbx_gene_src_fragment             ? 
_entity_src_gen.pdbx_gene_src_scientific_name      'Human immunodeficiency virus 1' 
_entity_src_gen.pdbx_gene_src_ncbi_taxonomy_id     11676 
_entity_src_gen.pdbx_gene_src_variant              ? 
_entity_src_gen.pdbx_gene_src_cell_line            ? 
_entity_src_gen.pdbx_gene_src_atcc                 ? 
_entity_src_gen.pdbx_gene_src_organ                ? 
_entity_src_gen.pdbx_gene_src_organelle            ? 
_entity_src_gen.pdbx_gene_src_cell                 ? 
_entity_src_gen.pdbx_gene_src_cellular_location    ? 
_entity_src_gen.host_org_common_name               ? 
_entity_src_gen.pdbx_host_org_scientific_name      'Escherichia coli' 
_entity_src_gen.pdbx_host_org_ncbi_taxonomy_id     562 
_entity_src_gen.host_org_genus                     ? 
_entity_src_gen.pdbx_host_org_gene                 ? 
_entity_src_gen.pdbx_host_org_organ                ? 
_entity_src_gen.host_org_species                   ? 
_entity_src_gen.pdbx_host_org_tissue               ? 
_entity_src_gen.pdbx_host_org_tissue_fraction      ? 
_entity_src_gen.pdbx_host_org_strain               ? 
_entity_src_gen.pdbx_host_org_variant              ? 
_entity_src_gen.pdbx_host_org_cell_line            ? 
_entity_src_gen.pdbx_host_org_atcc                 ? 
_entity_src_gen.pdbx_host_org_culture_collection   ? 
_entity_src_gen.pdbx_host_org_cell                 ? 
_entity_src_gen.pdbx_host_org_organelle            ? 
_entity_src_gen.pdbx_host_org_cellular_location    ? 
_entity_src_gen.pdbx_host_org_vector_type          ? 
_entity_src_gen.pdbx_host_org_vector               ? 
_entity_src_gen.host_org_details                   ? 
_entity_src_gen.expression_system_id               ? 
_entity_src_gen.plasmid_name                       ? 
_entity_src_gen.plasmid_details                    ? 
_entity_src_gen.pdbx_description                   ? 
# 
loop_
_chem_comp.id 
_chem_comp.type 
_chem_comp.mon_nstd_flag 
_chem_comp.name 
_chem_comp.pdbx_synonyms 
_chem_comp.formula 
_chem_comp.formula_weight 
9VN non-polymer         . 
'(2~{S})-2-[4-(4,4-dimethylcyclohexen-1-yl)-2-methyl-5-pyridin-4-yl-thiophen-3-yl]-2-[(2-methylpropan-2-yl)oxy]ethanoic acid' ? 
'C24 H31 N O3 S'   413.573 
ALA 'L-peptide linking' y ALANINE ? 'C3 H7 N O2'       89.093  
ARG 'L-peptide linking' y ARGININE ? 'C6 H15 N4 O2 1'   175.209 
ASN 'L-peptide linking' y ASPARAGINE ? 'C4 H8 N2 O3'      132.118 
ASP 'L-peptide linking' y 'ASPARTIC ACID' ? 'C4 H7 N O4'       133.103 
CAS 'L-peptide linking' n 'S-(DIMETHYLARSENIC)CYSTEINE' ? 'C5 H12 As N O2 S' 225.141 
CYS 'L-peptide linking' y CYSTEINE ? 'C3 H7 N O2 S'     121.158 
GLN 'L-peptide linking' y GLUTAMINE ? 'C5 H10 N2 O3'     146.144 
GLU 'L-peptide linking' y 'GLUTAMIC ACID' ? 'C5 H9 N O4'       147.129 
GLY 'peptide linking'   y GLYCINE ? 'C2 H5 N O2'       75.067  
HIS 'L-peptide linking' y HISTIDINE ? 'C6 H10 N3 O2 1'   156.162 
HOH non-polymer         . WATER ? 'H2 O'             18.015  
ILE 'L-peptide linking' y ISOLEUCINE ? 'C6 H13 N O2'      131.173 
LEU 'L-peptide linking' y LEUCINE ? 'C6 H13 N O2'      131.173 
LYS 'L-peptide linking' y LYSINE ? 'C6 H15 N2 O2 1'   147.195 
MET 'L-peptide linking' y METHIONINE ? 'C5 H11 N O2 S'    149.211 
MG  non-polymer         . 'MAGNESIUM ION' ? 'Mg 2'             24.305  
PHE 'L-peptide linking' y PHENYLALANINE ? 'C9 H11 N O2'      165.189 
PRO 'L-peptide linking' y PROLINE ? 'C5 H9 N O2'       115.130 
SER 'L-peptide linking' y SERINE ? 'C3 H7 N O3'       105.093 
SO4 non-polymer         . 'SULFATE ION' ? 'O4 S -2'          96.063  
THR 'L-peptide linking' y THREONINE ? 'C4 H9 N O3'       119.119 
TRP 'L-peptide linking' y TRYPTOPHAN ? 'C11 H12 N2 O2'    204.225 
TYR 'L-peptide linking' y TYROSINE ? 'C9 H11 N O3'      181.189 
VAL 'L-peptide linking' y VALINE ? 'C5 H11 N O2'      117.146 
# 
loop_
_pdbx_poly_seq_scheme.asym_id 
_pdbx_poly_seq_scheme.entity_id 
_pdbx_poly_seq_scheme.seq_id 
_pdbx_poly_seq_scheme.mon_id 
_pdbx_poly_seq_scheme.ndb_seq_num 
_pdbx_poly_seq_scheme.pdb_seq_num 
_pdbx_poly_seq_scheme.auth_seq_num 
_pdbx_poly_seq_scheme.pdb_mon_id 
_pdbx_poly_seq_scheme.auth_mon_id 
_pdbx_poly_seq_scheme.pdb_strand_id 
_pdbx_poly_seq_scheme.pdb_ins_code 
_pdbx_poly_seq_scheme.hetero 
A 1 1   MET 1   31  ?   ?   ?   A . n 
A 1 2   GLY 2   32  ?   ?   ?   A . n 
A 1 3   SER 3   33  ?   ?   ?   A . n 
A 1 4   SER 4   34  ?   ?   ?   A . n 
A 1 5   HIS 5   35  ?   ?   ?   A . n 
A 1 6   HIS 6   36  ?   ?   ?   A . n 
A 1 7   HIS 7   37  ?   ?   ?   A . n 
A 1 8   HIS 8   38  ?   ?   ?   A . n 
A 1 9   HIS 9   39  ?   ?   ?   A . n 
A 1 10  HIS 10  40  ?   ?   ?   A . n 
A 1 11  SER 11  41  ?   ?   ?   A . n 
A 1 12  SER 12  42  ?   ?   ?   A . n 
A 1 13  GLY 13  43  ?   ?   ?   A . n 
A 1 14  LEU 14  44  ?   ?   ?   A . n 
A 1 15  VAL 15  45  ?   ?   ?   A . n 
A 1 16  PRO 16  46  ?   ?   ?   A . n 
A 1 17  ARG 17  47  ?   ?   ?   A . n 
A 1 18  GLY 18  48  ?   ?   ?   A . n 
A 1 19  SER 19  49  ?   ?   ?   A . n 
A 1 20  MET 20  50  ?   ?   ?   A . n 
A 1 21  HIS 21  51  ?   ?   ?   A . n 
A 1 22  GLY 22  52  ?   ?   ?   A . n 
A 1 23  GLN 23  53  ?   ?   ?   A . n 
A 1 24  VAL 24  54  ?   ?   ?   A . n 
A 1 25  ASP 25  55  ?   ?   ?   A . n 
A 1 26  CYS 26  56  ?   ?   ?   A . n 
A 1 27  SER 27  57  57  SER SER A . n 
A 1 28  PRO 28  58  58  PRO PRO A . n 
A 1 29  GLY 29  59  59  GLY GLY A . n 
A 1 30  ILE 30  60  60  ILE ILE A . n 
A 1 31  TRP 31  61  61  TRP TRP A . n 
A 1 32  GLN 32  62  62  GLN GLN A . n 
A 1 33  LEU 33  63  63  LEU LEU A . n 
A 1 34  ASP 34  64  64  ASP ASP A . n 
A 1 35  CAS 35  65  65  CAS CAS A . n 
A 1 36  THR 36  66  66  THR THR A . n 
A 1 37  HIS 37  67  67  HIS HIS A . n 
A 1 38  LEU 38  68  68  LEU LEU A . n 
A 1 39  GLU 39  69  69  GLU GLU A . n 
A 1 40  GLY 40  70  70  GLY GLY A . n 
A 1 41  LYS 41  71  71  LYS LYS A . n 
A 1 42  VAL 42  72  72  VAL VAL A . n 
A 1 43  ILE 43  73  73  ILE ILE A . n 
A 1 44  LEU 44  74  74  LEU LEU A . n 
A 1 45  VAL 45  75  75  VAL VAL A . n 
A 1 46  ALA 46  76  76  ALA ALA A . n 
A 1 47  VAL 47  77  77  VAL VAL A . n 
A 1 48  HIS 48  78  78  HIS HIS A . n 
A 1 49  VAL 49  79  79  VAL VAL A . n 
A 1 50  ALA 50  80  80  ALA ALA A . n 
A 1 51  SER 51  81  81  SER SER A . n 
A 1 52  GLY 52  82  82  GLY GLY A . n 
A 1 53  TYR 53  83  83  TYR TYR A . n 
A 1 54  ILE 54  84  84  ILE ILE A . n 
A 1 55  GLU 55  85  85  GLU GLU A . n 
A 1 56  ALA 56  86  86  ALA ALA A . n 
A 1 57  GLU 57  87  87  GLU GLU A . n 
A 1 58  VAL 58  88  88  VAL VAL A . n 
A 1 59  ILE 59  89  89  ILE ILE A . n 
A 1 60  PRO 60  90  90  PRO PRO A . n 
A 1 61  ALA 61  91  91  ALA ALA A . n 
A 1 62  GLU 62  92  92  GLU GLU A . n 
A 1 63  THR 63  93  93  THR THR A . n 
A 1 64  GLY 64  94  94  GLY GLY A . n 
A 1 65  GLN 65  95  95  GLN GLN A . n 
A 1 66  GLU 66  96  96  GLU GLU A . n 
A 1 67  THR 67  97  97  THR THR A . n 
A 1 68  ALA 68  98  98  ALA ALA A . n 
A 1 69  TYR 69  99  99  TYR TYR A . n 
A 1 70  PHE 70  100 100 PHE PHE A . n 
A 1 71  LEU 71  101 101 LEU LEU A . n 
A 1 72  LEU 72  102 102 LEU LEU A . n 
A 1 73  LYS 73  103 103 LYS LYS A . n 
A 1 74  LEU 74  104 104 LEU LEU A . n 
A 1 75  ALA 75  105 105 ALA ALA A . n 
A 1 76  GLY 76  106 106 GLY GLY A . n 
A 1 77  ARG 77  107 107 ARG ARG A . n 
A 1 78  TRP 78  108 108 TRP TRP A . n 
A 1 79  PRO 79  109 109 PRO PRO A . n 
A 1 80  VAL 80  110 110 VAL VAL A . n 
A 1 81  LYS 81  111 111 LYS LYS A . n 
A 1 82  THR 82  112 112 THR THR A . n 
A 1 83  VAL 83  113 113 VAL VAL A . n 
A 1 84  HIS 84  114 114 HIS HIS A . n 
A 1 85  THR 85  115 115 THR THR A . n 
A 1 86  ASP 86  116 116 ASP ASP A . n 
A 1 87  ASN 87  117 117 ASN ASN A . n 
A 1 88  GLY 88  118 118 GLY GLY A . n 
A 1 89  SER 89  119 119 SER SER A . n 
A 1 90  ASN 90  120 120 ASN ASN A . n 
A 1 91  PHE 91  121 121 PHE PHE A . n 
A 1 92  THR 92  122 122 THR THR A . n 
A 1 93  SER 93  123 123 SER SER A . n 
A 1 94  THR 94  124 124 THR THR A . n 
A 1 95  THR 95  125 125 THR THR A . n 
A 1 96  VAL 96  126 126 VAL VAL A . n 
A 1 97  LYS 97  127 127 LYS LYS A . n 
A 1 98  ALA 98  128 128 ALA ALA A . n 
A 1 99  ALA 99  129 129 ALA ALA A . n 
A 1 100 CAS 100 130 130 CAS CAS A . n 
A 1 101 TRP 101 131 131 TRP TRP A . n 
A 1 102 TRP 102 132 132 TRP TRP A . n 
A 1 103 ALA 103 133 133 ALA ALA A . n 
A 1 104 GLY 104 134 134 GLY GLY A . n 
A 1 105 ILE 105 135 135 ILE ILE A . n 
A 1 106 LYS 106 136 136 LYS LYS A . n 
A 1 107 GLN 107 137 137 GLN GLN A . n 
A 1 108 GLU 108 138 ?   ?   ?   A . n 
A 1 109 PHE 109 139 ?   ?   ?   A . n 
A 1 110 GLY 110 140 ?   ?   ?   A . n 
A 1 111 ILE 111 141 ?   ?   ?   A . n 
A 1 112 PRO 112 142 ?   ?   ?   A . n 
A 1 113 TYR 113 143 ?   ?   ?   A . n 
A 1 114 ASN 114 144 ?   ?   ?   A . n 
A 1 115 PRO 115 145 ?   ?   ?   A . n 
A 1 116 GLN 116 146 ?   ?   ?   A . n 
A 1 117 SER 117 147 ?   ?   ?   A . n 
A 1 118 GLN 118 148 ?   ?   ?   A . n 
A 1 119 GLY 119 149 ?   ?   ?   A . n 
A 1 120 VAL 120 150 ?   ?   ?   A . n 
A 1 121 VAL 121 151 ?   ?   ?   A . n 
A 1 122 GLU 122 152 ?   ?   ?   A . n 
A 1 123 SER 123 153 ?   ?   ?   A . n 
A 1 124 MET 124 154 154 MET MET A . n 
A 1 125 ASN 125 155 155 ASN ASN A . n 
A 1 126 LYS 126 156 156 LYS LYS A . n 
A 1 127 GLU 127 157 157 GLU GLU A . n 
A 1 128 LEU 128 158 158 LEU LEU A . n 
A 1 129 LYS 129 159 159 LYS LYS A . n 
A 1 130 LYS 130 160 160 LYS LYS A . n 
A 1 131 ILE 131 161 161 ILE ILE A . n 
A 1 132 ILE 132 162 162 ILE ILE A . n 
A 1 133 GLY 133 163 163 GLY GLY A . n 
A 1 134 GLN 134 164 164 GLN GLN A . n 
A 1 135 VAL 135 165 165 VAL VAL A . n 
A 1 136 ARG 136 166 166 ARG ARG A . n 
A 1 137 ASP 137 167 167 ASP ASP A . n 
A 1 138 GLN 138 168 168 GLN GLN A . n 
A 1 139 ALA 139 169 169 ALA ALA A . n 
A 1 140 GLU 140 170 170 GLU GLU A . n 
A 1 141 HIS 141 171 171 HIS HIS A . n 
A 1 142 LEU 142 172 172 LEU LEU A . n 
A 1 143 LYS 143 173 173 LYS LYS A . n 
A 1 144 THR 144 174 174 THR THR A . n 
A 1 145 ALA 145 175 175 ALA ALA A . n 
A 1 146 VAL 146 176 176 VAL VAL A . n 
A 1 147 GLN 147 177 177 GLN GLN A . n 
A 1 148 MET 148 178 178 MET MET A . n 
A 1 149 ALA 149 179 179 ALA ALA A . n 
A 1 150 VAL 150 180 180 VAL VAL A . n 
A 1 151 PHE 151 181 181 PHE PHE A . n 
A 1 152 ILE 152 182 182 ILE ILE A . n 
A 1 153 HIS 153 183 183 HIS HIS A . n 
A 1 154 ASN 154 184 184 ASN ASN A . n 
A 1 155 LYS 155 185 185 LYS LYS A . n 
A 1 156 LYS 156 186 186 LYS LYS A . n 
A 1 157 ARG 157 187 187 ARG ARG A . n 
A 1 158 LYS 158 188 188 LYS LYS A . n 
A 1 159 GLY 159 189 ?   ?   ?   A . n 
A 1 160 GLY 160 190 ?   ?   ?   A . n 
A 1 161 ILE 161 191 ?   ?   ?   A . n 
A 1 162 GLY 162 192 ?   ?   ?   A . n 
A 1 163 GLY 163 193 ?   ?   ?   A . n 
A 1 164 TYR 164 194 194 TYR TYR A . n 
A 1 165 SER 165 195 195 SER SER A . n 
A 1 166 ALA 166 196 196 ALA ALA A . n 
A 1 167 GLY 167 197 197 GLY GLY A . n 
A 1 168 GLU 168 198 198 GLU GLU A . n 
A 1 169 ARG 169 199 199 ARG ARG A . n 
A 1 170 ILE 170 200 200 ILE ILE A . n 
A 1 171 VAL 171 201 201 VAL VAL A . n 
A 1 172 ASP 172 202 202 ASP ASP A . n 
A 1 173 ILE 173 203 203 ILE ILE A . n 
A 1 174 ILE 174 204 204 ILE ILE A . n 
A 1 175 ALA 175 205 205 ALA ALA A . n 
A 1 176 THR 176 206 206 THR THR A . n 
A 1 177 ASP 177 207 207 ASP ASP A . n 
A 1 178 ILE 178 208 208 ILE ILE A . n 
A 1 179 GLN 179 209 ?   ?   ?   A . n 
A 1 180 THR 180 210 ?   ?   ?   A . n 
A 1 181 LYS 181 211 ?   ?   ?   A . n 
A 1 182 GLU 182 212 ?   ?   ?   A . n 
# 
_pdbx_entity_instance_feature.ordinal        1 
_pdbx_entity_instance_feature.comp_id        9VN 
_pdbx_entity_instance_feature.asym_id        ? 
_pdbx_entity_instance_feature.seq_num        ? 
_pdbx_entity_instance_feature.auth_comp_id   9VN 
_pdbx_entity_instance_feature.auth_asym_id   ? 
_pdbx_entity_instance_feature.auth_seq_num   ? 
_pdbx_entity_instance_feature.feature_type   'SUBJECT OF INVESTIGATION' 
_pdbx_entity_instance_feature.details        ? 
# 
loop_
_pdbx_nonpoly_scheme.asym_id 
_pdbx_nonpoly_scheme.entity_id 
_pdbx_nonpoly_scheme.mon_id 
_pdbx_nonpoly_scheme.ndb_seq_num 
_pdbx_nonpoly_scheme.pdb_seq_num 
_pdbx_nonpoly_scheme.auth_seq_num 
_pdbx_nonpoly_scheme.pdb_mon_id 
_pdbx_nonpoly_scheme.auth_mon_id 
_pdbx_nonpoly_scheme.pdb_strand_id 
_pdbx_nonpoly_scheme.pdb_ins_code 
B 2 MG  1  301 1  MG  MG  A . 
C 2 MG  1  302 4  MG  MG  A . 
D 2 MG  1  303 5  MG  MG  A . 
E 2 MG  1  304 6  MG  MG  A . 
F 3 9VN 1  305 1  9VN 43S A . 
G 4 SO4 1  306 1  SO4 SO4 A . 
H 4 SO4 1  307 2  SO4 SO4 A . 
I 5 HOH 1  401 63 HOH HOH A . 
I 5 HOH 2  402 22 HOH HOH A . 
I 5 HOH 3  403 20 HOH HOH A . 
I 5 HOH 4  404 8  HOH HOH A . 
I 5 HOH 5  405 7  HOH HOH A . 
I 5 HOH 6  406 28 HOH HOH A . 
I 5 HOH 7  407 17 HOH HOH A . 
I 5 HOH 8  408 35 HOH HOH A . 
I 5 HOH 9  409 25 HOH HOH A . 
I 5 HOH 10 410 23 HOH HOH A . 
I 5 HOH 11 411 66 HOH HOH A . 
I 5 HOH 12 412 9  HOH HOH A . 
I 5 HOH 13 413 3  HOH HOH A . 
I 5 HOH 14 414 5  HOH HOH A . 
I 5 HOH 15 415 4  HOH HOH A . 
I 5 HOH 16 416 57 HOH HOH A . 
I 5 HOH 17 417 2  HOH HOH A . 
I 5 HOH 18 418 49 HOH HOH A . 
I 5 HOH 19 419 16 HOH HOH A . 
I 5 HOH 20 420 41 HOH HOH A . 
I 5 HOH 21 421 33 HOH HOH A . 
I 5 HOH 22 422 68 HOH HOH A . 
I 5 HOH 23 423 32 HOH HOH A . 
I 5 HOH 24 424 21 HOH HOH A . 
I 5 HOH 25 425 1  HOH HOH A . 
I 5 HOH 26 426 55 HOH HOH A . 
I 5 HOH 27 427 73 HOH HOH A . 
I 5 HOH 28 428 24 HOH HOH A . 
I 5 HOH 29 429 13 HOH HOH A . 
I 5 HOH 30 430 37 HOH HOH A . 
I 5 HOH 31 431 50 HOH HOH A . 
I 5 HOH 32 432 30 HOH HOH A . 
I 5 HOH 33 433 18 HOH HOH A . 
I 5 HOH 34 434 64 HOH HOH A . 
I 5 HOH 35 435 42 HOH HOH A . 
I 5 HOH 36 436 6  HOH HOH A . 
I 5 HOH 37 437 69 HOH HOH A . 
I 5 HOH 38 438 11 HOH HOH A . 
I 5 HOH 39 439 29 HOH HOH A . 
I 5 HOH 40 440 12 HOH HOH A . 
I 5 HOH 41 441 10 HOH HOH A . 
I 5 HOH 42 442 39 HOH HOH A . 
I 5 HOH 43 443 38 HOH HOH A . 
I 5 HOH 44 444 53 HOH HOH A . 
I 5 HOH 45 445 14 HOH HOH A . 
I 5 HOH 46 446 70 HOH HOH A . 
I 5 HOH 47 447 40 HOH HOH A . 
I 5 HOH 48 448 27 HOH HOH A . 
I 5 HOH 49 449 26 HOH HOH A . 
I 5 HOH 50 450 34 HOH HOH A . 
I 5 HOH 51 451 65 HOH HOH A . 
I 5 HOH 52 452 45 HOH HOH A . 
I 5 HOH 53 453 61 HOH HOH A . 
I 5 HOH 54 454 48 HOH HOH A . 
I 5 HOH 55 455 47 HOH HOH A . 
I 5 HOH 56 456 71 HOH HOH A . 
I 5 HOH 57 457 19 HOH HOH A . 
I 5 HOH 58 458 36 HOH HOH A . 
I 5 HOH 59 459 44 HOH HOH A . 
I 5 HOH 60 460 46 HOH HOH A . 
I 5 HOH 61 461 56 HOH HOH A . 
I 5 HOH 62 462 43 HOH HOH A . 
I 5 HOH 63 463 59 HOH HOH A . 
I 5 HOH 64 464 15 HOH HOH A . 
I 5 HOH 65 465 60 HOH HOH A . 
I 5 HOH 66 466 31 HOH HOH A . 
I 5 HOH 67 467 58 HOH HOH A . 
I 5 HOH 68 468 74 HOH HOH A . 
I 5 HOH 69 469 62 HOH HOH A . 
I 5 HOH 70 470 54 HOH HOH A . 
I 5 HOH 71 471 52 HOH HOH A . 
I 5 HOH 72 472 51 HOH HOH A . 
I 5 HOH 73 473 72 HOH HOH A . 
# 
loop_
_pdbx_unobs_or_zero_occ_atoms.id 
_pdbx_unobs_or_zero_occ_atoms.PDB_model_num 
_pdbx_unobs_or_zero_occ_atoms.polymer_flag 
_pdbx_unobs_or_zero_occ_atoms.occupancy_flag 
_pdbx_unobs_or_zero_occ_atoms.auth_asym_id 
_pdbx_unobs_or_zero_occ_atoms.auth_comp_id 
_pdbx_unobs_or_zero_occ_atoms.auth_seq_id 
_pdbx_unobs_or_zero_occ_atoms.PDB_ins_code 
_pdbx_unobs_or_zero_occ_atoms.auth_atom_id 
_pdbx_unobs_or_zero_occ_atoms.label_alt_id 
_pdbx_unobs_or_zero_occ_atoms.label_asym_id 
_pdbx_unobs_or_zero_occ_atoms.label_comp_id 
_pdbx_unobs_or_zero_occ_atoms.label_seq_id 
_pdbx_unobs_or_zero_occ_atoms.label_atom_id 
1 1 Y 1 A LYS 156 ? CG ? A LYS 126 CG 
2 1 Y 1 A LYS 156 ? CD ? A LYS 126 CD 
3 1 Y 1 A LYS 156 ? CE ? A LYS 126 CE 
4 1 Y 1 A LYS 156 ? NZ ? A LYS 126 NZ 
5 1 Y 1 A LYS 188 ? CD ? A LYS 158 CD 
6 1 Y 1 A LYS 188 ? CE ? A LYS 158 CE 
7 1 Y 1 A LYS 188 ? NZ ? A LYS 158 NZ 
# 
loop_
_software.citation_id 
_software.classification 
_software.compiler_name 
_software.compiler_version 
_software.contact_author 
_software.contact_author_email 
_software.date 
_software.description 
_software.dependencies 
_software.hardware 
_software.language 
_software.location 
_software.mods 
_software.name 
_software.os 
_software.os_version 
_software.type 
_software.version 
_software.pdbx_ordinal 
? refinement       ? ? ? ? ? ? ? ? ? ? ? REFMAC ? ? ? 5.8.0135 1 
? 'data reduction' ? ? ? ? ? ? ? ? ? ? ? XDS    ? ? ? .        2 
? 'data scaling'   ? ? ? ? ? ? ? ? ? ? ? XDS    ? ? ? .        3 
? phasing          ? ? ? ? ? ? ? ? ? ? ? MOLREP ? ? ? .        4 
# 
_cell.angle_alpha                  90.00 
_cell.angle_alpha_esd              ? 
_cell.angle_beta                   90.00 
_cell.angle_beta_esd               ? 
_cell.angle_gamma                  120.00 
_cell.angle_gamma_esd              ? 
_cell.entry_id                     5OI2 
_cell.details                      ? 
_cell.formula_units_Z              ? 
_cell.length_a                     72.194 
_cell.length_a_esd                 ? 
_cell.length_b                     72.194 
_cell.length_b_esd                 ? 
_cell.length_c                     65.935 
_cell.length_c_esd                 ? 
_cell.volume                       ? 
_cell.volume_esd                   ? 
_cell.Z_PDB                        6 
_cell.reciprocal_angle_alpha       ? 
_cell.reciprocal_angle_beta        ? 
_cell.reciprocal_angle_gamma       ? 
_cell.reciprocal_angle_alpha_esd   ? 
_cell.reciprocal_angle_beta_esd    ? 
_cell.reciprocal_angle_gamma_esd   ? 
_cell.reciprocal_length_a          ? 
_cell.reciprocal_length_b          ? 
_cell.reciprocal_length_c          ? 
_cell.reciprocal_length_a_esd      ? 
_cell.reciprocal_length_b_esd      ? 
_cell.reciprocal_length_c_esd      ? 
_cell.pdbx_unique_axis             ? 
# 
_symmetry.entry_id                         5OI2 
_symmetry.cell_setting                     ? 
_symmetry.Int_Tables_number                152 
_symmetry.space_group_name_Hall            ? 
_symmetry.space_group_name_H-M             'P 31 2 1' 
_symmetry.pdbx_full_space_group_name_H-M   ? 
# 
_exptl.absorpt_coefficient_mu     ? 
_exptl.absorpt_correction_T_max   ? 
_exptl.absorpt_correction_T_min   ? 
_exptl.absorpt_correction_type    ? 
_exptl.absorpt_process_details    ? 
_exptl.entry_id                   5OI2 
_exptl.crystals_number            1 
_exptl.details                    ? 
_exptl.method                     'X-RAY DIFFRACTION' 
_exptl.method_details             ? 
# 
_exptl_crystal.colour                      ? 
_exptl_crystal.density_diffrn              ? 
_exptl_crystal.density_Matthews            3.36 
_exptl_crystal.density_method              ? 
_exptl_crystal.density_percent_sol         63.37 
_exptl_crystal.description                 ? 
_exptl_crystal.F_000                       ? 
_exptl_crystal.id                          1 
_exptl_crystal.preparation                 ? 
_exptl_crystal.size_max                    ? 
_exptl_crystal.size_mid                    ? 
_exptl_crystal.size_min                    ? 
_exptl_crystal.size_rad                    ? 
_exptl_crystal.colour_lustre               ? 
_exptl_crystal.colour_modifier             ? 
_exptl_crystal.colour_primary              ? 
_exptl_crystal.density_meas                ? 
_exptl_crystal.density_meas_esd            ? 
_exptl_crystal.density_meas_gt             ? 
_exptl_crystal.density_meas_lt             ? 
_exptl_crystal.density_meas_temp           ? 
_exptl_crystal.density_meas_temp_esd       ? 
_exptl_crystal.density_meas_temp_gt        ? 
_exptl_crystal.density_meas_temp_lt        ? 
_exptl_crystal.pdbx_crystal_image_url      ? 
_exptl_crystal.pdbx_crystal_image_format   ? 
_exptl_crystal.pdbx_mosaicity              ? 
_exptl_crystal.pdbx_mosaicity_esd          ? 
# 
_exptl_crystal_grow.apparatus       ? 
_exptl_crystal_grow.atmosphere      ? 
_exptl_crystal_grow.crystal_id      1 
_exptl_crystal_grow.details         ? 
_exptl_crystal_grow.method          'VAPOR DIFFUSION, HANGING DROP' 
_exptl_crystal_grow.method_ref      ? 
_exptl_crystal_grow.pH              6.5 
_exptl_crystal_grow.pressure        ? 
_exptl_crystal_grow.pressure_esd    ? 
_exptl_crystal_grow.seeding         ? 
_exptl_crystal_grow.seeding_ref     ? 
_exptl_crystal_grow.temp            297 
_exptl_crystal_grow.temp_details    ? 
_exptl_crystal_grow.temp_esd        ? 
_exptl_crystal_grow.time            ? 
_exptl_crystal_grow.pdbx_details    'Ammonium sulfate, cacodylate' 
_exptl_crystal_grow.pdbx_pH_range   ? 
# 
_diffrn.ambient_environment    ? 
_diffrn.ambient_temp           100 
_diffrn.ambient_temp_details   ? 
_diffrn.ambient_temp_esd       ? 
_diffrn.crystal_id             1 
_diffrn.crystal_support        ? 
_diffrn.crystal_treatment      ? 
_diffrn.details                ? 
_diffrn.id                     1 
_diffrn.ambient_pressure       ? 
_diffrn.ambient_pressure_esd   ? 
_diffrn.ambient_pressure_gt    ? 
_diffrn.ambient_pressure_lt    ? 
_diffrn.ambient_temp_gt        ? 
_diffrn.ambient_temp_lt        ? 
# 
_diffrn_detector.details                      ? 
_diffrn_detector.detector                     PIXEL 
_diffrn_detector.diffrn_id                    1 
_diffrn_detector.type                         'DECTRIS PILATUS 2M' 
_diffrn_detector.area_resol_mean              ? 
_diffrn_detector.dtime                        ? 
_diffrn_detector.pdbx_frames_total            ? 
_diffrn_detector.pdbx_collection_time_total   ? 
_diffrn_detector.pdbx_collection_date         2014-12-10 
# 
_diffrn_radiation.collimation                      ? 
_diffrn_radiation.diffrn_id                        1 
_diffrn_radiation.filter_edge                      ? 
_diffrn_radiation.inhomogeneity                    ? 
_diffrn_radiation.monochromator                    ? 
_diffrn_radiation.polarisn_norm                    ? 
_diffrn_radiation.polarisn_ratio                   ? 
_diffrn_radiation.probe                            ? 
_diffrn_radiation.type                             ? 
_diffrn_radiation.xray_symbol                      ? 
_diffrn_radiation.wavelength_id                    1 
_diffrn_radiation.pdbx_monochromatic_or_laue_m_l   M 
_diffrn_radiation.pdbx_wavelength_list             ? 
_diffrn_radiation.pdbx_wavelength                  ? 
_diffrn_radiation.pdbx_diffrn_protocol             'SINGLE WAVELENGTH' 
_diffrn_radiation.pdbx_analyzer                    ? 
_diffrn_radiation.pdbx_scattering_type             x-ray 
# 
_diffrn_radiation_wavelength.id           1 
_diffrn_radiation_wavelength.wavelength   1.0 
_diffrn_radiation_wavelength.wt           1.0 
# 
_diffrn_source.current                     ? 
_diffrn_source.details                     ? 
_diffrn_source.diffrn_id                   1 
_diffrn_source.power                       ? 
_diffrn_source.size                        ? 
_diffrn_source.source                      SYNCHROTRON 
_diffrn_source.target                      ? 
_diffrn_source.type                        'SLS BEAMLINE X06DA' 
_diffrn_source.voltage                     ? 
_diffrn_source.take-off_angle              ? 
_diffrn_source.pdbx_wavelength_list        1.0 
_diffrn_source.pdbx_wavelength             ? 
_diffrn_source.pdbx_synchrotron_beamline   X06DA 
_diffrn_source.pdbx_synchrotron_site       SLS 
# 
_reflns.B_iso_Wilson_estimate            ? 
_reflns.entry_id                         5OI2 
_reflns.data_reduction_details           ? 
_reflns.data_reduction_method            ? 
_reflns.d_resolution_high                2.2 
_reflns.d_resolution_low                 45.37 
_reflns.details                          ? 
_reflns.limit_h_max                      ? 
_reflns.limit_h_min                      ? 
_reflns.limit_k_max                      ? 
_reflns.limit_k_min                      ? 
_reflns.limit_l_max                      ? 
_reflns.limit_l_min                      ? 
_reflns.number_all                       ? 
_reflns.number_obs                       19478 
_reflns.observed_criterion               ? 
_reflns.observed_criterion_F_max         ? 
_reflns.observed_criterion_F_min         ? 
_reflns.observed_criterion_I_max         ? 
_reflns.observed_criterion_I_min         ? 
_reflns.observed_criterion_sigma_F       ? 
_reflns.observed_criterion_sigma_I       ? 
_reflns.percent_possible_obs             99.6 
_reflns.R_free_details                   ? 
_reflns.Rmerge_F_all                     ? 
_reflns.Rmerge_F_obs                     ? 
_reflns.Friedel_coverage                 ? 
_reflns.number_gt                        ? 
_reflns.threshold_expression             ? 
_reflns.pdbx_redundancy                  5.2 
_reflns.pdbx_Rmerge_I_obs                ? 
_reflns.pdbx_Rmerge_I_all                ? 
_reflns.pdbx_Rsym_value                  ? 
_reflns.pdbx_netI_over_av_sigmaI         ? 
_reflns.pdbx_netI_over_sigmaI            19.5 
_reflns.pdbx_res_netI_over_av_sigmaI_2   ? 
_reflns.pdbx_res_netI_over_sigmaI_2      ? 
_reflns.pdbx_chi_squared                 ? 
_reflns.pdbx_scaling_rejects             ? 
_reflns.pdbx_d_res_high_opt              ? 
_reflns.pdbx_d_res_low_opt               ? 
_reflns.pdbx_d_res_opt_method            ? 
_reflns.phase_calculation_details        ? 
_reflns.pdbx_Rrim_I_all                  ? 
_reflns.pdbx_Rpim_I_all                  ? 
_reflns.pdbx_d_opt                       ? 
_reflns.pdbx_number_measured_all         ? 
_reflns.pdbx_diffrn_id                   1 
_reflns.pdbx_ordinal                     1 
_reflns.pdbx_CC_half                     ? 
_reflns.pdbx_R_split                     ? 
# 
_refine.aniso_B[1][1]                            0.51 
_refine.aniso_B[1][2]                            0.25 
_refine.aniso_B[1][3]                            0.00 
_refine.aniso_B[2][2]                            0.51 
_refine.aniso_B[2][3]                            -0.00 
_refine.aniso_B[3][3]                            -1.64 
_refine.B_iso_max                                ? 
_refine.B_iso_mean                               48.718 
_refine.B_iso_min                                ? 
_refine.correlation_coeff_Fo_to_Fc               0.966 
_refine.correlation_coeff_Fo_to_Fc_free          0.951 
_refine.details                                  'HYDROGENS HAVE BEEN ADDED IN THE RIDING POSITIONS' 
_refine.diff_density_max                         ? 
_refine.diff_density_max_esd                     ? 
_refine.diff_density_min                         ? 
_refine.diff_density_min_esd                     ? 
_refine.diff_density_rms                         ? 
_refine.diff_density_rms_esd                     ? 
_refine.entry_id                                 5OI2 
_refine.pdbx_refine_id                           'X-RAY DIFFRACTION' 
_refine.ls_abs_structure_details                 ? 
_refine.ls_abs_structure_Flack                   ? 
_refine.ls_abs_structure_Flack_esd               ? 
_refine.ls_abs_structure_Rogers                  ? 
_refine.ls_abs_structure_Rogers_esd              ? 
_refine.ls_d_res_high                            2.20 
_refine.ls_d_res_low                             45.37 
_refine.ls_extinction_coef                       ? 
_refine.ls_extinction_coef_esd                   ? 
_refine.ls_extinction_expression                 ? 
_refine.ls_extinction_method                     ? 
_refine.ls_goodness_of_fit_all                   ? 
_refine.ls_goodness_of_fit_all_esd               ? 
_refine.ls_goodness_of_fit_obs                   ? 
_refine.ls_goodness_of_fit_obs_esd               ? 
_refine.ls_hydrogen_treatment                    ? 
_refine.ls_matrix_type                           ? 
_refine.ls_number_constraints                    ? 
_refine.ls_number_parameters                     ? 
_refine.ls_number_reflns_all                     ? 
_refine.ls_number_reflns_obs                     9882 
_refine.ls_number_reflns_R_free                  520 
_refine.ls_number_reflns_R_work                  ? 
_refine.ls_number_restraints                     ? 
_refine.ls_percent_reflns_obs                    99.72 
_refine.ls_percent_reflns_R_free                 5.0 
_refine.ls_R_factor_all                          ? 
_refine.ls_R_factor_obs                          0.17650 
_refine.ls_R_factor_R_free                       0.21999 
_refine.ls_R_factor_R_free_error                 ? 
_refine.ls_R_factor_R_free_error_details         ? 
_refine.ls_R_factor_R_work                       0.17412 
_refine.ls_R_Fsqd_factor_obs                     ? 
_refine.ls_R_I_factor_obs                        ? 
_refine.ls_redundancy_reflns_all                 ? 
_refine.ls_redundancy_reflns_obs                 ? 
_refine.ls_restrained_S_all                      ? 
_refine.ls_restrained_S_obs                      ? 
_refine.ls_shift_over_esd_max                    ? 
_refine.ls_shift_over_esd_mean                   ? 
_refine.ls_structure_factor_coef                 ? 
_refine.ls_weighting_details                     ? 
_refine.ls_weighting_scheme                      ? 
_refine.ls_wR_factor_all                         ? 
_refine.ls_wR_factor_obs                         ? 
_refine.ls_wR_factor_R_free                      ? 
_refine.ls_wR_factor_R_work                      ? 
_refine.occupancy_max                            ? 
_refine.occupancy_min                            ? 
_refine.solvent_model_details                    MASK 
_refine.solvent_model_param_bsol                 ? 
_refine.solvent_model_param_ksol                 ? 
_refine.ls_R_factor_gt                           ? 
_refine.ls_goodness_of_fit_gt                    ? 
_refine.ls_goodness_of_fit_ref                   ? 
_refine.ls_shift_over_su_max                     ? 
_refine.ls_shift_over_su_max_lt                  ? 
_refine.ls_shift_over_su_mean                    ? 
_refine.ls_shift_over_su_mean_lt                 ? 
_refine.pdbx_ls_sigma_I                          ? 
_refine.pdbx_ls_sigma_F                          ? 
_refine.pdbx_ls_sigma_Fsqd                       ? 
_refine.pdbx_data_cutoff_high_absF               ? 
_refine.pdbx_data_cutoff_high_rms_absF           ? 
_refine.pdbx_data_cutoff_low_absF                ? 
_refine.pdbx_isotropic_thermal_model             ? 
_refine.pdbx_ls_cross_valid_method               THROUGHOUT 
_refine.pdbx_method_to_determine_struct          'MOLECULAR REPLACEMENT' 
_refine.pdbx_starting_model                      4LH4 
_refine.pdbx_stereochemistry_target_values       'MAXIMUM LIKELIHOOD' 
_refine.pdbx_R_Free_selection_details            RANDOM 
_refine.pdbx_stereochem_target_val_spec_case     ? 
_refine.pdbx_overall_ESU_R                       0.180 
_refine.pdbx_overall_ESU_R_Free                  0.167 
_refine.pdbx_solvent_vdw_probe_radii             1.20 
_refine.pdbx_solvent_ion_probe_radii             0.80 
_refine.pdbx_solvent_shrinkage_radii             0.80 
_refine.pdbx_real_space_R                        ? 
_refine.pdbx_density_correlation                 ? 
_refine.pdbx_pd_number_of_powder_patterns        ? 
_refine.pdbx_pd_number_of_points                 ? 
_refine.pdbx_pd_meas_number_of_points            ? 
_refine.pdbx_pd_proc_ls_prof_R_factor            ? 
_refine.pdbx_pd_proc_ls_prof_wR_factor           ? 
_refine.pdbx_pd_Marquardt_correlation_coeff      ? 
_refine.pdbx_pd_Fsqrd_R_factor                   ? 
_refine.pdbx_pd_ls_matrix_band_width             ? 
_refine.pdbx_overall_phase_error                 ? 
_refine.pdbx_overall_SU_R_free_Cruickshank_DPI   ? 
_refine.pdbx_overall_SU_R_free_Blow_DPI          ? 
_refine.pdbx_overall_SU_R_Blow_DPI               ? 
_refine.pdbx_TLS_residual_ADP_flag               ? 
_refine.pdbx_diffrn_id                           1 
_refine.overall_SU_B                             5.173 
_refine.overall_SU_ML                            0.127 
_refine.overall_SU_R_Cruickshank_DPI             ? 
_refine.overall_SU_R_free                        ? 
_refine.overall_FOM_free_R_set                   ? 
_refine.overall_FOM_work_R_set                   ? 
_refine.pdbx_average_fsc_overall                 ? 
_refine.pdbx_average_fsc_work                    ? 
_refine.pdbx_average_fsc_free                    ? 
# 
_refine_hist.pdbx_refine_id                   'X-RAY DIFFRACTION' 
_refine_hist.cycle_id                         1 
_refine_hist.pdbx_number_atoms_protein        1023 
_refine_hist.pdbx_number_atoms_nucleic_acid   0 
_refine_hist.pdbx_number_atoms_ligand         43 
_refine_hist.number_atoms_solvent             73 
_refine_hist.number_atoms_total               1139 
_refine_hist.d_res_high                       2.20 
_refine_hist.d_res_low                        45.37 
# 
loop_
_refine_ls_restr.pdbx_refine_id 
_refine_ls_restr.criterion 
_refine_ls_restr.dev_ideal 
_refine_ls_restr.dev_ideal_target 
_refine_ls_restr.number 
_refine_ls_restr.rejects 
_refine_ls_restr.type 
_refine_ls_restr.weight 
_refine_ls_restr.pdbx_restraint_function 
'X-RAY DIFFRACTION' ? 0.018  0.019  1081 ? r_bond_refined_d             ? ? 
'X-RAY DIFFRACTION' ? 0.003  0.020  1057 ? r_bond_other_d               ? ? 
'X-RAY DIFFRACTION' ? 2.098  1.978  1470 ? r_angle_refined_deg          ? ? 
'X-RAY DIFFRACTION' ? 1.022  3.000  2414 ? r_angle_other_deg            ? ? 
'X-RAY DIFFRACTION' ? 5.970  5.000  128  ? r_dihedral_angle_1_deg       ? ? 
'X-RAY DIFFRACTION' ? 30.881 24.524 42   ? r_dihedral_angle_2_deg       ? ? 
'X-RAY DIFFRACTION' ? 18.951 15.000 178  ? r_dihedral_angle_3_deg       ? ? 
'X-RAY DIFFRACTION' ? 24.369 15.000 4    ? r_dihedral_angle_4_deg       ? ? 
'X-RAY DIFFRACTION' ? 0.141  0.200  171  ? r_chiral_restr               ? ? 
'X-RAY DIFFRACTION' ? 0.008  0.020  1173 ? r_gen_planes_refined         ? ? 
'X-RAY DIFFRACTION' ? 0.002  0.020  238  ? r_gen_planes_other           ? ? 
'X-RAY DIFFRACTION' ? ?      ?      ?    ? r_nbd_refined                ? ? 
'X-RAY DIFFRACTION' ? ?      ?      ?    ? r_nbd_other                  ? ? 
'X-RAY DIFFRACTION' ? ?      ?      ?    ? r_nbtor_refined              ? ? 
'X-RAY DIFFRACTION' ? ?      ?      ?    ? r_nbtor_other                ? ? 
'X-RAY DIFFRACTION' ? ?      ?      ?    ? r_xyhbond_nbd_refined        ? ? 
'X-RAY DIFFRACTION' ? ?      ?      ?    ? r_xyhbond_nbd_other          ? ? 
'X-RAY DIFFRACTION' ? ?      ?      ?    ? r_metal_ion_refined          ? ? 
'X-RAY DIFFRACTION' ? ?      ?      ?    ? r_metal_ion_other            ? ? 
'X-RAY DIFFRACTION' ? ?      ?      ?    ? r_symmetry_vdw_refined       ? ? 
'X-RAY DIFFRACTION' ? ?      ?      ?    ? r_symmetry_vdw_other         ? ? 
'X-RAY DIFFRACTION' ? ?      ?      ?    ? r_symmetry_hbond_refined     ? ? 
'X-RAY DIFFRACTION' ? ?      ?      ?    ? r_symmetry_hbond_other       ? ? 
'X-RAY DIFFRACTION' ? ?      ?      ?    ? r_symmetry_metal_ion_refined ? ? 
'X-RAY DIFFRACTION' ? ?      ?      ?    ? r_symmetry_metal_ion_other   ? ? 
'X-RAY DIFFRACTION' ? 3.973  4.368  521  ? r_mcbond_it                  ? ? 
'X-RAY DIFFRACTION' ? 3.952  4.363  520  ? r_mcbond_other               ? ? 
'X-RAY DIFFRACTION' ? 5.451  6.502  646  ? r_mcangle_it                 ? ? 
'X-RAY DIFFRACTION' ? 5.454  6.510  647  ? r_mcangle_other              ? ? 
'X-RAY DIFFRACTION' ? 6.114  5.153  560  ? r_scbond_it                  ? ? 
'X-RAY DIFFRACTION' ? 6.026  5.116  553  ? r_scbond_other               ? ? 
'X-RAY DIFFRACTION' ? ?      ?      ?    ? r_scangle_it                 ? ? 
'X-RAY DIFFRACTION' ? 9.045  7.361  813  ? r_scangle_other              ? ? 
'X-RAY DIFFRACTION' ? 11.385 37.204 1264 ? r_long_range_B_refined       ? ? 
'X-RAY DIFFRACTION' ? 11.387 36.663 1235 ? r_long_range_B_other         ? ? 
'X-RAY DIFFRACTION' ? ?      ?      ?    ? r_rigid_bond_restr           ? ? 
'X-RAY DIFFRACTION' ? ?      ?      ?    ? r_sphericity_free            ? ? 
'X-RAY DIFFRACTION' ? ?      ?      ?    ? r_sphericity_bonded          ? ? 
# 
_refine_ls_shell.pdbx_refine_id                   'X-RAY DIFFRACTION' 
_refine_ls_shell.d_res_high                       2.200 
_refine_ls_shell.d_res_low                        2.257 
_refine_ls_shell.number_reflns_all                ? 
_refine_ls_shell.number_reflns_obs                ? 
_refine_ls_shell.number_reflns_R_free             36 
_refine_ls_shell.number_reflns_R_work             690 
_refine_ls_shell.percent_reflns_obs               96.41 
_refine_ls_shell.percent_reflns_R_free            ? 
_refine_ls_shell.R_factor_all                     ? 
_refine_ls_shell.R_factor_obs                     ? 
_refine_ls_shell.R_factor_R_free                  0.346 
_refine_ls_shell.R_factor_R_free_error            ? 
_refine_ls_shell.R_factor_R_work                  0.300 
_refine_ls_shell.redundancy_reflns_all            ? 
_refine_ls_shell.redundancy_reflns_obs            ? 
_refine_ls_shell.wR_factor_all                    ? 
_refine_ls_shell.wR_factor_obs                    ? 
_refine_ls_shell.wR_factor_R_free                 ? 
_refine_ls_shell.wR_factor_R_work                 ? 
_refine_ls_shell.pdbx_total_number_of_bins_used   20 
_refine_ls_shell.pdbx_phase_error                 ? 
_refine_ls_shell.pdbx_fsc_work                    ? 
_refine_ls_shell.pdbx_fsc_free                    ? 
# 
_struct.entry_id                     5OI2 
_struct.title                        
;Dissociation of biochemical and antiretroviral activities of Integrase-LEDGF Allosteric Inhibitors revealed by resistance of A125 polymorphic HIV-1
;
_struct.pdbx_model_details           ? 
_struct.pdbx_formula_weight          ? 
_struct.pdbx_formula_weight_method   ? 
_struct.pdbx_model_type_details      ? 
_struct.pdbx_CASP_flag               N 
# 
_struct_keywords.entry_id        5OI2 
_struct_keywords.text            'HIV-1, Integrase, Catalytic core domain, VIRAL PROTEIN' 
_struct_keywords.pdbx_keywords   'VIRAL PROTEIN' 
# 
loop_
_struct_asym.id 
_struct_asym.pdbx_blank_PDB_chainid_flag 
_struct_asym.pdbx_modified 
_struct_asym.entity_id 
_struct_asym.details 
A N N 1 ? 
B N N 2 ? 
C N N 2 ? 
D N N 2 ? 
E N N 2 ? 
F N N 3 ? 
G N N 4 ? 
H N N 4 ? 
I N N 5 ? 
# 
_struct_ref.id                         1 
_struct_ref.db_name                    UNP 
_struct_ref.db_code                    A0A0U2K7W4_9HIV1 
_struct_ref.pdbx_db_accession          A0A0U2K7W4 
_struct_ref.pdbx_db_isoform            ? 
_struct_ref.entity_id                  1 
_struct_ref.pdbx_seq_one_letter_code   
;MHGQVDCSPGIWQLDCTHLEGKVILVAVHVASGYIEAEVIPAETGQETAYFLLKLAGRWPVKTVHTDNGSNFTSTTVKAA
CWWAGIKQEFGIPYNPQSQGVVESMNKELKKIIGQVRDQAEHLKTAVQMAVFIHNFKRKGGIGGYSAGERIVDIIATDIQ
TKE
;
_struct_ref.pdbx_align_begin           50 
# 
_struct_ref_seq.align_id                      1 
_struct_ref_seq.ref_id                        1 
_struct_ref_seq.pdbx_PDB_id_code              5OI2 
_struct_ref_seq.pdbx_strand_id                A 
_struct_ref_seq.seq_align_beg                 20 
_struct_ref_seq.pdbx_seq_align_beg_ins_code   ? 
_struct_ref_seq.seq_align_end                 182 
_struct_ref_seq.pdbx_seq_align_end_ins_code   ? 
_struct_ref_seq.pdbx_db_accession             A0A0U2K7W4 
_struct_ref_seq.db_align_beg                  50 
_struct_ref_seq.pdbx_db_align_beg_ins_code    ? 
_struct_ref_seq.db_align_end                  212 
_struct_ref_seq.pdbx_db_align_end_ins_code    ? 
_struct_ref_seq.pdbx_auth_seq_align_beg       50 
_struct_ref_seq.pdbx_auth_seq_align_end       212 
# 
loop_
_struct_ref_seq_dif.align_id 
_struct_ref_seq_dif.pdbx_pdb_id_code 
_struct_ref_seq_dif.mon_id 
_struct_ref_seq_dif.pdbx_pdb_strand_id 
_struct_ref_seq_dif.seq_num 
_struct_ref_seq_dif.pdbx_pdb_ins_code 
_struct_ref_seq_dif.pdbx_seq_db_name 
_struct_ref_seq_dif.pdbx_seq_db_accession_code 
_struct_ref_seq_dif.db_mon_id 
_struct_ref_seq_dif.pdbx_seq_db_seq_num 
_struct_ref_seq_dif.details 
_struct_ref_seq_dif.pdbx_auth_seq_num 
_struct_ref_seq_dif.pdbx_ordinal 
1 5OI2 MET A 1   ? UNP A0A0U2K7W4 ?   ?   'initiating methionine' 31  1  
1 5OI2 GLY A 2   ? UNP A0A0U2K7W4 ?   ?   'expression tag'        32  2  
1 5OI2 SER A 3   ? UNP A0A0U2K7W4 ?   ?   'expression tag'        33  3  
1 5OI2 SER A 4   ? UNP A0A0U2K7W4 ?   ?   'expression tag'        34  4  
1 5OI2 HIS A 5   ? UNP A0A0U2K7W4 ?   ?   'expression tag'        35  5  
1 5OI2 HIS A 6   ? UNP A0A0U2K7W4 ?   ?   'expression tag'        36  6  
1 5OI2 HIS A 7   ? UNP A0A0U2K7W4 ?   ?   'expression tag'        37  7  
1 5OI2 HIS A 8   ? UNP A0A0U2K7W4 ?   ?   'expression tag'        38  8  
1 5OI2 HIS A 9   ? UNP A0A0U2K7W4 ?   ?   'expression tag'        39  9  
1 5OI2 HIS A 10  ? UNP A0A0U2K7W4 ?   ?   'expression tag'        40  10 
1 5OI2 SER A 11  ? UNP A0A0U2K7W4 ?   ?   'expression tag'        41  11 
1 5OI2 SER A 12  ? UNP A0A0U2K7W4 ?   ?   'expression tag'        42  12 
1 5OI2 GLY A 13  ? UNP A0A0U2K7W4 ?   ?   'expression tag'        43  13 
1 5OI2 LEU A 14  ? UNP A0A0U2K7W4 ?   ?   'expression tag'        44  14 
1 5OI2 VAL A 15  ? UNP A0A0U2K7W4 ?   ?   'expression tag'        45  15 
1 5OI2 PRO A 16  ? UNP A0A0U2K7W4 ?   ?   'expression tag'        46  16 
1 5OI2 ARG A 17  ? UNP A0A0U2K7W4 ?   ?   'expression tag'        47  17 
1 5OI2 GLY A 18  ? UNP A0A0U2K7W4 ?   ?   'expression tag'        48  18 
1 5OI2 SER A 19  ? UNP A0A0U2K7W4 ?   ?   'expression tag'        49  19 
1 5OI2 LYS A 155 ? UNP A0A0U2K7W4 PHE 185 conflict                185 20 
# 
_pdbx_struct_assembly.id                   1 
_pdbx_struct_assembly.details              author_and_software_defined_assembly 
_pdbx_struct_assembly.method_details       PISA 
_pdbx_struct_assembly.oligomeric_details   dimeric 
_pdbx_struct_assembly.oligomeric_count     2 
# 
loop_
_pdbx_struct_assembly_prop.biol_id 
_pdbx_struct_assembly_prop.type 
_pdbx_struct_assembly_prop.value 
_pdbx_struct_assembly_prop.details 
1 'ABSA (A^2)' 4860  ? 
1 MORE         -142  ? 
1 'SSA (A^2)'  11200 ? 
# 
_pdbx_struct_assembly_gen.assembly_id       1 
_pdbx_struct_assembly_gen.oper_expression   1,2 
_pdbx_struct_assembly_gen.asym_id_list      A,B,C,D,E,F,G,H,I 
# 
_pdbx_struct_assembly_auth_evidence.id                     1 
_pdbx_struct_assembly_auth_evidence.assembly_id            1 
_pdbx_struct_assembly_auth_evidence.experimental_support   none 
_pdbx_struct_assembly_auth_evidence.details                ? 
# 
loop_
_pdbx_struct_oper_list.id 
_pdbx_struct_oper_list.type 
_pdbx_struct_oper_list.name 
_pdbx_struct_oper_list.symmetry_operation 
_pdbx_struct_oper_list.matrix[1][1] 
_pdbx_struct_oper_list.matrix[1][2] 
_pdbx_struct_oper_list.matrix[1][3] 
_pdbx_struct_oper_list.vector[1] 
_pdbx_struct_oper_list.matrix[2][1] 
_pdbx_struct_oper_list.matrix[2][2] 
_pdbx_struct_oper_list.matrix[2][3] 
_pdbx_struct_oper_list.vector[2] 
_pdbx_struct_oper_list.matrix[3][1] 
_pdbx_struct_oper_list.matrix[3][2] 
_pdbx_struct_oper_list.matrix[3][3] 
_pdbx_struct_oper_list.vector[3] 
1 'identity operation'         1_555 x,y,z          1.0000000000 0.0000000000 0.0000000000  0.0000000000 0.0000000000 1.0000000000  0.0000000000  0.0000000000   0.0000000000  0.0000000000  1.0000000000  0.0000000000  
2 'crystal symmetry operation' 6_554 -x,-x+y,-z-2/3 0.3778081192 0.9211170014 -0.0938322693 9.7912648495 0.9211170014 -0.3841983376 -0.0627304320 -15.1064088169 -0.0938322693 -0.0627304320 -0.9936097816 -4.5217470155 
# 
loop_
_struct_conf.conf_type_id 
_struct_conf.id 
_struct_conf.pdbx_PDB_helix_id 
_struct_conf.beg_label_comp_id 
_struct_conf.beg_label_asym_id 
_struct_conf.beg_label_seq_id 
_struct_conf.pdbx_beg_PDB_ins_code 
_struct_conf.end_label_comp_id 
_struct_conf.end_label_asym_id 
_struct_conf.end_label_seq_id 
_struct_conf.pdbx_end_PDB_ins_code 
_struct_conf.beg_auth_comp_id 
_struct_conf.beg_auth_asym_id 
_struct_conf.beg_auth_seq_id 
_struct_conf.end_auth_comp_id 
_struct_conf.end_auth_asym_id 
_struct_conf.end_auth_seq_id 
_struct_conf.pdbx_PDB_helix_class 
_struct_conf.details 
_struct_conf.pdbx_PDB_helix_length 
HELX_P HELX_P1 AA1 THR A 63  ? TRP A 78  ? THR A 93  TRP A 108 1 ? 16 
HELX_P HELX_P2 AA2 ASN A 87  ? THR A 92  ? ASN A 117 THR A 122 5 ? 6  
HELX_P HELX_P3 AA3 SER A 93  ? GLY A 104 ? SER A 123 GLY A 134 1 ? 12 
HELX_P HELX_P4 AA4 ASN A 125 ? ARG A 136 ? ASN A 155 ARG A 166 1 ? 12 
HELX_P HELX_P5 AA5 ASP A 137 ? ALA A 139 ? ASP A 167 ALA A 169 5 ? 3  
HELX_P HELX_P6 AA6 HIS A 141 ? LYS A 156 ? HIS A 171 LYS A 186 1 ? 16 
HELX_P HELX_P7 AA7 SER A 165 ? ILE A 178 ? SER A 195 ILE A 208 1 ? 14 
# 
_struct_conf_type.id          HELX_P 
_struct_conf_type.criteria    ? 
_struct_conf_type.reference   ? 
# 
loop_
_struct_conn.id 
_struct_conn.conn_type_id 
_struct_conn.pdbx_leaving_atom_flag 
_struct_conn.pdbx_PDB_id 
_struct_conn.ptnr1_label_asym_id 
_struct_conn.ptnr1_label_comp_id 
_struct_conn.ptnr1_label_seq_id 
_struct_conn.ptnr1_label_atom_id 
_struct_conn.pdbx_ptnr1_label_alt_id 
_struct_conn.pdbx_ptnr1_PDB_ins_code 
_struct_conn.pdbx_ptnr1_standard_comp_id 
_struct_conn.ptnr1_symmetry 
_struct_conn.ptnr2_label_asym_id 
_struct_conn.ptnr2_label_comp_id 
_struct_conn.ptnr2_label_seq_id 
_struct_conn.ptnr2_label_atom_id 
_struct_conn.pdbx_ptnr2_label_alt_id 
_struct_conn.pdbx_ptnr2_PDB_ins_code 
_struct_conn.ptnr1_auth_asym_id 
_struct_conn.ptnr1_auth_comp_id 
_struct_conn.ptnr1_auth_seq_id 
_struct_conn.ptnr2_auth_asym_id 
_struct_conn.ptnr2_auth_comp_id 
_struct_conn.ptnr2_auth_seq_id 
_struct_conn.ptnr2_symmetry 
_struct_conn.pdbx_ptnr3_label_atom_id 
_struct_conn.pdbx_ptnr3_label_seq_id 
_struct_conn.pdbx_ptnr3_label_comp_id 
_struct_conn.pdbx_ptnr3_label_asym_id 
_struct_conn.pdbx_ptnr3_label_alt_id 
_struct_conn.pdbx_ptnr3_PDB_ins_code 
_struct_conn.details 
_struct_conn.pdbx_dist_value 
_struct_conn.pdbx_value_order 
_struct_conn.pdbx_role 
covale1 covale both ? A ASP 34  C   ? ? ? 1_555 A CAS 35  N  ? ? A ASP 64  A CAS 65  1_555 ? ? ? ? ? ? ? 1.322 ? ? 
covale2 covale both ? A CAS 35  C   ? ? ? 1_555 A THR 36  N  ? ? A CAS 65  A THR 66  1_555 ? ? ? ? ? ? ? 1.333 ? ? 
covale3 covale both ? A ALA 99  C   ? ? ? 1_555 A CAS 100 N  ? ? A ALA 129 A CAS 130 1_555 ? ? ? ? ? ? ? 1.335 ? ? 
covale4 covale both ? A CAS 100 C   ? ? ? 1_555 A TRP 101 N  ? ? A CAS 130 A TRP 131 1_555 ? ? ? ? ? ? ? 1.325 ? ? 
metalc1 metalc ?    ? A PRO 28  O   ? ? ? 1_555 C MG  .   MG ? ? A PRO 58  A MG  302 1_555 ? ? ? ? ? ? ? 2.796 ? ? 
metalc2 metalc ?    ? A ASP 34  OD1 ? ? ? 1_555 B MG  .   MG ? ? A ASP 64  A MG  301 1_555 ? ? ? ? ? ? ? 2.749 ? ? 
metalc3 metalc ?    ? A ILE 54  O   ? ? ? 1_555 D MG  .   MG ? ? A ILE 84  A MG  303 1_555 ? ? ? ? ? ? ? 2.922 ? ? 
metalc4 metalc ?    ? A TYR 69  OH  ? ? ? 1_555 E MG  .   MG ? ? A TYR 99  A MG  304 6_554 ? ? ? ? ? ? ? 2.789 ? ? 
metalc5 metalc ?    ? A PRO 79  O   ? ? ? 1_555 C MG  .   MG ? ? A PRO 109 A MG  302 1_555 ? ? ? ? ? ? ? 2.592 ? ? 
metalc6 metalc ?    ? A GLN 147 OE1 ? ? ? 1_555 E MG  .   MG ? ? A GLN 177 A MG  304 1_555 ? ? ? ? ? ? ? 2.739 ? ? 
metalc7 metalc ?    ? D MG  .   MG  ? ? ? 1_555 I HOH .   O  ? ? A MG  303 A HOH 434 6_554 ? ? ? ? ? ? ? 2.971 ? ? 
metalc8 metalc ?    ? E MG  .   MG  ? ? ? 1_555 I HOH .   O  ? ? A MG  304 A HOH 407 6_554 ? ? ? ? ? ? ? 2.621 ? ? 
# 
loop_
_struct_conn_type.id 
_struct_conn_type.criteria 
_struct_conn_type.reference 
covale ? ? 
metalc ? ? 
# 
loop_
_pdbx_struct_conn_angle.id 
_pdbx_struct_conn_angle.ptnr1_label_atom_id 
_pdbx_struct_conn_angle.ptnr1_label_alt_id 
_pdbx_struct_conn_angle.ptnr1_label_asym_id 
_pdbx_struct_conn_angle.ptnr1_label_comp_id 
_pdbx_struct_conn_angle.ptnr1_label_seq_id 
_pdbx_struct_conn_angle.ptnr1_auth_atom_id 
_pdbx_struct_conn_angle.ptnr1_auth_asym_id 
_pdbx_struct_conn_angle.ptnr1_auth_comp_id 
_pdbx_struct_conn_angle.ptnr1_auth_seq_id 
_pdbx_struct_conn_angle.ptnr1_PDB_ins_code 
_pdbx_struct_conn_angle.ptnr1_symmetry 
_pdbx_struct_conn_angle.ptnr2_label_atom_id 
_pdbx_struct_conn_angle.ptnr2_label_alt_id 
_pdbx_struct_conn_angle.ptnr2_label_asym_id 
_pdbx_struct_conn_angle.ptnr2_label_comp_id 
_pdbx_struct_conn_angle.ptnr2_label_seq_id 
_pdbx_struct_conn_angle.ptnr2_auth_atom_id 
_pdbx_struct_conn_angle.ptnr2_auth_asym_id 
_pdbx_struct_conn_angle.ptnr2_auth_comp_id 
_pdbx_struct_conn_angle.ptnr2_auth_seq_id 
_pdbx_struct_conn_angle.ptnr2_PDB_ins_code 
_pdbx_struct_conn_angle.ptnr2_symmetry 
_pdbx_struct_conn_angle.ptnr3_label_atom_id 
_pdbx_struct_conn_angle.ptnr3_label_alt_id 
_pdbx_struct_conn_angle.ptnr3_label_asym_id 
_pdbx_struct_conn_angle.ptnr3_label_comp_id 
_pdbx_struct_conn_angle.ptnr3_label_seq_id 
_pdbx_struct_conn_angle.ptnr3_auth_atom_id 
_pdbx_struct_conn_angle.ptnr3_auth_asym_id 
_pdbx_struct_conn_angle.ptnr3_auth_comp_id 
_pdbx_struct_conn_angle.ptnr3_auth_seq_id 
_pdbx_struct_conn_angle.ptnr3_PDB_ins_code 
_pdbx_struct_conn_angle.ptnr3_symmetry 
_pdbx_struct_conn_angle.value 
_pdbx_struct_conn_angle.value_esd 
1 O   ? A PRO 28  ? A PRO 58  ? 1_555 MG ? C MG . ? A MG 302 ? 1_555 O   ? A PRO 79  ? A PRO 109 ? 1_555 111.8 ? 
2 O   ? A ILE 54  ? A ILE 84  ? 1_555 MG ? D MG . ? A MG 303 ? 1_555 O   ? I HOH .   ? A HOH 434 ? 6_554 132.5 ? 
3 OH  ? A TYR 69  ? A TYR 99  ? 1_555 MG ? E MG . ? A MG 304 ? 6_554 OE1 ? A GLN 147 ? A GLN 177 ? 1_555 53.7  ? 
4 OH  ? A TYR 69  ? A TYR 99  ? 1_555 MG ? E MG . ? A MG 304 ? 6_554 O   ? I HOH .   ? A HOH 407 ? 6_554 46.3  ? 
5 OE1 ? A GLN 147 ? A GLN 177 ? 1_555 MG ? E MG . ? A MG 304 ? 6_554 O   ? I HOH .   ? A HOH 407 ? 6_554 15.8  ? 
# 
loop_
_pdbx_modification_feature.ordinal 
_pdbx_modification_feature.label_comp_id 
_pdbx_modification_feature.label_asym_id 
_pdbx_modification_feature.label_seq_id 
_pdbx_modification_feature.label_alt_id 
_pdbx_modification_feature.modified_residue_label_comp_id 
_pdbx_modification_feature.modified_residue_label_asym_id 
_pdbx_modification_feature.modified_residue_label_seq_id 
_pdbx_modification_feature.modified_residue_label_alt_id 
_pdbx_modification_feature.auth_comp_id 
_pdbx_modification_feature.auth_asym_id 
_pdbx_modification_feature.auth_seq_id 
_pdbx_modification_feature.PDB_ins_code 
_pdbx_modification_feature.symmetry 
_pdbx_modification_feature.modified_residue_auth_comp_id 
_pdbx_modification_feature.modified_residue_auth_asym_id 
_pdbx_modification_feature.modified_residue_auth_seq_id 
_pdbx_modification_feature.modified_residue_PDB_ins_code 
_pdbx_modification_feature.modified_residue_symmetry 
_pdbx_modification_feature.comp_id_linking_atom 
_pdbx_modification_feature.modified_residue_id_linking_atom 
_pdbx_modification_feature.modified_residue_id 
_pdbx_modification_feature.ref_pcm_id 
_pdbx_modification_feature.ref_comp_id 
_pdbx_modification_feature.type 
_pdbx_modification_feature.category 
1 CAS A 35  ? . . . . CAS A 65  ? 1_555 . . . . . . . CYS 1 CAS None 'Non-standard residue' 
2 CAS A 100 ? . . . . CAS A 130 ? 1_555 . . . . . . . CYS 1 CAS None 'Non-standard residue' 
# 
_struct_sheet.id               AA1 
_struct_sheet.type             ? 
_struct_sheet.number_strands   4 
_struct_sheet.details          ? 
# 
loop_
_struct_sheet_order.sheet_id 
_struct_sheet_order.range_id_1 
_struct_sheet_order.range_id_2 
_struct_sheet_order.offset 
_struct_sheet_order.sense 
AA1 1 2 ? anti-parallel 
AA1 2 3 ? anti-parallel 
AA1 3 4 ? parallel      
# 
loop_
_struct_sheet_range.sheet_id 
_struct_sheet_range.id 
_struct_sheet_range.beg_label_comp_id 
_struct_sheet_range.beg_label_asym_id 
_struct_sheet_range.beg_label_seq_id 
_struct_sheet_range.pdbx_beg_PDB_ins_code 
_struct_sheet_range.end_label_comp_id 
_struct_sheet_range.end_label_asym_id 
_struct_sheet_range.end_label_seq_id 
_struct_sheet_range.pdbx_end_PDB_ins_code 
_struct_sheet_range.beg_auth_comp_id 
_struct_sheet_range.beg_auth_asym_id 
_struct_sheet_range.beg_auth_seq_id 
_struct_sheet_range.end_auth_comp_id 
_struct_sheet_range.end_auth_asym_id 
_struct_sheet_range.end_auth_seq_id 
AA1 1 ILE A 54 ? ILE A 59 ? ILE A 84  ILE A 89  
AA1 2 LYS A 41 ? HIS A 48 ? LYS A 71  HIS A 78  
AA1 3 ILE A 30 ? LEU A 38 ? ILE A 60  LEU A 68  
AA1 4 THR A 82 ? HIS A 84 ? THR A 112 HIS A 114 
# 
loop_
_pdbx_struct_sheet_hbond.sheet_id 
_pdbx_struct_sheet_hbond.range_id_1 
_pdbx_struct_sheet_hbond.range_id_2 
_pdbx_struct_sheet_hbond.range_1_label_atom_id 
_pdbx_struct_sheet_hbond.range_1_label_comp_id 
_pdbx_struct_sheet_hbond.range_1_label_asym_id 
_pdbx_struct_sheet_hbond.range_1_label_seq_id 
_pdbx_struct_sheet_hbond.range_1_PDB_ins_code 
_pdbx_struct_sheet_hbond.range_1_auth_atom_id 
_pdbx_struct_sheet_hbond.range_1_auth_comp_id 
_pdbx_struct_sheet_hbond.range_1_auth_asym_id 
_pdbx_struct_sheet_hbond.range_1_auth_seq_id 
_pdbx_struct_sheet_hbond.range_2_label_atom_id 
_pdbx_struct_sheet_hbond.range_2_label_comp_id 
_pdbx_struct_sheet_hbond.range_2_label_asym_id 
_pdbx_struct_sheet_hbond.range_2_label_seq_id 
_pdbx_struct_sheet_hbond.range_2_PDB_ins_code 
_pdbx_struct_sheet_hbond.range_2_auth_atom_id 
_pdbx_struct_sheet_hbond.range_2_auth_comp_id 
_pdbx_struct_sheet_hbond.range_2_auth_asym_id 
_pdbx_struct_sheet_hbond.range_2_auth_seq_id 
AA1 1 2 O GLU A 55 ? O GLU A 85 N ALA A 46 ? N ALA A 76  
AA1 2 3 O ILE A 43 ? O ILE A 73 N THR A 36 ? N THR A 66  
AA1 3 4 N TRP A 31 ? N TRP A 61 O HIS A 84 ? O HIS A 114 
# 
loop_
_struct_site.id 
_struct_site.pdbx_evidence_code 
_struct_site.pdbx_auth_asym_id 
_struct_site.pdbx_auth_comp_id 
_struct_site.pdbx_auth_seq_id 
_struct_site.pdbx_auth_ins_code 
_struct_site.pdbx_num_residues 
_struct_site.details 
AC1 Software A MG  301 ? 3  'binding site for residue MG A 301'  
AC2 Software A MG  302 ? 5  'binding site for residue MG A 302'  
AC3 Software A MG  303 ? 8  'binding site for residue MG A 303'  
AC4 Software A MG  304 ? 6  'binding site for residue MG A 304'  
AC5 Software A 9VN 305 ? 10 'binding site for residue 9VN A 305' 
AC6 Software A SO4 306 ? 3  'binding site for residue SO4 A 306' 
AC7 Software A SO4 307 ? 6  'binding site for residue SO4 A 307' 
# 
loop_
_struct_site_gen.id 
_struct_site_gen.site_id 
_struct_site_gen.pdbx_num_res 
_struct_site_gen.label_comp_id 
_struct_site_gen.label_asym_id 
_struct_site_gen.label_seq_id 
_struct_site_gen.pdbx_auth_ins_code 
_struct_site_gen.auth_comp_id 
_struct_site_gen.auth_asym_id 
_struct_site_gen.auth_seq_id 
_struct_site_gen.label_atom_id 
_struct_site_gen.label_alt_id 
_struct_site_gen.symmetry 
_struct_site_gen.details 
1  AC1 3  ASP A 34  ? ASP A 64  . ? 1_555 ? 
2  AC1 3  CAS A 35  ? CAS A 65  . ? 1_555 ? 
3  AC1 3  ASN A 90  ? ASN A 120 . ? 1_555 ? 
4  AC2 5  PRO A 28  ? PRO A 58  . ? 1_555 ? 
5  AC2 5  GLY A 29  ? GLY A 59  . ? 1_555 ? 
6  AC2 5  TRP A 31  ? TRP A 61  . ? 1_555 ? 
7  AC2 5  PRO A 79  ? PRO A 109 . ? 1_555 ? 
8  AC2 5  ILE A 174 ? ILE A 204 . ? 1_555 ? 
9  AC3 8  TYR A 53  ? TYR A 83  . ? 1_555 ? 
10 AC3 8  ILE A 54  ? ILE A 84  . ? 1_555 ? 
11 AC3 8  GLU A 55  ? GLU A 85  . ? 1_555 ? 
12 AC3 8  GLY A 76  ? GLY A 106 . ? 6_554 ? 
13 AC3 8  ARG A 77  ? ARG A 107 . ? 6_554 ? 
14 AC3 8  VAL A 150 ? VAL A 180 . ? 1_555 ? 
15 AC3 8  ASN A 154 ? ASN A 184 . ? 1_555 ? 
16 AC3 8  HOH I .   ? HOH A 434 . ? 6_554 ? 
17 AC4 6  VAL A 58  ? VAL A 88  . ? 1_555 ? 
18 AC4 6  TYR A 69  ? TYR A 99  . ? 6_554 ? 
19 AC4 6  LYS A 143 ? LYS A 173 . ? 1_555 ? 
20 AC4 6  VAL A 146 ? VAL A 176 . ? 1_555 ? 
21 AC4 6  GLN A 147 ? GLN A 177 . ? 1_555 ? 
22 AC4 6  HOH I .   ? HOH A 407 . ? 6_554 ? 
23 AC5 10 GLN A 65  ? GLN A 95  . ? 1_555 ? 
24 AC5 10 THR A 94  ? THR A 124 . ? 1_555 ? 
25 AC5 10 ALA A 98  ? ALA A 128 . ? 1_555 ? 
26 AC5 10 TRP A 102 ? TRP A 132 . ? 1_555 ? 
27 AC5 10 ALA A 139 ? ALA A 169 . ? 6_554 ? 
28 AC5 10 GLU A 140 ? GLU A 170 . ? 6_554 ? 
29 AC5 10 HIS A 141 ? HIS A 171 . ? 6_554 ? 
30 AC5 10 THR A 144 ? THR A 174 . ? 6_554 ? 
31 AC5 10 HOH I .   ? HOH A 426 . ? 1_555 ? 
32 AC5 10 HOH I .   ? HOH A 427 . ? 1_555 ? 
33 AC6 3  THR A 36  ? THR A 66  . ? 1_555 ? 
34 AC6 3  HIS A 37  ? HIS A 67  . ? 1_555 ? 
35 AC6 3  LYS A 129 ? LYS A 159 . ? 1_555 ? 
36 AC7 6  LYS A 41  ? LYS A 71  . ? 1_555 ? 
37 AC7 6  HIS A 141 ? HIS A 171 . ? 1_555 ? 
38 AC7 6  LEU A 142 ? LEU A 172 . ? 1_555 ? 
39 AC7 6  HOH I .   ? HOH A 405 . ? 1_555 ? 
40 AC7 6  HOH I .   ? HOH A 411 . ? 1_555 ? 
41 AC7 6  HOH I .   ? HOH A 439 . ? 1_555 ? 
# 
_pdbx_entry_details.entry_id                   5OI2 
_pdbx_entry_details.compound_details           ? 
_pdbx_entry_details.source_details             ? 
_pdbx_entry_details.nonpolymer_details         ? 
_pdbx_entry_details.sequence_details           ? 
_pdbx_entry_details.has_ligand_of_interest     ? 
_pdbx_entry_details.has_protein_modification   Y 
# 
_pdbx_validate_close_contact.id               1 
_pdbx_validate_close_contact.PDB_model_num    1 
_pdbx_validate_close_contact.auth_atom_id_1   O 
_pdbx_validate_close_contact.auth_asym_id_1   A 
_pdbx_validate_close_contact.auth_comp_id_1   HOH 
_pdbx_validate_close_contact.auth_seq_id_1    421 
_pdbx_validate_close_contact.PDB_ins_code_1   ? 
_pdbx_validate_close_contact.label_alt_id_1   ? 
_pdbx_validate_close_contact.auth_atom_id_2   O 
_pdbx_validate_close_contact.auth_asym_id_2   A 
_pdbx_validate_close_contact.auth_comp_id_2   HOH 
_pdbx_validate_close_contact.auth_seq_id_2    461 
_pdbx_validate_close_contact.PDB_ins_code_2   ? 
_pdbx_validate_close_contact.label_alt_id_2   ? 
_pdbx_validate_close_contact.dist             2.19 
# 
loop_
_pdbx_struct_mod_residue.id 
_pdbx_struct_mod_residue.label_asym_id 
_pdbx_struct_mod_residue.label_comp_id 
_pdbx_struct_mod_residue.label_seq_id 
_pdbx_struct_mod_residue.auth_asym_id 
_pdbx_struct_mod_residue.auth_comp_id 
_pdbx_struct_mod_residue.auth_seq_id 
_pdbx_struct_mod_residue.PDB_ins_code 
_pdbx_struct_mod_residue.parent_comp_id 
_pdbx_struct_mod_residue.details 
1 A CAS 35  A CAS 65  ? CYS 'modified residue' 
2 A CAS 100 A CAS 130 ? CYS 'modified residue' 
# 
loop_
_pdbx_unobs_or_zero_occ_residues.id 
_pdbx_unobs_or_zero_occ_residues.PDB_model_num 
_pdbx_unobs_or_zero_occ_residues.polymer_flag 
_pdbx_unobs_or_zero_occ_residues.occupancy_flag 
_pdbx_unobs_or_zero_occ_residues.auth_asym_id 
_pdbx_unobs_or_zero_occ_residues.auth_comp_id 
_pdbx_unobs_or_zero_occ_residues.auth_seq_id 
_pdbx_unobs_or_zero_occ_residues.PDB_ins_code 
_pdbx_unobs_or_zero_occ_residues.label_asym_id 
_pdbx_unobs_or_zero_occ_residues.label_comp_id 
_pdbx_unobs_or_zero_occ_residues.label_seq_id 
1  1 Y 1 A MET 31  ? A MET 1   
2  1 Y 1 A GLY 32  ? A GLY 2   
3  1 Y 1 A SER 33  ? A SER 3   
4  1 Y 1 A SER 34  ? A SER 4   
5  1 Y 1 A HIS 35  ? A HIS 5   
6  1 Y 1 A HIS 36  ? A HIS 6   
7  1 Y 1 A HIS 37  ? A HIS 7   
8  1 Y 1 A HIS 38  ? A HIS 8   
9  1 Y 1 A HIS 39  ? A HIS 9   
10 1 Y 1 A HIS 40  ? A HIS 10  
11 1 Y 1 A SER 41  ? A SER 11  
12 1 Y 1 A SER 42  ? A SER 12  
13 1 Y 1 A GLY 43  ? A GLY 13  
14 1 Y 1 A LEU 44  ? A LEU 14  
15 1 Y 1 A VAL 45  ? A VAL 15  
16 1 Y 1 A PRO 46  ? A PRO 16  
17 1 Y 1 A ARG 47  ? A ARG 17  
18 1 Y 1 A GLY 48  ? A GLY 18  
19 1 Y 1 A SER 49  ? A SER 19  
20 1 Y 1 A MET 50  ? A MET 20  
21 1 Y 1 A HIS 51  ? A HIS 21  
22 1 Y 1 A GLY 52  ? A GLY 22  
23 1 Y 1 A GLN 53  ? A GLN 23  
24 1 Y 1 A VAL 54  ? A VAL 24  
25 1 Y 1 A ASP 55  ? A ASP 25  
26 1 Y 1 A CYS 56  ? A CYS 26  
27 1 Y 1 A GLU 138 ? A GLU 108 
28 1 Y 1 A PHE 139 ? A PHE 109 
29 1 Y 1 A GLY 140 ? A GLY 110 
30 1 Y 1 A ILE 141 ? A ILE 111 
31 1 Y 1 A PRO 142 ? A PRO 112 
32 1 Y 1 A TYR 143 ? A TYR 113 
33 1 Y 1 A ASN 144 ? A ASN 114 
34 1 Y 1 A PRO 145 ? A PRO 115 
35 1 Y 1 A GLN 146 ? A GLN 116 
36 1 Y 1 A SER 147 ? A SER 117 
37 1 Y 1 A GLN 148 ? A GLN 118 
38 1 Y 1 A GLY 149 ? A GLY 119 
39 1 Y 1 A VAL 150 ? A VAL 120 
40 1 Y 1 A VAL 151 ? A VAL 121 
41 1 Y 1 A GLU 152 ? A GLU 122 
42 1 Y 1 A SER 153 ? A SER 123 
43 1 Y 1 A GLY 189 ? A GLY 159 
44 1 Y 1 A GLY 190 ? A GLY 160 
45 1 Y 1 A ILE 191 ? A ILE 161 
46 1 Y 1 A GLY 192 ? A GLY 162 
47 1 Y 1 A GLY 193 ? A GLY 163 
48 1 Y 1 A GLN 209 ? A GLN 179 
49 1 Y 1 A THR 210 ? A THR 180 
50 1 Y 1 A LYS 211 ? A LYS 181 
51 1 Y 1 A GLU 212 ? A GLU 182 
# 
loop_
_chem_comp_atom.comp_id 
_chem_comp_atom.atom_id 
_chem_comp_atom.type_symbol 
_chem_comp_atom.pdbx_aromatic_flag 
_chem_comp_atom.pdbx_stereo_config 
_chem_comp_atom.pdbx_ordinal 
9VN C6   C  N N 1   
9VN C7   C  N N 2   
9VN C8   C  N N 3   
9VN C9   C  N N 4   
9VN C3   C  N N 5   
9VN C1   C  N S 6   
9VN O4   O  N N 7   
9VN O5   O  N N 8   
9VN O2   O  N N 9   
9VN C22  C  Y N 10  
9VN C23  C  Y N 11  
9VN C27  C  N N 12  
9VN C26  C  N N 13  
9VN C28  C  N N 14  
9VN C29  C  N N 15  
9VN C30  C  N N 16  
9VN C51  C  N N 17  
9VN C25  C  N N 18  
9VN C24  C  N N 19  
9VN C21  C  Y N 20  
9VN S35  S  Y N 21  
9VN C20  C  Y N 22  
9VN C36  C  N N 23  
9VN C38  C  Y N 24  
9VN C42  C  Y N 25  
9VN C41  C  Y N 26  
9VN N52  N  Y N 27  
9VN C40  C  Y N 28  
9VN C39  C  Y N 29  
9VN H1   H  N N 30  
9VN H2   H  N N 31  
9VN H3   H  N N 32  
9VN H4   H  N N 33  
9VN H5   H  N N 34  
9VN H6   H  N N 35  
9VN H7   H  N N 36  
9VN H8   H  N N 37  
9VN H9   H  N N 38  
9VN H10  H  N N 39  
9VN H11  H  N N 40  
9VN H12  H  N N 41  
9VN H13  H  N N 42  
9VN H14  H  N N 43  
9VN H15  H  N N 44  
9VN H16  H  N N 45  
9VN H17  H  N N 46  
9VN H18  H  N N 47  
9VN H19  H  N N 48  
9VN H20  H  N N 49  
9VN H21  H  N N 50  
9VN H22  H  N N 51  
9VN H23  H  N N 52  
9VN H24  H  N N 53  
9VN H25  H  N N 54  
9VN H26  H  N N 55  
9VN H27  H  N N 56  
9VN H28  H  N N 57  
9VN H29  H  N N 58  
9VN H30  H  N N 59  
9VN H31  H  N N 60  
ALA N    N  N N 61  
ALA CA   C  N S 62  
ALA C    C  N N 63  
ALA O    O  N N 64  
ALA CB   C  N N 65  
ALA OXT  O  N N 66  
ALA H    H  N N 67  
ALA H2   H  N N 68  
ALA HA   H  N N 69  
ALA HB1  H  N N 70  
ALA HB2  H  N N 71  
ALA HB3  H  N N 72  
ALA HXT  H  N N 73  
ARG N    N  N N 74  
ARG CA   C  N S 75  
ARG C    C  N N 76  
ARG O    O  N N 77  
ARG CB   C  N N 78  
ARG CG   C  N N 79  
ARG CD   C  N N 80  
ARG NE   N  N N 81  
ARG CZ   C  N N 82  
ARG NH1  N  N N 83  
ARG NH2  N  N N 84  
ARG OXT  O  N N 85  
ARG H    H  N N 86  
ARG H2   H  N N 87  
ARG HA   H  N N 88  
ARG HB2  H  N N 89  
ARG HB3  H  N N 90  
ARG HG2  H  N N 91  
ARG HG3  H  N N 92  
ARG HD2  H  N N 93  
ARG HD3  H  N N 94  
ARG HE   H  N N 95  
ARG HH11 H  N N 96  
ARG HH12 H  N N 97  
ARG HH21 H  N N 98  
ARG HH22 H  N N 99  
ARG HXT  H  N N 100 
ASN N    N  N N 101 
ASN CA   C  N S 102 
ASN C    C  N N 103 
ASN O    O  N N 104 
ASN CB   C  N N 105 
ASN CG   C  N N 106 
ASN OD1  O  N N 107 
ASN ND2  N  N N 108 
ASN OXT  O  N N 109 
ASN H    H  N N 110 
ASN H2   H  N N 111 
ASN HA   H  N N 112 
ASN HB2  H  N N 113 
ASN HB3  H  N N 114 
ASN HD21 H  N N 115 
ASN HD22 H  N N 116 
ASN HXT  H  N N 117 
ASP N    N  N N 118 
ASP CA   C  N S 119 
ASP C    C  N N 120 
ASP O    O  N N 121 
ASP CB   C  N N 122 
ASP CG   C  N N 123 
ASP OD1  O  N N 124 
ASP OD2  O  N N 125 
ASP OXT  O  N N 126 
ASP H    H  N N 127 
ASP H2   H  N N 128 
ASP HA   H  N N 129 
ASP HB2  H  N N 130 
ASP HB3  H  N N 131 
ASP HD2  H  N N 132 
ASP HXT  H  N N 133 
CAS N    N  N N 134 
CAS CA   C  N R 135 
CAS CB   C  N N 136 
CAS C    C  N N 137 
CAS O    O  N N 138 
CAS OXT  O  N N 139 
CAS SG   S  N N 140 
CAS AS   AS N N 141 
CAS CE1  C  N N 142 
CAS CE2  C  N N 143 
CAS H    H  N N 144 
CAS H2   H  N N 145 
CAS HA   H  N N 146 
CAS HB2  H  N N 147 
CAS HB3  H  N N 148 
CAS HXT  H  N N 149 
CAS HE11 H  N N 150 
CAS HE12 H  N N 151 
CAS HE13 H  N N 152 
CAS HE21 H  N N 153 
CAS HE22 H  N N 154 
CAS HE23 H  N N 155 
CYS N    N  N N 156 
CYS CA   C  N R 157 
CYS C    C  N N 158 
CYS O    O  N N 159 
CYS CB   C  N N 160 
CYS SG   S  N N 161 
CYS OXT  O  N N 162 
CYS H    H  N N 163 
CYS H2   H  N N 164 
CYS HA   H  N N 165 
CYS HB2  H  N N 166 
CYS HB3  H  N N 167 
CYS HG   H  N N 168 
CYS HXT  H  N N 169 
GLN N    N  N N 170 
GLN CA   C  N S 171 
GLN C    C  N N 172 
GLN O    O  N N 173 
GLN CB   C  N N 174 
GLN CG   C  N N 175 
GLN CD   C  N N 176 
GLN OE1  O  N N 177 
GLN NE2  N  N N 178 
GLN OXT  O  N N 179 
GLN H    H  N N 180 
GLN H2   H  N N 181 
GLN HA   H  N N 182 
GLN HB2  H  N N 183 
GLN HB3  H  N N 184 
GLN HG2  H  N N 185 
GLN HG3  H  N N 186 
GLN HE21 H  N N 187 
GLN HE22 H  N N 188 
GLN HXT  H  N N 189 
GLU N    N  N N 190 
GLU CA   C  N S 191 
GLU C    C  N N 192 
GLU O    O  N N 193 
GLU CB   C  N N 194 
GLU CG   C  N N 195 
GLU CD   C  N N 196 
GLU OE1  O  N N 197 
GLU OE2  O  N N 198 
GLU OXT  O  N N 199 
GLU H    H  N N 200 
GLU H2   H  N N 201 
GLU HA   H  N N 202 
GLU HB2  H  N N 203 
GLU HB3  H  N N 204 
GLU HG2  H  N N 205 
GLU HG3  H  N N 206 
GLU HE2  H  N N 207 
GLU HXT  H  N N 208 
GLY N    N  N N 209 
GLY CA   C  N N 210 
GLY C    C  N N 211 
GLY O    O  N N 212 
GLY OXT  O  N N 213 
GLY H    H  N N 214 
GLY H2   H  N N 215 
GLY HA2  H  N N 216 
GLY HA3  H  N N 217 
GLY HXT  H  N N 218 
HIS N    N  N N 219 
HIS CA   C  N S 220 
HIS C    C  N N 221 
HIS O    O  N N 222 
HIS CB   C  N N 223 
HIS CG   C  Y N 224 
HIS ND1  N  Y N 225 
HIS CD2  C  Y N 226 
HIS CE1  C  Y N 227 
HIS NE2  N  Y N 228 
HIS OXT  O  N N 229 
HIS H    H  N N 230 
HIS H2   H  N N 231 
HIS HA   H  N N 232 
HIS HB2  H  N N 233 
HIS HB3  H  N N 234 
HIS HD1  H  N N 235 
HIS HD2  H  N N 236 
HIS HE1  H  N N 237 
HIS HE2  H  N N 238 
HIS HXT  H  N N 239 
HOH O    O  N N 240 
HOH H1   H  N N 241 
HOH H2   H  N N 242 
ILE N    N  N N 243 
ILE CA   C  N S 244 
ILE C    C  N N 245 
ILE O    O  N N 246 
ILE CB   C  N S 247 
ILE CG1  C  N N 248 
ILE CG2  C  N N 249 
ILE CD1  C  N N 250 
ILE OXT  O  N N 251 
ILE H    H  N N 252 
ILE H2   H  N N 253 
ILE HA   H  N N 254 
ILE HB   H  N N 255 
ILE HG12 H  N N 256 
ILE HG13 H  N N 257 
ILE HG21 H  N N 258 
ILE HG22 H  N N 259 
ILE HG23 H  N N 260 
ILE HD11 H  N N 261 
ILE HD12 H  N N 262 
ILE HD13 H  N N 263 
ILE HXT  H  N N 264 
LEU N    N  N N 265 
LEU CA   C  N S 266 
LEU C    C  N N 267 
LEU O    O  N N 268 
LEU CB   C  N N 269 
LEU CG   C  N N 270 
LEU CD1  C  N N 271 
LEU CD2  C  N N 272 
LEU OXT  O  N N 273 
LEU H    H  N N 274 
LEU H2   H  N N 275 
LEU HA   H  N N 276 
LEU HB2  H  N N 277 
LEU HB3  H  N N 278 
LEU HG   H  N N 279 
LEU HD11 H  N N 280 
LEU HD12 H  N N 281 
LEU HD13 H  N N 282 
LEU HD21 H  N N 283 
LEU HD22 H  N N 284 
LEU HD23 H  N N 285 
LEU HXT  H  N N 286 
LYS N    N  N N 287 
LYS CA   C  N S 288 
LYS C    C  N N 289 
LYS O    O  N N 290 
LYS CB   C  N N 291 
LYS CG   C  N N 292 
LYS CD   C  N N 293 
LYS CE   C  N N 294 
LYS NZ   N  N N 295 
LYS OXT  O  N N 296 
LYS H    H  N N 297 
LYS H2   H  N N 298 
LYS HA   H  N N 299 
LYS HB2  H  N N 300 
LYS HB3  H  N N 301 
LYS HG2  H  N N 302 
LYS HG3  H  N N 303 
LYS HD2  H  N N 304 
LYS HD3  H  N N 305 
LYS HE2  H  N N 306 
LYS HE3  H  N N 307 
LYS HZ1  H  N N 308 
LYS HZ2  H  N N 309 
LYS HZ3  H  N N 310 
LYS HXT  H  N N 311 
MET N    N  N N 312 
MET CA   C  N S 313 
MET C    C  N N 314 
MET O    O  N N 315 
MET CB   C  N N 316 
MET CG   C  N N 317 
MET SD   S  N N 318 
MET CE   C  N N 319 
MET OXT  O  N N 320 
MET H    H  N N 321 
MET H2   H  N N 322 
MET HA   H  N N 323 
MET HB2  H  N N 324 
MET HB3  H  N N 325 
MET HG2  H  N N 326 
MET HG3  H  N N 327 
MET HE1  H  N N 328 
MET HE2  H  N N 329 
MET HE3  H  N N 330 
MET HXT  H  N N 331 
MG  MG   MG N N 332 
PHE N    N  N N 333 
PHE CA   C  N S 334 
PHE C    C  N N 335 
PHE O    O  N N 336 
PHE CB   C  N N 337 
PHE CG   C  Y N 338 
PHE CD1  C  Y N 339 
PHE CD2  C  Y N 340 
PHE CE1  C  Y N 341 
PHE CE2  C  Y N 342 
PHE CZ   C  Y N 343 
PHE OXT  O  N N 344 
PHE H    H  N N 345 
PHE H2   H  N N 346 
PHE HA   H  N N 347 
PHE HB2  H  N N 348 
PHE HB3  H  N N 349 
PHE HD1  H  N N 350 
PHE HD2  H  N N 351 
PHE HE1  H  N N 352 
PHE HE2  H  N N 353 
PHE HZ   H  N N 354 
PHE HXT  H  N N 355 
PRO N    N  N N 356 
PRO CA   C  N S 357 
PRO C    C  N N 358 
PRO O    O  N N 359 
PRO CB   C  N N 360 
PRO CG   C  N N 361 
PRO CD   C  N N 362 
PRO OXT  O  N N 363 
PRO H    H  N N 364 
PRO HA   H  N N 365 
PRO HB2  H  N N 366 
PRO HB3  H  N N 367 
PRO HG2  H  N N 368 
PRO HG3  H  N N 369 
PRO HD2  H  N N 370 
PRO HD3  H  N N 371 
PRO HXT  H  N N 372 
SER N    N  N N 373 
SER CA   C  N S 374 
SER C    C  N N 375 
SER O    O  N N 376 
SER CB   C  N N 377 
SER OG   O  N N 378 
SER OXT  O  N N 379 
SER H    H  N N 380 
SER H2   H  N N 381 
SER HA   H  N N 382 
SER HB2  H  N N 383 
SER HB3  H  N N 384 
SER HG   H  N N 385 
SER HXT  H  N N 386 
SO4 S    S  N N 387 
SO4 O1   O  N N 388 
SO4 O2   O  N N 389 
SO4 O3   O  N N 390 
SO4 O4   O  N N 391 
THR N    N  N N 392 
THR CA   C  N S 393 
THR C    C  N N 394 
THR O    O  N N 395 
THR CB   C  N R 396 
THR OG1  O  N N 397 
THR CG2  C  N N 398 
THR OXT  O  N N 399 
THR H    H  N N 400 
THR H2   H  N N 401 
THR HA   H  N N 402 
THR HB   H  N N 403 
THR HG1  H  N N 404 
THR HG21 H  N N 405 
THR HG22 H  N N 406 
THR HG23 H  N N 407 
THR HXT  H  N N 408 
TRP N    N  N N 409 
TRP CA   C  N S 410 
TRP C    C  N N 411 
TRP O    O  N N 412 
TRP CB   C  N N 413 
TRP CG   C  Y N 414 
TRP CD1  C  Y N 415 
TRP CD2  C  Y N 416 
TRP NE1  N  Y N 417 
TRP CE2  C  Y N 418 
TRP CE3  C  Y N 419 
TRP CZ2  C  Y N 420 
TRP CZ3  C  Y N 421 
TRP CH2  C  Y N 422 
TRP OXT  O  N N 423 
TRP H    H  N N 424 
TRP H2   H  N N 425 
TRP HA   H  N N 426 
TRP HB2  H  N N 427 
TRP HB3  H  N N 428 
TRP HD1  H  N N 429 
TRP HE1  H  N N 430 
TRP HE3  H  N N 431 
TRP HZ2  H  N N 432 
TRP HZ3  H  N N 433 
TRP HH2  H  N N 434 
TRP HXT  H  N N 435 
TYR N    N  N N 436 
TYR CA   C  N S 437 
TYR C    C  N N 438 
TYR O    O  N N 439 
TYR CB   C  N N 440 
TYR CG   C  Y N 441 
TYR CD1  C  Y N 442 
TYR CD2  C  Y N 443 
TYR CE1  C  Y N 444 
TYR CE2  C  Y N 445 
TYR CZ   C  Y N 446 
TYR OH   O  N N 447 
TYR OXT  O  N N 448 
TYR H    H  N N 449 
TYR H2   H  N N 450 
TYR HA   H  N N 451 
TYR HB2  H  N N 452 
TYR HB3  H  N N 453 
TYR HD1  H  N N 454 
TYR HD2  H  N N 455 
TYR HE1  H  N N 456 
TYR HE2  H  N N 457 
TYR HH   H  N N 458 
TYR HXT  H  N N 459 
VAL N    N  N N 460 
VAL CA   C  N S 461 
VAL C    C  N N 462 
VAL O    O  N N 463 
VAL CB   C  N N 464 
VAL CG1  C  N N 465 
VAL CG2  C  N N 466 
VAL OXT  O  N N 467 
VAL H    H  N N 468 
VAL H2   H  N N 469 
VAL HA   H  N N 470 
VAL HB   H  N N 471 
VAL HG11 H  N N 472 
VAL HG12 H  N N 473 
VAL HG13 H  N N 474 
VAL HG21 H  N N 475 
VAL HG22 H  N N 476 
VAL HG23 H  N N 477 
VAL HXT  H  N N 478 
# 
loop_
_chem_comp_bond.comp_id 
_chem_comp_bond.atom_id_1 
_chem_comp_bond.atom_id_2 
_chem_comp_bond.value_order 
_chem_comp_bond.pdbx_aromatic_flag 
_chem_comp_bond.pdbx_stereo_config 
_chem_comp_bond.pdbx_ordinal 
9VN O4  C3   doub N N 1   
9VN C29 C28  sing N N 2   
9VN C29 C30  sing N N 3   
9VN O5  C3   sing N N 4   
9VN C28 C27  doub N N 5   
9VN C51 C30  sing N N 6   
9VN C3  C1   sing N N 7   
9VN C30 C24  sing N N 8   
9VN C30 C25  sing N N 9   
9VN C40 C39  doub Y N 10  
9VN C40 N52  sing Y N 11  
9VN C39 C38  sing Y N 12  
9VN C27 C23  sing N N 13  
9VN C27 C26  sing N N 14  
9VN C1  C22  sing N N 15  
9VN C1  O2   sing N N 16  
9VN C23 C22  sing Y N 17  
9VN C23 C21  doub Y N 18  
9VN N52 C41  doub Y N 19  
9VN C25 C26  sing N N 20  
9VN C22 C20  doub Y N 21  
9VN C38 C21  sing N N 22  
9VN C38 C42  doub Y N 23  
9VN C21 S35  sing Y N 24  
9VN C20 S35  sing Y N 25  
9VN C20 C36  sing N N 26  
9VN O2  C6   sing N N 27  
9VN C41 C42  sing Y N 28  
9VN C9  C6   sing N N 29  
9VN C6  C7   sing N N 30  
9VN C6  C8   sing N N 31  
9VN C7  H1   sing N N 32  
9VN C7  H2   sing N N 33  
9VN C7  H3   sing N N 34  
9VN C8  H4   sing N N 35  
9VN C8  H5   sing N N 36  
9VN C8  H6   sing N N 37  
9VN C9  H7   sing N N 38  
9VN C9  H8   sing N N 39  
9VN C9  H9   sing N N 40  
9VN C1  H10  sing N N 41  
9VN O5  H11  sing N N 42  
9VN C26 H12  sing N N 43  
9VN C26 H13  sing N N 44  
9VN C28 H14  sing N N 45  
9VN C29 H15  sing N N 46  
9VN C29 H16  sing N N 47  
9VN C51 H17  sing N N 48  
9VN C51 H18  sing N N 49  
9VN C51 H19  sing N N 50  
9VN C25 H20  sing N N 51  
9VN C25 H21  sing N N 52  
9VN C24 H22  sing N N 53  
9VN C24 H23  sing N N 54  
9VN C24 H24  sing N N 55  
9VN C36 H25  sing N N 56  
9VN C36 H26  sing N N 57  
9VN C36 H27  sing N N 58  
9VN C42 H28  sing N N 59  
9VN C41 H29  sing N N 60  
9VN C40 H30  sing N N 61  
9VN C39 H31  sing N N 62  
ALA N   CA   sing N N 63  
ALA N   H    sing N N 64  
ALA N   H2   sing N N 65  
ALA CA  C    sing N N 66  
ALA CA  CB   sing N N 67  
ALA CA  HA   sing N N 68  
ALA C   O    doub N N 69  
ALA C   OXT  sing N N 70  
ALA CB  HB1  sing N N 71  
ALA CB  HB2  sing N N 72  
ALA CB  HB3  sing N N 73  
ALA OXT HXT  sing N N 74  
ARG N   CA   sing N N 75  
ARG N   H    sing N N 76  
ARG N   H2   sing N N 77  
ARG CA  C    sing N N 78  
ARG CA  CB   sing N N 79  
ARG CA  HA   sing N N 80  
ARG C   O    doub N N 81  
ARG C   OXT  sing N N 82  
ARG CB  CG   sing N N 83  
ARG CB  HB2  sing N N 84  
ARG CB  HB3  sing N N 85  
ARG CG  CD   sing N N 86  
ARG CG  HG2  sing N N 87  
ARG CG  HG3  sing N N 88  
ARG CD  NE   sing N N 89  
ARG CD  HD2  sing N N 90  
ARG CD  HD3  sing N N 91  
ARG NE  CZ   sing N N 92  
ARG NE  HE   sing N N 93  
ARG CZ  NH1  sing N N 94  
ARG CZ  NH2  doub N N 95  
ARG NH1 HH11 sing N N 96  
ARG NH1 HH12 sing N N 97  
ARG NH2 HH21 sing N N 98  
ARG NH2 HH22 sing N N 99  
ARG OXT HXT  sing N N 100 
ASN N   CA   sing N N 101 
ASN N   H    sing N N 102 
ASN N   H2   sing N N 103 
ASN CA  C    sing N N 104 
ASN CA  CB   sing N N 105 
ASN CA  HA   sing N N 106 
ASN C   O    doub N N 107 
ASN C   OXT  sing N N 108 
ASN CB  CG   sing N N 109 
ASN CB  HB2  sing N N 110 
ASN CB  HB3  sing N N 111 
ASN CG  OD1  doub N N 112 
ASN CG  ND2  sing N N 113 
ASN ND2 HD21 sing N N 114 
ASN ND2 HD22 sing N N 115 
ASN OXT HXT  sing N N 116 
ASP N   CA   sing N N 117 
ASP N   H    sing N N 118 
ASP N   H2   sing N N 119 
ASP CA  C    sing N N 120 
ASP CA  CB   sing N N 121 
ASP CA  HA   sing N N 122 
ASP C   O    doub N N 123 
ASP C   OXT  sing N N 124 
ASP CB  CG   sing N N 125 
ASP CB  HB2  sing N N 126 
ASP CB  HB3  sing N N 127 
ASP CG  OD1  doub N N 128 
ASP CG  OD2  sing N N 129 
ASP OD2 HD2  sing N N 130 
ASP OXT HXT  sing N N 131 
CAS N   CA   sing N N 132 
CAS N   H    sing N N 133 
CAS N   H2   sing N N 134 
CAS CA  CB   sing N N 135 
CAS CA  C    sing N N 136 
CAS CA  HA   sing N N 137 
CAS CB  SG   sing N N 138 
CAS CB  HB2  sing N N 139 
CAS CB  HB3  sing N N 140 
CAS C   O    doub N N 141 
CAS C   OXT  sing N N 142 
CAS OXT HXT  sing N N 143 
CAS SG  AS   sing N N 144 
CAS AS  CE1  sing N N 145 
CAS AS  CE2  sing N N 146 
CAS CE1 HE11 sing N N 147 
CAS CE1 HE12 sing N N 148 
CAS CE1 HE13 sing N N 149 
CAS CE2 HE21 sing N N 150 
CAS CE2 HE22 sing N N 151 
CAS CE2 HE23 sing N N 152 
CYS N   CA   sing N N 153 
CYS N   H    sing N N 154 
CYS N   H2   sing N N 155 
CYS CA  C    sing N N 156 
CYS CA  CB   sing N N 157 
CYS CA  HA   sing N N 158 
CYS C   O    doub N N 159 
CYS C   OXT  sing N N 160 
CYS CB  SG   sing N N 161 
CYS CB  HB2  sing N N 162 
CYS CB  HB3  sing N N 163 
CYS SG  HG   sing N N 164 
CYS OXT HXT  sing N N 165 
GLN N   CA   sing N N 166 
GLN N   H    sing N N 167 
GLN N   H2   sing N N 168 
GLN CA  C    sing N N 169 
GLN CA  CB   sing N N 170 
GLN CA  HA   sing N N 171 
GLN C   O    doub N N 172 
GLN C   OXT  sing N N 173 
GLN CB  CG   sing N N 174 
GLN CB  HB2  sing N N 175 
GLN CB  HB3  sing N N 176 
GLN CG  CD   sing N N 177 
GLN CG  HG2  sing N N 178 
GLN CG  HG3  sing N N 179 
GLN CD  OE1  doub N N 180 
GLN CD  NE2  sing N N 181 
GLN NE2 HE21 sing N N 182 
GLN NE2 HE22 sing N N 183 
GLN OXT HXT  sing N N 184 
GLU N   CA   sing N N 185 
GLU N   H    sing N N 186 
GLU N   H2   sing N N 187 
GLU CA  C    sing N N 188 
GLU CA  CB   sing N N 189 
GLU CA  HA   sing N N 190 
GLU C   O    doub N N 191 
GLU C   OXT  sing N N 192 
GLU CB  CG   sing N N 193 
GLU CB  HB2  sing N N 194 
GLU CB  HB3  sing N N 195 
GLU CG  CD   sing N N 196 
GLU CG  HG2  sing N N 197 
GLU CG  HG3  sing N N 198 
GLU CD  OE1  doub N N 199 
GLU CD  OE2  sing N N 200 
GLU OE2 HE2  sing N N 201 
GLU OXT HXT  sing N N 202 
GLY N   CA   sing N N 203 
GLY N   H    sing N N 204 
GLY N   H2   sing N N 205 
GLY CA  C    sing N N 206 
GLY CA  HA2  sing N N 207 
GLY CA  HA3  sing N N 208 
GLY C   O    doub N N 209 
GLY C   OXT  sing N N 210 
GLY OXT HXT  sing N N 211 
HIS N   CA   sing N N 212 
HIS N   H    sing N N 213 
HIS N   H2   sing N N 214 
HIS CA  C    sing N N 215 
HIS CA  CB   sing N N 216 
HIS CA  HA   sing N N 217 
HIS C   O    doub N N 218 
HIS C   OXT  sing N N 219 
HIS CB  CG   sing N N 220 
HIS CB  HB2  sing N N 221 
HIS CB  HB3  sing N N 222 
HIS CG  ND1  sing Y N 223 
HIS CG  CD2  doub Y N 224 
HIS ND1 CE1  doub Y N 225 
HIS ND1 HD1  sing N N 226 
HIS CD2 NE2  sing Y N 227 
HIS CD2 HD2  sing N N 228 
HIS CE1 NE2  sing Y N 229 
HIS CE1 HE1  sing N N 230 
HIS NE2 HE2  sing N N 231 
HIS OXT HXT  sing N N 232 
HOH O   H1   sing N N 233 
HOH O   H2   sing N N 234 
ILE N   CA   sing N N 235 
ILE N   H    sing N N 236 
ILE N   H2   sing N N 237 
ILE CA  C    sing N N 238 
ILE CA  CB   sing N N 239 
ILE CA  HA   sing N N 240 
ILE C   O    doub N N 241 
ILE C   OXT  sing N N 242 
ILE CB  CG1  sing N N 243 
ILE CB  CG2  sing N N 244 
ILE CB  HB   sing N N 245 
ILE CG1 CD1  sing N N 246 
ILE CG1 HG12 sing N N 247 
ILE CG1 HG13 sing N N 248 
ILE CG2 HG21 sing N N 249 
ILE CG2 HG22 sing N N 250 
ILE CG2 HG23 sing N N 251 
ILE CD1 HD11 sing N N 252 
ILE CD1 HD12 sing N N 253 
ILE CD1 HD13 sing N N 254 
ILE OXT HXT  sing N N 255 
LEU N   CA   sing N N 256 
LEU N   H    sing N N 257 
LEU N   H2   sing N N 258 
LEU CA  C    sing N N 259 
LEU CA  CB   sing N N 260 
LEU CA  HA   sing N N 261 
LEU C   O    doub N N 262 
LEU C   OXT  sing N N 263 
LEU CB  CG   sing N N 264 
LEU CB  HB2  sing N N 265 
LEU CB  HB3  sing N N 266 
LEU CG  CD1  sing N N 267 
LEU CG  CD2  sing N N 268 
LEU CG  HG   sing N N 269 
LEU CD1 HD11 sing N N 270 
LEU CD1 HD12 sing N N 271 
LEU CD1 HD13 sing N N 272 
LEU CD2 HD21 sing N N 273 
LEU CD2 HD22 sing N N 274 
LEU CD2 HD23 sing N N 275 
LEU OXT HXT  sing N N 276 
LYS N   CA   sing N N 277 
LYS N   H    sing N N 278 
LYS N   H2   sing N N 279 
LYS CA  C    sing N N 280 
LYS CA  CB   sing N N 281 
LYS CA  HA   sing N N 282 
LYS C   O    doub N N 283 
LYS C   OXT  sing N N 284 
LYS CB  CG   sing N N 285 
LYS CB  HB2  sing N N 286 
LYS CB  HB3  sing N N 287 
LYS CG  CD   sing N N 288 
LYS CG  HG2  sing N N 289 
LYS CG  HG3  sing N N 290 
LYS CD  CE   sing N N 291 
LYS CD  HD2  sing N N 292 
LYS CD  HD3  sing N N 293 
LYS CE  NZ   sing N N 294 
LYS CE  HE2  sing N N 295 
LYS CE  HE3  sing N N 296 
LYS NZ  HZ1  sing N N 297 
LYS NZ  HZ2  sing N N 298 
LYS NZ  HZ3  sing N N 299 
LYS OXT HXT  sing N N 300 
MET N   CA   sing N N 301 
MET N   H    sing N N 302 
MET N   H2   sing N N 303 
MET CA  C    sing N N 304 
MET CA  CB   sing N N 305 
MET CA  HA   sing N N 306 
MET C   O    doub N N 307 
MET C   OXT  sing N N 308 
MET CB  CG   sing N N 309 
MET CB  HB2  sing N N 310 
MET CB  HB3  sing N N 311 
MET CG  SD   sing N N 312 
MET CG  HG2  sing N N 313 
MET CG  HG3  sing N N 314 
MET SD  CE   sing N N 315 
MET CE  HE1  sing N N 316 
MET CE  HE2  sing N N 317 
MET CE  HE3  sing N N 318 
MET OXT HXT  sing N N 319 
PHE N   CA   sing N N 320 
PHE N   H    sing N N 321 
PHE N   H2   sing N N 322 
PHE CA  C    sing N N 323 
PHE CA  CB   sing N N 324 
PHE CA  HA   sing N N 325 
PHE C   O    doub N N 326 
PHE C   OXT  sing N N 327 
PHE CB  CG   sing N N 328 
PHE CB  HB2  sing N N 329 
PHE CB  HB3  sing N N 330 
PHE CG  CD1  doub Y N 331 
PHE CG  CD2  sing Y N 332 
PHE CD1 CE1  sing Y N 333 
PHE CD1 HD1  sing N N 334 
PHE CD2 CE2  doub Y N 335 
PHE CD2 HD2  sing N N 336 
PHE CE1 CZ   doub Y N 337 
PHE CE1 HE1  sing N N 338 
PHE CE2 CZ   sing Y N 339 
PHE CE2 HE2  sing N N 340 
PHE CZ  HZ   sing N N 341 
PHE OXT HXT  sing N N 342 
PRO N   CA   sing N N 343 
PRO N   CD   sing N N 344 
PRO N   H    sing N N 345 
PRO CA  C    sing N N 346 
PRO CA  CB   sing N N 347 
PRO CA  HA   sing N N 348 
PRO C   O    doub N N 349 
PRO C   OXT  sing N N 350 
PRO CB  CG   sing N N 351 
PRO CB  HB2  sing N N 352 
PRO CB  HB3  sing N N 353 
PRO CG  CD   sing N N 354 
PRO CG  HG2  sing N N 355 
PRO CG  HG3  sing N N 356 
PRO CD  HD2  sing N N 357 
PRO CD  HD3  sing N N 358 
PRO OXT HXT  sing N N 359 
SER N   CA   sing N N 360 
SER N   H    sing N N 361 
SER N   H2   sing N N 362 
SER CA  C    sing N N 363 
SER CA  CB   sing N N 364 
SER CA  HA   sing N N 365 
SER C   O    doub N N 366 
SER C   OXT  sing N N 367 
SER CB  OG   sing N N 368 
SER CB  HB2  sing N N 369 
SER CB  HB3  sing N N 370 
SER OG  HG   sing N N 371 
SER OXT HXT  sing N N 372 
SO4 S   O1   doub N N 373 
SO4 S   O2   doub N N 374 
SO4 S   O3   sing N N 375 
SO4 S   O4   sing N N 376 
THR N   CA   sing N N 377 
THR N   H    sing N N 378 
THR N   H2   sing N N 379 
THR CA  C    sing N N 380 
THR CA  CB   sing N N 381 
THR CA  HA   sing N N 382 
THR C   O    doub N N 383 
THR C   OXT  sing N N 384 
THR CB  OG1  sing N N 385 
THR CB  CG2  sing N N 386 
THR CB  HB   sing N N 387 
THR OG1 HG1  sing N N 388 
THR CG2 HG21 sing N N 389 
THR CG2 HG22 sing N N 390 
THR CG2 HG23 sing N N 391 
THR OXT HXT  sing N N 392 
TRP N   CA   sing N N 393 
TRP N   H    sing N N 394 
TRP N   H2   sing N N 395 
TRP CA  C    sing N N 396 
TRP CA  CB   sing N N 397 
TRP CA  HA   sing N N 398 
TRP C   O    doub N N 399 
TRP C   OXT  sing N N 400 
TRP CB  CG   sing N N 401 
TRP CB  HB2  sing N N 402 
TRP CB  HB3  sing N N 403 
TRP CG  CD1  doub Y N 404 
TRP CG  CD2  sing Y N 405 
TRP CD1 NE1  sing Y N 406 
TRP CD1 HD1  sing N N 407 
TRP CD2 CE2  doub Y N 408 
TRP CD2 CE3  sing Y N 409 
TRP NE1 CE2  sing Y N 410 
TRP NE1 HE1  sing N N 411 
TRP CE2 CZ2  sing Y N 412 
TRP CE3 CZ3  doub Y N 413 
TRP CE3 HE3  sing N N 414 
TRP CZ2 CH2  doub Y N 415 
TRP CZ2 HZ2  sing N N 416 
TRP CZ3 CH2  sing Y N 417 
TRP CZ3 HZ3  sing N N 418 
TRP CH2 HH2  sing N N 419 
TRP OXT HXT  sing N N 420 
TYR N   CA   sing N N 421 
TYR N   H    sing N N 422 
TYR N   H2   sing N N 423 
TYR CA  C    sing N N 424 
TYR CA  CB   sing N N 425 
TYR CA  HA   sing N N 426 
TYR C   O    doub N N 427 
TYR C   OXT  sing N N 428 
TYR CB  CG   sing N N 429 
TYR CB  HB2  sing N N 430 
TYR CB  HB3  sing N N 431 
TYR CG  CD1  doub Y N 432 
TYR CG  CD2  sing Y N 433 
TYR CD1 CE1  sing Y N 434 
TYR CD1 HD1  sing N N 435 
TYR CD2 CE2  doub Y N 436 
TYR CD2 HD2  sing N N 437 
TYR CE1 CZ   doub Y N 438 
TYR CE1 HE1  sing N N 439 
TYR CE2 CZ   sing Y N 440 
TYR CE2 HE2  sing N N 441 
TYR CZ  OH   sing N N 442 
TYR OH  HH   sing N N 443 
TYR OXT HXT  sing N N 444 
VAL N   CA   sing N N 445 
VAL N   H    sing N N 446 
VAL N   H2   sing N N 447 
VAL CA  C    sing N N 448 
VAL CA  CB   sing N N 449 
VAL CA  HA   sing N N 450 
VAL C   O    doub N N 451 
VAL C   OXT  sing N N 452 
VAL CB  CG1  sing N N 453 
VAL CB  CG2  sing N N 454 
VAL CB  HB   sing N N 455 
VAL CG1 HG11 sing N N 456 
VAL CG1 HG12 sing N N 457 
VAL CG1 HG13 sing N N 458 
VAL CG2 HG21 sing N N 459 
VAL CG2 HG22 sing N N 460 
VAL CG2 HG23 sing N N 461 
VAL OXT HXT  sing N N 462 
# 
_pdbx_initial_refinement_model.id               1 
_pdbx_initial_refinement_model.entity_id_list   ? 
_pdbx_initial_refinement_model.type             'experimental model' 
_pdbx_initial_refinement_model.source_name      PDB 
_pdbx_initial_refinement_model.accession_code   4LH4 
_pdbx_initial_refinement_model.details          ? 
# 
_atom_sites.entry_id                    5OI2 
_atom_sites.fract_transf_matrix[1][1]   -0.00240408 
_atom_sites.fract_transf_matrix[1][2]   0.00511939 
_atom_sites.fract_transf_matrix[1][3]   0.01496136 
_atom_sites.fract_transf_matrix[2][1]   0.01029472 
_atom_sites.fract_transf_matrix[2][2]   0.01024557 
_atom_sites.fract_transf_matrix[2][3]   0.00669740 
_atom_sites.fract_transf_matrix[3][1]   -0.00814614 
_atom_sites.fract_transf_matrix[3][2]   0.01164574 
_atom_sites.fract_transf_matrix[3][3]   -0.00529384 
_atom_sites.fract_transf_vector[1]      0.084277 
_atom_sites.fract_transf_vector[2]      -0.448336 
_atom_sites.fract_transf_vector[3]      -0.217449 
# 
loop_
_atom_type.symbol 
AS 
C  
MG 
N  
O  
S  
# 
loop_
_atom_site.group_PDB 
_atom_site.id 
_atom_site.type_symbol 
_atom_site.label_atom_id 
_atom_site.label_alt_id 
_atom_site.label_comp_id 
_atom_site.label_asym_id 
_atom_site.label_entity_id 
_atom_site.label_seq_id 
_atom_site.pdbx_PDB_ins_code 
_atom_site.Cartn_x 
_atom_site.Cartn_y 
_atom_site.Cartn_z 
_atom_site.occupancy 
_atom_site.B_iso_or_equiv 
_atom_site.pdbx_formal_charge 
_atom_site.auth_seq_id 
_atom_site.auth_comp_id 
_atom_site.auth_asym_id 
_atom_site.auth_atom_id 
_atom_site.pdbx_PDB_model_num 
ATOM   1    N  N   . SER A 1 27  ? 10.619  11.710  5.347   1.00 54.85  ? 57  SER A N   1 
ATOM   2    C  CA  . SER A 1 27  ? 11.465  10.686  6.095   1.00 61.39  ? 57  SER A CA  1 
ATOM   3    C  C   . SER A 1 27  ? 11.175  9.193   5.646   1.00 66.64  ? 57  SER A C   1 
ATOM   4    O  O   . SER A 1 27  ? 10.011  8.808   5.517   1.00 63.31  ? 57  SER A O   1 
ATOM   5    C  CB  . SER A 1 27  ? 11.297  10.836  7.602   1.00 64.28  ? 57  SER A CB  1 
ATOM   6    O  OG  . SER A 1 27  ? 11.761  9.665   8.282   1.00 74.19  ? 57  SER A OG  1 
ATOM   7    N  N   . PRO A 1 28  ? 12.237  8.358   5.461   1.00 63.87  ? 58  PRO A N   1 
ATOM   8    C  CA  . PRO A 1 28  ? 12.236  7.100   4.639   1.00 58.42  ? 58  PRO A CA  1 
ATOM   9    C  C   . PRO A 1 28  ? 11.495  5.814   5.128   1.00 55.09  ? 58  PRO A C   1 
ATOM   10   O  O   . PRO A 1 28  ? 11.307  4.898   4.335   1.00 46.64  ? 58  PRO A O   1 
ATOM   11   C  CB  . PRO A 1 28  ? 13.731  6.759   4.555   1.00 62.32  ? 58  PRO A CB  1 
ATOM   12   C  CG  . PRO A 1 28  ? 14.303  7.307   5.820   1.00 61.89  ? 58  PRO A CG  1 
ATOM   13   C  CD  . PRO A 1 28  ? 13.582  8.599   6.049   1.00 61.40  ? 58  PRO A CD  1 
ATOM   14   N  N   . GLY A 1 29  ? 11.166  5.723   6.412   1.00 47.59  ? 59  GLY A N   1 
ATOM   15   C  CA  . GLY A 1 29  ? 10.469  4.574   6.980   1.00 50.09  ? 59  GLY A CA  1 
ATOM   16   C  C   . GLY A 1 29  ? 8.972   4.810   7.203   1.00 46.20  ? 59  GLY A C   1 
ATOM   17   O  O   . GLY A 1 29  ? 8.318   3.978   7.866   1.00 40.46  ? 59  GLY A O   1 
ATOM   18   N  N   . ILE A 1 30  ? 8.443   5.915   6.657   1.00 40.79  ? 60  ILE A N   1 
ATOM   19   C  CA  . ILE A 1 30  ? 7.042   6.325   6.861   1.00 42.10  ? 60  ILE A CA  1 
ATOM   20   C  C   . ILE A 1 30  ? 6.165   5.902   5.705   1.00 36.75  ? 60  ILE A C   1 
ATOM   21   O  O   . ILE A 1 30  ? 6.425   6.239   4.531   1.00 36.40  ? 60  ILE A O   1 
ATOM   22   C  CB  . ILE A 1 30  ? 6.884   7.861   7.021   1.00 48.55  ? 60  ILE A CB  1 
ATOM   23   C  CG1 . ILE A 1 30  ? 7.665   8.324   8.273   1.00 59.16  ? 60  ILE A CG1 1 
ATOM   24   C  CG2 . ILE A 1 30  ? 5.430   8.211   7.204   1.00 48.71  ? 60  ILE A CG2 1 
ATOM   25   C  CD1 . ILE A 1 30  ? 7.953   9.813   8.388   1.00 58.89  ? 60  ILE A CD1 1 
ATOM   26   N  N   . TRP A 1 31  ? 5.128   5.156   6.049   1.00 31.96  ? 61  TRP A N   1 
ATOM   27   C  CA  . TRP A 1 31  ? 4.104   4.704   5.112   1.00 37.34  ? 61  TRP A CA  1 
ATOM   28   C  C   . TRP A 1 31  ? 2.698   5.113   5.544   1.00 34.87  ? 61  TRP A C   1 
ATOM   29   O  O   . TRP A 1 31  ? 2.418   5.255   6.715   1.00 43.08  ? 61  TRP A O   1 
ATOM   30   C  CB  . TRP A 1 31  ? 4.145   3.186   4.965   1.00 32.83  ? 61  TRP A CB  1 
ATOM   31   C  CG  . TRP A 1 31  ? 5.411   2.647   4.387   1.00 33.71  ? 61  TRP A CG  1 
ATOM   32   C  CD1 . TRP A 1 31  ? 6.629   2.591   4.988   1.00 34.06  ? 61  TRP A CD1 1 
ATOM   33   C  CD2 . TRP A 1 31  ? 5.588   2.103   3.044   1.00 34.42  ? 61  TRP A CD2 1 
ATOM   34   N  NE1 . TRP A 1 31  ? 7.565   2.055   4.097   1.00 36.73  ? 61  TRP A NE1 1 
ATOM   35   C  CE2 . TRP A 1 31  ? 6.947   1.737   2.917   1.00 33.80  ? 61  TRP A CE2 1 
ATOM   36   C  CE3 . TRP A 1 31  ? 4.708   1.854   1.965   1.00 33.04  ? 61  TRP A CE3 1 
ATOM   37   C  CZ2 . TRP A 1 31  ? 7.459   1.130   1.771   1.00 35.69  ? 61  TRP A CZ2 1 
ATOM   38   C  CZ3 . TRP A 1 31  ? 5.195   1.272   0.833   1.00 34.47  ? 61  TRP A CZ3 1 
ATOM   39   C  CH2 . TRP A 1 31  ? 6.606   0.902   0.737   1.00 33.46  ? 61  TRP A CH2 1 
ATOM   40   N  N   . GLN A 1 32  ? 1.835   5.229   4.561   1.00 35.36  ? 62  GLN A N   1 
ATOM   41   C  CA  . GLN A 1 32  ? 0.453   5.563   4.718   1.00 40.07  ? 62  GLN A CA  1 
ATOM   42   C  C   . GLN A 1 32  ? -0.400  4.409   4.200   1.00 37.05  ? 62  GLN A C   1 
ATOM   43   O  O   . GLN A 1 32  ? -0.211  3.924   3.120   1.00 37.62  ? 62  GLN A O   1 
ATOM   44   C  CB  . GLN A 1 32  ? 0.145   6.824   3.943   1.00 48.91  ? 62  GLN A CB  1 
ATOM   45   C  CG  . GLN A 1 32  ? -1.322  7.142   3.821   1.00 55.77  ? 62  GLN A CG  1 
ATOM   46   C  CD  . GLN A 1 32  ? -1.751  8.153   4.841   1.00 63.02  ? 62  GLN A CD  1 
ATOM   47   O  OE1 . GLN A 1 32  ? -0.932  8.725   5.527   1.00 67.13  ? 62  GLN A OE1 1 
ATOM   48   N  NE2 . GLN A 1 32  ? -3.034  8.380   4.939   1.00 65.75  ? 62  GLN A NE2 1 
ATOM   49   N  N   . LEU A 1 33  ? -1.355  3.998   4.992   1.00 34.08  ? 63  LEU A N   1 
ATOM   50   C  CA  . LEU A 1 33  ? -2.195  2.887   4.667   1.00 39.43  ? 63  LEU A CA  1 
ATOM   51   C  C   . LEU A 1 33  ? -3.661  3.179   4.740   1.00 40.15  ? 63  LEU A C   1 
ATOM   52   O  O   . LEU A 1 33  ? -4.113  3.608   5.756   1.00 41.41  ? 63  LEU A O   1 
ATOM   53   C  CB  . LEU A 1 33  ? -1.940  1.835   5.702   1.00 44.93  ? 63  LEU A CB  1 
ATOM   54   C  CG  . LEU A 1 33  ? -1.699  0.474   5.149   1.00 58.22  ? 63  LEU A CG  1 
ATOM   55   C  CD1 . LEU A 1 33  ? -0.221  0.432   4.888   1.00 62.75  ? 63  LEU A CD1 1 
ATOM   56   C  CD2 . LEU A 1 33  ? -2.082  -0.531  6.201   1.00 59.55  ? 63  LEU A CD2 1 
ATOM   57   N  N   . ASP A 1 34  ? -4.403  2.863   3.697   1.00 38.75  ? 64  ASP A N   1 
ATOM   58   C  CA  . ASP A 1 34  ? -5.829  3.088   3.645   1.00 42.55  ? 64  ASP A CA  1 
ATOM   59   C  C   . ASP A 1 34  ? -6.577  2.080   2.784   1.00 41.43  ? 64  ASP A C   1 
ATOM   60   O  O   . ASP A 1 34  ? -6.006  1.458   1.942   1.00 37.50  ? 64  ASP A O   1 
ATOM   61   C  CB  . ASP A 1 34  ? -6.100  4.467   3.062   1.00 48.49  ? 64  ASP A CB  1 
ATOM   62   C  CG  . ASP A 1 34  ? -6.002  5.576   4.090   1.00 68.75  ? 64  ASP A CG  1 
ATOM   63   O  OD1 . ASP A 1 34  ? -6.901  5.708   4.943   1.00 87.52  ? 64  ASP A OD1 1 
ATOM   64   O  OD2 . ASP A 1 34  ? -5.000  6.303   4.077   1.00 69.67  ? 64  ASP A OD2 1 
HETATM 65   N  N   . CAS A 1 35  ? -7.866  1.913   3.028   1.00 39.02  ? 65  CAS A N   1 
HETATM 66   C  CA  . CAS A 1 35  ? -8.715  1.070   2.174   1.00 45.60  ? 65  CAS A CA  1 
HETATM 67   C  CB  . CAS A 1 35  ? -9.652  0.209   3.002   1.00 51.28  ? 65  CAS A CB  1 
HETATM 68   C  C   . CAS A 1 35  ? -9.595  1.938   1.325   1.00 46.61  ? 65  CAS A C   1 
HETATM 69   O  O   . CAS A 1 35  ? -10.066 2.933   1.808   1.00 45.09  ? 65  CAS A O   1 
HETATM 70   S  SG  . CAS A 1 35  ? -8.698  -1.154  3.630   1.00 52.85  ? 65  CAS A SG  1 
HETATM 71   AS AS  . CAS A 1 35  ? -8.292  -0.233  5.657   1.00 56.26  ? 65  CAS A AS  1 
HETATM 72   C  CE1 . CAS A 1 35  ? -9.023  -1.569  6.933   1.00 50.72  ? 65  CAS A CE1 1 
HETATM 73   C  CE2 . CAS A 1 35  ? -6.360  0.116   6.126   1.00 49.00  ? 65  CAS A CE2 1 
ATOM   74   N  N   . THR A 1 36  ? -9.785  1.579   0.056   1.00 44.50  ? 66  THR A N   1 
ATOM   75   C  CA  . THR A 1 36  ? -10.786 2.184   -0.835  1.00 47.60  ? 66  THR A CA  1 
ATOM   76   C  C   . THR A 1 36  ? -11.712 1.089   -1.306  1.00 49.11  ? 66  THR A C   1 
ATOM   77   O  O   . THR A 1 36  ? -11.383 -0.087  -1.216  1.00 43.60  ? 66  THR A O   1 
ATOM   78   C  CB  . THR A 1 36  ? -10.209 2.772   -2.164  1.00 60.23  ? 66  THR A CB  1 
ATOM   79   O  OG1 . THR A 1 36  ? -8.811  2.469   -2.342  1.00 61.28  ? 66  THR A OG1 1 
ATOM   80   C  CG2 . THR A 1 36  ? -10.415 4.205   -2.246  1.00 59.73  ? 66  THR A CG2 1 
ATOM   81   N  N   . HIS A 1 37  ? -12.818 1.495   -1.929  1.00 47.90  ? 67  HIS A N   1 
ATOM   82   C  CA  . HIS A 1 37  ? -13.805 0.573   -2.464  1.00 49.44  ? 67  HIS A CA  1 
ATOM   83   C  C   . HIS A 1 37  ? -13.944 0.728   -3.961  1.00 46.65  ? 67  HIS A C   1 
ATOM   84   O  O   . HIS A 1 37  ? -13.856 1.822   -4.499  1.00 50.59  ? 67  HIS A O   1 
ATOM   85   C  CB  . HIS A 1 37  ? -15.116 0.776   -1.761  1.00 48.80  ? 67  HIS A CB  1 
ATOM   86   C  CG  . HIS A 1 37  ? -15.021 0.489   -0.311  1.00 54.75  ? 67  HIS A CG  1 
ATOM   87   N  ND1 . HIS A 1 37  ? -14.558 1.422   0.597   1.00 64.61  ? 67  HIS A ND1 1 
ATOM   88   C  CD2 . HIS A 1 37  ? -15.248 -0.647  0.391   1.00 56.09  ? 67  HIS A CD2 1 
ATOM   89   C  CE1 . HIS A 1 37  ? -14.543 0.883   1.804   1.00 62.71  ? 67  HIS A CE1 1 
ATOM   90   N  NE2 . HIS A 1 37  ? -14.958 -0.371  1.705   1.00 59.34  ? 67  HIS A NE2 1 
ATOM   91   N  N   . LEU A 1 38  ? -14.073 -0.390  -4.653  1.00 45.70  ? 68  LEU A N   1 
ATOM   92   C  CA  . LEU A 1 38  ? -14.311 -0.355  -6.094  1.00 44.37  ? 68  LEU A CA  1 
ATOM   93   C  C   . LEU A 1 38  ? -15.017 -1.631  -6.419  1.00 44.19  ? 68  LEU A C   1 
ATOM   94   O  O   . LEU A 1 38  ? -14.590 -2.689  -5.980  1.00 45.77  ? 68  LEU A O   1 
ATOM   95   C  CB  . LEU A 1 38  ? -13.002 -0.269  -6.861  1.00 47.94  ? 68  LEU A CB  1 
ATOM   96   C  CG  . LEU A 1 38  ? -13.013 0.177   -8.318  1.00 53.81  ? 68  LEU A CG  1 
ATOM   97   C  CD1 . LEU A 1 38  ? -13.643 1.559   -8.442  1.00 56.90  ? 68  LEU A CD1 1 
ATOM   98   C  CD2 . LEU A 1 38  ? -11.588 0.242   -8.817  1.00 54.38  ? 68  LEU A CD2 1 
ATOM   99   N  N   . GLU A 1 39  ? -16.106 -1.542  -7.180  1.00 50.83  ? 69  GLU A N   1 
ATOM   100  C  CA  . GLU A 1 39  ? -16.841 -2.738  -7.662  1.00 46.32  ? 69  GLU A CA  1 
ATOM   101  C  C   . GLU A 1 39  ? -17.266 -3.651  -6.570  1.00 41.46  ? 69  GLU A C   1 
ATOM   102  O  O   . GLU A 1 39  ? -17.190 -4.872  -6.715  1.00 50.14  ? 69  GLU A O   1 
ATOM   103  C  CB  . GLU A 1 39  ? -16.035 -3.546  -8.670  1.00 45.94  ? 69  GLU A CB  1 
ATOM   104  C  CG  . GLU A 1 39  ? -15.437 -2.750  -9.804  1.00 51.14  ? 69  GLU A CG  1 
ATOM   105  C  CD  . GLU A 1 39  ? -14.683 -3.641  -10.773 1.00 55.34  ? 69  GLU A CD  1 
ATOM   106  O  OE1 . GLU A 1 39  ? -14.074 -3.086  -11.674 1.00 60.44  ? 69  GLU A OE1 1 
ATOM   107  O  OE2 . GLU A 1 39  ? -14.698 -4.889  -10.650 1.00 55.07  ? 69  GLU A OE2 1 
ATOM   108  N  N   . GLY A 1 40  ? -17.659 -3.066  -5.440  1.00 49.61  ? 70  GLY A N   1 
ATOM   109  C  CA  . GLY A 1 40  ? -18.025 -3.849  -4.269  1.00 54.39  ? 70  GLY A CA  1 
ATOM   110  C  C   . GLY A 1 40  ? -16.928 -4.633  -3.593  1.00 54.93  ? 70  GLY A C   1 
ATOM   111  O  O   . GLY A 1 40  ? -17.224 -5.500  -2.781  1.00 55.54  ? 70  GLY A O   1 
ATOM   112  N  N   . LYS A 1 41  ? -15.661 -4.365  -3.930  1.00 53.39  ? 71  LYS A N   1 
ATOM   113  C  CA  . LYS A 1 41  ? -14.524 -4.962  -3.187  1.00 51.55  ? 71  LYS A CA  1 
ATOM   114  C  C   . LYS A 1 41  ? -13.683 -3.897  -2.469  1.00 43.19  ? 71  LYS A C   1 
ATOM   115  O  O   . LYS A 1 41  ? -13.929 -2.668  -2.613  1.00 45.32  ? 71  LYS A O   1 
ATOM   116  C  CB  . LYS A 1 41  ? -13.651 -5.769  -4.129  1.00 55.56  ? 71  LYS A CB  1 
ATOM   117  C  CG  . LYS A 1 41  ? -14.359 -6.914  -4.814  1.00 52.66  ? 71  LYS A CG  1 
ATOM   118  C  CD  . LYS A 1 41  ? -13.521 -7.299  -6.025  1.00 60.24  ? 71  LYS A CD  1 
ATOM   119  C  CE  . LYS A 1 41  ? -13.489 -8.787  -6.277  1.00 63.02  ? 71  LYS A CE  1 
ATOM   120  N  NZ  . LYS A 1 41  ? -14.844 -9.220  -6.646  1.00 63.05  ? 71  LYS A NZ  1 
ATOM   121  N  N   . VAL A 1 42  ? -12.692 -4.366  -1.715  1.00 41.18  ? 72  VAL A N   1 
ATOM   122  C  CA  . VAL A 1 42  ? -11.841 -3.504  -0.878  1.00 42.82  ? 72  VAL A CA  1 
ATOM   123  C  C   . VAL A 1 42  ? -10.435 -3.536  -1.410  1.00 35.95  ? 72  VAL A C   1 
ATOM   124  O  O   . VAL A 1 42  ? -9.929  -4.597  -1.662  1.00 38.28  ? 72  VAL A O   1 
ATOM   125  C  CB  . VAL A 1 42  ? -11.853 -3.968  0.589   1.00 45.01  ? 72  VAL A CB  1 
ATOM   126  C  CG1 . VAL A 1 42  ? -11.112 -2.974  1.444   1.00 47.14  ? 72  VAL A CG1 1 
ATOM   127  C  CG2 . VAL A 1 42  ? -13.301 -4.133  1.059   1.00 47.25  ? 72  VAL A CG2 1 
ATOM   128  N  N   . ILE A 1 43  ? -9.837  -2.367  -1.611  1.00 34.24  ? 73  ILE A N   1 
ATOM   129  C  CA  . ILE A 1 43  ? -8.451  -2.261  -2.025  1.00 36.19  ? 73  ILE A CA  1 
ATOM   130  C  C   . ILE A 1 43  ? -7.677  -1.605  -0.911  1.00 35.63  ? 73  ILE A C   1 
ATOM   131  O  O   . ILE A 1 43  ? -7.943  -0.470  -0.556  1.00 40.37  ? 73  ILE A O   1 
ATOM   132  C  CB  . ILE A 1 43  ? -8.266  -1.467  -3.335  1.00 35.25  ? 73  ILE A CB  1 
ATOM   133  C  CG1 . ILE A 1 43  ? -9.105  -2.117  -4.438  1.00 35.38  ? 73  ILE A CG1 1 
ATOM   134  C  CG2 . ILE A 1 43  ? -6.796  -1.469  -3.774  1.00 32.77  ? 73  ILE A CG2 1 
ATOM   135  C  CD1 . ILE A 1 43  ? -9.313  -1.149  -5.590  1.00 39.22  ? 73  ILE A CD1 1 
ATOM   136  N  N   . LEU A 1 44  ? -6.718  -2.346  -0.378  1.00 34.60  ? 74  LEU A N   1 
ATOM   137  C  CA  . LEU A 1 44  ? -5.801  -1.835  0.630   1.00 41.75  ? 74  LEU A CA  1 
ATOM   138  C  C   . LEU A 1 44  ? -4.627  -1.209  -0.155  1.00 37.14  ? 74  LEU A C   1 
ATOM   139  O  O   . LEU A 1 44  ? -4.060  -1.828  -1.019  1.00 36.50  ? 74  LEU A O   1 
ATOM   140  C  CB  . LEU A 1 44  ? -5.361  -2.974  1.529   1.00 40.94  ? 74  LEU A CB  1 
ATOM   141  C  CG  . LEU A 1 44  ? -5.047  -2.700  2.979   1.00 50.29  ? 74  LEU A CG  1 
ATOM   142  C  CD1 . LEU A 1 44  ? -4.854  -4.018  3.672   1.00 51.84  ? 74  LEU A CD1 1 
ATOM   143  C  CD2 . LEU A 1 44  ? -3.783  -1.852  3.094   1.00 59.65  ? 74  LEU A CD2 1 
ATOM   144  N  N   . VAL A 1 45  ? -4.337  0.044   0.115   1.00 32.48  ? 75  VAL A N   1 
ATOM   145  C  CA  . VAL A 1 45  ? -3.303  0.820   -0.583  1.00 37.73  ? 75  VAL A CA  1 
ATOM   146  C  C   . VAL A 1 45  ? -2.325  1.351   0.444   1.00 36.20  ? 75  VAL A C   1 
ATOM   147  O  O   . VAL A 1 45  ? -2.716  2.018   1.412   1.00 39.18  ? 75  VAL A O   1 
ATOM   148  C  CB  . VAL A 1 45  ? -3.954  2.046   -1.299  1.00 37.29  ? 75  VAL A CB  1 
ATOM   149  C  CG1 . VAL A 1 45  ? -2.915  2.834   -2.033  1.00 38.54  ? 75  VAL A CG1 1 
ATOM   150  C  CG2 . VAL A 1 45  ? -5.067  1.597   -2.248  1.00 41.07  ? 75  VAL A CG2 1 
ATOM   151  N  N   . ALA A 1 46  ? -1.046  1.071   0.233   1.00 35.00  ? 76  ALA A N   1 
ATOM   152  C  CA  . ALA A 1 46  ? 0.003   1.615   1.033   1.00 29.88  ? 76  ALA A CA  1 
ATOM   153  C  C   . ALA A 1 46  ? 0.881   2.508   0.180   1.00 32.22  ? 76  ALA A C   1 
ATOM   154  O  O   . ALA A 1 46  ? 1.316   2.108   -0.933  1.00 33.62  ? 76  ALA A O   1 
ATOM   155  C  CB  . ALA A 1 46  ? 0.823   0.476   1.583   1.00 31.89  ? 76  ALA A CB  1 
ATOM   156  N  N   . VAL A 1 47  ? 1.215   3.671   0.717   1.00 29.28  ? 77  VAL A N   1 
ATOM   157  C  CA  . VAL A 1 47  ? 2.023   4.660   0.033   1.00 33.57  ? 77  VAL A CA  1 
ATOM   158  C  C   . VAL A 1 47  ? 3.272   4.925   0.825   1.00 33.05  ? 77  VAL A C   1 
ATOM   159  O  O   . VAL A 1 47  ? 3.199   5.152   2.030   1.00 34.81  ? 77  VAL A O   1 
ATOM   160  C  CB  . VAL A 1 47  ? 1.278   5.998   -0.174  1.00 37.30  ? 77  VAL A CB  1 
ATOM   161  C  CG1 . VAL A 1 47  ? 2.117   6.933   -1.042  1.00 37.89  ? 77  VAL A CG1 1 
ATOM   162  C  CG2 . VAL A 1 47  ? -0.017  5.714   -0.891  1.00 39.74  ? 77  VAL A CG2 1 
ATOM   163  N  N   . HIS A 1 48  ? 4.426   4.842   0.163   1.00 29.72  ? 78  HIS A N   1 
ATOM   164  C  CA  . HIS A 1 48  ? 5.685   5.163   0.807   1.00 32.18  ? 78  HIS A CA  1 
ATOM   165  C  C   . HIS A 1 48  ? 5.808   6.684   0.688   1.00 36.97  ? 78  HIS A C   1 
ATOM   166  O  O   . HIS A 1 48  ? 5.890   7.197   -0.424  1.00 35.69  ? 78  HIS A O   1 
ATOM   167  C  CB  . HIS A 1 48  ? 6.848   4.516   0.076   1.00 33.26  ? 78  HIS A CB  1 
ATOM   168  C  CG  . HIS A 1 48  ? 8.172   4.978   0.579   1.00 37.55  ? 78  HIS A CG  1 
ATOM   169  N  ND1 . HIS A 1 48  ? 8.602   4.746   1.867   1.00 38.61  ? 78  HIS A ND1 1 
ATOM   170  C  CD2 . HIS A 1 48  ? 9.169   5.658   -0.029  1.00 36.95  ? 78  HIS A CD2 1 
ATOM   171  C  CE1 . HIS A 1 48  ? 9.818   5.236   2.020   1.00 35.29  ? 78  HIS A CE1 1 
ATOM   172  N  NE2 . HIS A 1 48  ? 10.183  5.782   0.881   1.00 37.73  ? 78  HIS A NE2 1 
ATOM   173  N  N   . VAL A 1 49  ? 5.688   7.409   1.791   1.00 36.36  ? 79  VAL A N   1 
ATOM   174  C  CA  . VAL A 1 49  ? 5.303   8.826   1.648   1.00 40.29  ? 79  VAL A CA  1 
ATOM   175  C  C   . VAL A 1 49  ? 6.436   9.630   0.939   1.00 42.17  ? 79  VAL A C   1 
ATOM   176  O  O   . VAL A 1 49  ? 6.197   10.414  0.051   1.00 43.81  ? 79  VAL A O   1 
ATOM   177  C  CB  . VAL A 1 49  ? 4.906   9.449   2.987   1.00 46.40  ? 79  VAL A CB  1 
ATOM   178  C  CG1 . VAL A 1 49  ? 4.563   10.913  2.800   1.00 55.74  ? 79  VAL A CG1 1 
ATOM   179  C  CG2 . VAL A 1 49  ? 3.686   8.751   3.569   1.00 47.46  ? 79  VAL A CG2 1 
ATOM   180  N  N   . ALA A 1 50  ? 7.677   9.363   1.269   1.00 40.34  ? 80  ALA A N   1 
ATOM   181  C  CA  . ALA A 1 50  ? 8.759   10.141  0.684   1.00 43.83  ? 80  ALA A CA  1 
ATOM   182  C  C   . ALA A 1 50  ? 8.881   9.960   -0.822  1.00 48.24  ? 80  ALA A C   1 
ATOM   183  O  O   . ALA A 1 50  ? 9.352   10.845  -1.472  1.00 50.43  ? 80  ALA A O   1 
ATOM   184  C  CB  . ALA A 1 50  ? 10.073  9.797   1.370   1.00 42.15  ? 80  ALA A CB  1 
ATOM   185  N  N   . SER A 1 51  ? 8.454   8.844   -1.398  1.00 43.47  ? 81  SER A N   1 
ATOM   186  C  CA  . SER A 1 51  ? 8.693   8.580   -2.844  1.00 39.09  ? 81  SER A CA  1 
ATOM   187  C  C   . SER A 1 51  ? 7.439   8.585   -3.665  1.00 40.05  ? 81  SER A C   1 
ATOM   188  O  O   . SER A 1 51  ? 7.488   8.740   -4.845  1.00 43.49  ? 81  SER A O   1 
ATOM   189  C  CB  . SER A 1 51  ? 9.255   7.185   -2.995  1.00 44.69  ? 81  SER A CB  1 
ATOM   190  O  OG  . SER A 1 51  ? 8.281   6.226   -2.547  1.00 37.11  ? 81  SER A OG  1 
ATOM   191  N  N   . GLY A 1 52  ? 6.296   8.305   -3.070  1.00 36.57  ? 82  GLY A N   1 
ATOM   192  C  CA  . GLY A 1 52  ? 5.090   8.086   -3.836  1.00 33.95  ? 82  GLY A CA  1 
ATOM   193  C  C   . GLY A 1 52  ? 4.887   6.679   -4.344  1.00 32.61  ? 82  GLY A C   1 
ATOM   194  O  O   . GLY A 1 52  ? 3.889   6.416   -5.014  1.00 38.13  ? 82  GLY A O   1 
ATOM   195  N  N   . TYR A 1 53  ? 5.802   5.780   -4.005  1.00 32.60  ? 83  TYR A N   1 
ATOM   196  C  CA  . TYR A 1 53  ? 5.684   4.397   -4.407  1.00 34.05  ? 83  TYR A CA  1 
ATOM   197  C  C   . TYR A 1 53  ? 4.484   3.772   -3.702  1.00 35.11  ? 83  TYR A C   1 
ATOM   198  O  O   . TYR A 1 53  ? 4.240   4.078   -2.543  1.00 33.87  ? 83  TYR A O   1 
ATOM   199  C  CB  . TYR A 1 53  ? 6.950   3.652   -4.048  1.00 33.53  ? 83  TYR A CB  1 
ATOM   200  C  CG  . TYR A 1 53  ? 6.894   2.104   -4.057  1.00 36.25  ? 83  TYR A CG  1 
ATOM   201  C  CD1 . TYR A 1 53  ? 6.511   1.387   -2.918  1.00 36.18  ? 83  TYR A CD1 1 
ATOM   202  C  CD2 . TYR A 1 53  ? 7.335   1.374   -5.171  1.00 36.79  ? 83  TYR A CD2 1 
ATOM   203  C  CE1 . TYR A 1 53  ? 6.472   0.036   -2.915  1.00 35.75  ? 83  TYR A CE1 1 
ATOM   204  C  CE2 . TYR A 1 53  ? 7.345   0.006   -5.158  1.00 37.32  ? 83  TYR A CE2 1 
ATOM   205  C  CZ  . TYR A 1 53  ? 6.918   -0.638  -4.041  1.00 41.79  ? 83  TYR A CZ  1 
ATOM   206  O  OH  . TYR A 1 53  ? 6.916   -1.950  -4.060  1.00 38.12  ? 83  TYR A OH  1 
ATOM   207  N  N   . ILE A 1 54  ? 3.773   2.887   -4.399  1.00 35.18  ? 84  ILE A N   1 
ATOM   208  C  CA  . ILE A 1 54  ? 2.651   2.197   -3.846  1.00 35.61  ? 84  ILE A CA  1 
ATOM   209  C  C   . ILE A 1 54  ? 2.718   0.695   -3.979  1.00 34.00  ? 84  ILE A C   1 
ATOM   210  O  O   . ILE A 1 54  ? 3.356   0.120   -4.897  1.00 29.99  ? 84  ILE A O   1 
ATOM   211  C  CB  . ILE A 1 54  ? 1.304   2.748   -4.378  1.00 46.97  ? 84  ILE A CB  1 
ATOM   212  C  CG1 . ILE A 1 54  ? 1.069   2.404   -5.841  1.00 55.29  ? 84  ILE A CG1 1 
ATOM   213  C  CG2 . ILE A 1 54  ? 1.267   4.282   -4.276  1.00 50.65  ? 84  ILE A CG2 1 
ATOM   214  C  CD1 . ILE A 1 54  ? -0.266  2.936   -6.353  1.00 72.01  ? 84  ILE A CD1 1 
ATOM   215  N  N   . GLU A 1 55  ? 2.004   0.095   -3.040  1.00 34.26  ? 85  GLU A N   1 
ATOM   216  C  CA  . GLU A 1 55  ? 1.562   -1.285  -3.042  1.00 43.13  ? 85  GLU A CA  1 
ATOM   217  C  C   . GLU A 1 55  ? 0.105   -1.351  -2.718  1.00 41.22  ? 85  GLU A C   1 
ATOM   218  O  O   . GLU A 1 55  ? -0.394  -0.524  -1.968  1.00 39.63  ? 85  GLU A O   1 
ATOM   219  C  CB  . GLU A 1 55  ? 2.267   -2.073  -1.973  1.00 44.29  ? 85  GLU A CB  1 
ATOM   220  C  CG  . GLU A 1 55  ? 3.710   -2.139  -2.246  1.00 50.30  ? 85  GLU A CG  1 
ATOM   221  C  CD  . GLU A 1 55  ? 4.368   -3.396  -1.795  1.00 55.43  ? 85  GLU A CD  1 
ATOM   222  O  OE1 . GLU A 1 55  ? 3.628   -4.374  -1.507  1.00 61.31  ? 85  GLU A OE1 1 
ATOM   223  O  OE2 . GLU A 1 55  ? 5.629   -3.343  -1.769  1.00 45.16  ? 85  GLU A OE2 1 
ATOM   224  N  N   . ALA A 1 56  ? -0.548  -2.364  -3.261  1.00 34.82  ? 86  ALA A N   1 
ATOM   225  C  CA  . ALA A 1 56  ? -1.993  -2.531  -3.131  1.00 37.02  ? 86  ALA A CA  1 
ATOM   226  C  C   . ALA A 1 56  ? -2.384  -3.949  -3.316  1.00 39.74  ? 86  ALA A C   1 
ATOM   227  O  O   . ALA A 1 56  ? -1.647  -4.698  -3.969  1.00 40.17  ? 86  ALA A O   1 
ATOM   228  C  CB  . ALA A 1 56  ? -2.727  -1.650  -4.110  1.00 39.88  ? 86  ALA A CB  1 
ATOM   229  N  N   . GLU A 1 57  ? -3.510  -4.314  -2.687  1.00 40.62  ? 87  GLU A N   1 
ATOM   230  C  CA  . GLU A 1 57  ? -4.074  -5.659  -2.714  1.00 39.23  ? 87  GLU A CA  1 
ATOM   231  C  C   . GLU A 1 57  ? -5.598  -5.507  -2.603  1.00 38.09  ? 87  GLU A C   1 
ATOM   232  O  O   . GLU A 1 57  ? -6.130  -4.670  -1.852  1.00 34.60  ? 87  GLU A O   1 
ATOM   233  C  CB  . GLU A 1 57  ? -3.633  -6.544  -1.537  1.00 45.52  ? 87  GLU A CB  1 
ATOM   234  C  CG  . GLU A 1 57  ? -2.133  -6.732  -1.228  1.00 60.97  ? 87  GLU A CG  1 
ATOM   235  C  CD  . GLU A 1 57  ? -1.404  -7.834  -1.986  1.00 67.78  ? 87  GLU A CD  1 
ATOM   236  O  OE1 . GLU A 1 57  ? -2.080  -8.594  -2.722  1.00 83.02  ? 87  GLU A OE1 1 
ATOM   237  O  OE2 . GLU A 1 57  ? -0.150  -7.901  -1.835  1.00 78.92  ? 87  GLU A OE2 1 
ATOM   238  N  N   . VAL A 1 58  ? -6.307  -6.331  -3.348  1.00 37.65  ? 88  VAL A N   1 
ATOM   239  C  CA  . VAL A 1 58  ? -7.745  -6.451  -3.214  1.00 42.98  ? 88  VAL A CA  1 
ATOM   240  C  C   . VAL A 1 58  ? -7.902  -7.439  -2.074  1.00 38.54  ? 88  VAL A C   1 
ATOM   241  O  O   . VAL A 1 58  ? -7.259  -8.484  -2.079  1.00 45.49  ? 88  VAL A O   1 
ATOM   242  C  CB  . VAL A 1 58  ? -8.400  -7.006  -4.491  1.00 41.21  ? 88  VAL A CB  1 
ATOM   243  C  CG1 . VAL A 1 58  ? -9.805  -7.512  -4.180  1.00 38.41  ? 88  VAL A CG1 1 
ATOM   244  C  CG2 . VAL A 1 58  ? -8.425  -5.928  -5.545  1.00 39.72  ? 88  VAL A CG2 1 
ATOM   245  N  N   . ILE A 1 59  ? -8.682  -7.107  -1.077  1.00 41.36  ? 89  ILE A N   1 
ATOM   246  C  CA  . ILE A 1 59  ? -8.830  -8.007  0.049   1.00 45.35  ? 89  ILE A CA  1 
ATOM   247  C  C   . ILE A 1 59  ? -10.302 -8.351  0.134   1.00 50.93  ? 89  ILE A C   1 
ATOM   248  O  O   . ILE A 1 59  ? -11.155 -7.574  -0.336  1.00 49.73  ? 89  ILE A O   1 
ATOM   249  C  CB  . ILE A 1 59  ? -8.283  -7.443  1.377   1.00 49.33  ? 89  ILE A CB  1 
ATOM   250  C  CG1 . ILE A 1 59  ? -8.930  -6.109  1.733   1.00 46.45  ? 89  ILE A CG1 1 
ATOM   251  C  CG2 . ILE A 1 59  ? -6.733  -7.376  1.376   1.00 48.62  ? 89  ILE A CG2 1 
ATOM   252  C  CD1 . ILE A 1 59  ? -8.484  -5.625  3.089   1.00 42.47  ? 89  ILE A CD1 1 
ATOM   253  N  N   . PRO A 1 60  ? -10.597 -9.554  0.664   1.00 59.70  ? 90  PRO A N   1 
ATOM   254  C  CA  . PRO A 1 60  ? -11.994 -10.014 0.747   1.00 62.25  ? 90  PRO A CA  1 
ATOM   255  C  C   . PRO A 1 60  ? -12.809 -9.113  1.694   1.00 67.55  ? 90  PRO A C   1 
ATOM   256  O  O   . PRO A 1 60  ? -13.841 -8.593  1.277   1.00 72.16  ? 90  PRO A O   1 
ATOM   257  C  CB  . PRO A 1 60  ? -11.879 -11.468 1.253   1.00 64.97  ? 90  PRO A CB  1 
ATOM   258  C  CG  . PRO A 1 60  ? -10.502 -11.603 1.841   1.00 69.13  ? 90  PRO A CG  1 
ATOM   259  C  CD  . PRO A 1 60  ? -9.629  -10.563 1.169   1.00 60.37  ? 90  PRO A CD  1 
ATOM   260  N  N   . ALA A 1 61  ? -12.292 -8.822  2.892   1.00 67.30  ? 91  ALA A N   1 
ATOM   261  C  CA  . ALA A 1 61  ? -13.001 -7.925  3.813   1.00 65.25  ? 91  ALA A CA  1 
ATOM   262  C  C   . ALA A 1 61  ? -12.131 -6.833  4.401   1.00 52.07  ? 91  ALA A C   1 
ATOM   263  O  O   . ALA A 1 61  ? -10.980 -7.059  4.670   1.00 55.83  ? 91  ALA A O   1 
ATOM   264  C  CB  . ALA A 1 61  ? -13.569 -8.781  4.941   1.00 67.66  ? 91  ALA A CB  1 
ATOM   265  N  N   . GLU A 1 62  ? -12.706 -5.681  4.700   1.00 51.17  ? 92  GLU A N   1 
ATOM   266  C  CA  . GLU A 1 62  ? -12.025 -4.654  5.466   1.00 53.69  ? 92  GLU A CA  1 
ATOM   267  C  C   . GLU A 1 62  ? -11.944 -5.182  6.890   1.00 55.53  ? 92  GLU A C   1 
ATOM   268  O  O   . GLU A 1 62  ? -12.915 -5.147  7.600   1.00 66.48  ? 92  GLU A O   1 
ATOM   269  C  CB  . GLU A 1 62  ? -12.769 -3.324  5.372   1.00 56.33  ? 92  GLU A CB  1 
ATOM   270  C  CG  . GLU A 1 62  ? -11.845 -2.147  5.449   1.00 59.61  ? 92  GLU A CG  1 
ATOM   271  C  CD  . GLU A 1 62  ? -12.482 -0.778  5.211   1.00 61.66  ? 92  GLU A CD  1 
ATOM   272  O  OE1 . GLU A 1 62  ? -12.127 0.158   5.970   1.00 71.52  ? 92  GLU A OE1 1 
ATOM   273  O  OE2 . GLU A 1 62  ? -13.277 -0.596  4.270   1.00 62.39  ? 92  GLU A OE2 1 
ATOM   274  N  N   . THR A 1 63  ? -10.803 -5.748  7.277   1.00 53.39  ? 93  THR A N   1 
ATOM   275  C  CA  . THR A 1 63  ? -10.735 -6.540  8.512   1.00 48.30  ? 93  THR A CA  1 
ATOM   276  C  C   . THR A 1 63  ? -9.393  -6.389  9.172   1.00 46.90  ? 93  THR A C   1 
ATOM   277  O  O   . THR A 1 63  ? -8.407  -6.149  8.494   1.00 40.91  ? 93  THR A O   1 
ATOM   278  C  CB  . THR A 1 63  ? -11.085 -7.978  8.116   1.00 54.57  ? 93  THR A CB  1 
ATOM   279  O  OG1 . THR A 1 63  ? -12.181 -8.441  8.898   1.00 66.12  ? 93  THR A OG1 1 
ATOM   280  C  CG2 . THR A 1 63  ? -9.970  -8.918  8.139   1.00 46.50  ? 93  THR A CG2 1 
ATOM   281  N  N   . GLY A 1 64  ? -9.348  -6.533  10.494  1.00 39.32  ? 94  GLY A N   1 
ATOM   282  C  CA  . GLY A 1 64  ? -8.077  -6.501  11.257  1.00 38.46  ? 94  GLY A CA  1 
ATOM   283  C  C   . GLY A 1 64  ? -7.061  -7.545  10.758  1.00 40.98  ? 94  GLY A C   1 
ATOM   284  O  O   . GLY A 1 64  ? -5.868  -7.279  10.646  1.00 37.38  ? 94  GLY A O   1 
ATOM   285  N  N   . GLN A 1 65  ? -7.553  -8.729  10.448  1.00 36.54  ? 95  GLN A N   1 
ATOM   286  C  CA  . GLN A 1 65  ? -6.710  -9.829  9.997   1.00 41.47  ? 95  GLN A CA  1 
ATOM   287  C  C   . GLN A 1 65  ? -6.036  -9.578  8.664   1.00 36.45  ? 95  GLN A C   1 
ATOM   288  O  O   . GLN A 1 65  ? -4.868  -9.900  8.482   1.00 32.70  ? 95  GLN A O   1 
ATOM   289  C  CB  . GLN A 1 65  ? -7.521  -11.123 9.927   1.00 43.25  ? 95  GLN A CB  1 
ATOM   290  C  CG  . GLN A 1 65  ? -7.823  -11.598 11.318  1.00 51.61  ? 95  GLN A CG  1 
ATOM   291  C  CD  . GLN A 1 65  ? -8.173  -13.075 11.405  1.00 56.39  ? 95  GLN A CD  1 
ATOM   292  O  OE1 . GLN A 1 65  ? -8.342  -13.743 10.407  1.00 53.21  ? 95  GLN A OE1 1 
ATOM   293  N  NE2 . GLN A 1 65  ? -8.307  -13.572 12.623  1.00 62.51  ? 95  GLN A NE2 1 
ATOM   294  N  N   . GLU A 1 66  ? -6.760  -8.954  7.767   1.00 36.01  ? 96  GLU A N   1 
ATOM   295  C  CA  . GLU A 1 66  ? -6.246  -8.625  6.448   1.00 38.09  ? 96  GLU A CA  1 
ATOM   296  C  C   . GLU A 1 66  ? -5.226  -7.494  6.537   1.00 33.68  ? 96  GLU A C   1 
ATOM   297  O  O   . GLU A 1 66  ? -4.230  -7.517  5.827   1.00 36.47  ? 96  GLU A O   1 
ATOM   298  C  CB  . GLU A 1 66  ? -7.405  -8.243  5.532   1.00 36.45  ? 96  GLU A CB  1 
ATOM   299  C  CG  . GLU A 1 66  ? -8.345  -9.432  5.217   1.00 42.97  ? 96  GLU A CG  1 
ATOM   300  C  CD  . GLU A 1 66  ? -7.698  -10.540 4.387   1.00 48.29  ? 96  GLU A CD  1 
ATOM   301  O  OE1 . GLU A 1 66  ? -6.581  -10.358 3.801   1.00 47.90  ? 96  GLU A OE1 1 
ATOM   302  O  OE2 . GLU A 1 66  ? -8.321  -11.613 4.333   1.00 60.69  ? 96  GLU A OE2 1 
ATOM   303  N  N   . THR A 1 67  ? -5.499  -6.488  7.361   1.00 31.69  ? 97  THR A N   1 
ATOM   304  C  CA  . THR A 1 67  ? -4.580  -5.327  7.519   1.00 34.02  ? 97  THR A CA  1 
ATOM   305  C  C   . THR A 1 67  ? -3.283  -5.859  8.104   1.00 33.02  ? 97  THR A C   1 
ATOM   306  O  O   . THR A 1 67  ? -2.200  -5.502  7.640   1.00 37.78  ? 97  THR A O   1 
ATOM   307  C  CB  . THR A 1 67  ? -5.185  -4.276  8.449   1.00 31.48  ? 97  THR A CB  1 
ATOM   308  O  OG1 . THR A 1 67  ? -6.409  -3.827  7.878   1.00 35.19  ? 97  THR A OG1 1 
ATOM   309  C  CG2 . THR A 1 67  ? -4.291  -3.104  8.650   1.00 33.23  ? 97  THR A CG2 1 
ATOM   310  N  N   . ALA A 1 68  ? -3.404  -6.735  9.093   1.00 32.96  ? 98  ALA A N   1 
ATOM   311  C  CA  . ALA A 1 68  ? -2.273  -7.299  9.815   1.00 33.29  ? 98  ALA A CA  1 
ATOM   312  C  C   . ALA A 1 68  ? -1.385  -8.152  8.921   1.00 33.14  ? 98  ALA A C   1 
ATOM   313  O  O   . ALA A 1 68  ? -0.163  -8.038  8.931   1.00 30.36  ? 98  ALA A O   1 
ATOM   314  C  CB  . ALA A 1 68  ? -2.792  -8.144  10.977  1.00 36.12  ? 98  ALA A CB  1 
ATOM   315  N  N   . TYR A 1 69  ? -2.019  -9.005  8.133   1.00 31.13  ? 99  TYR A N   1 
ATOM   316  C  CA  . TYR A 1 69  ? -1.327  -9.827  7.163   1.00 33.31  ? 99  TYR A CA  1 
ATOM   317  C  C   . TYR A 1 69  ? -0.639  -8.964  6.080   1.00 33.39  ? 99  TYR A C   1 
ATOM   318  O  O   . TYR A 1 69  ? 0.553   -9.152  5.737   1.00 30.42  ? 99  TYR A O   1 
ATOM   319  C  CB  . TYR A 1 69  ? -2.310  -10.864 6.556   1.00 33.30  ? 99  TYR A CB  1 
ATOM   320  C  CG  . TYR A 1 69  ? -1.616  -11.802 5.599   1.00 35.73  ? 99  TYR A CG  1 
ATOM   321  C  CD1 . TYR A 1 69  ? -0.648  -12.678 6.064   1.00 33.98  ? 99  TYR A CD1 1 
ATOM   322  C  CD2 . TYR A 1 69  ? -1.879  -11.774 4.232   1.00 35.89  ? 99  TYR A CD2 1 
ATOM   323  C  CE1 . TYR A 1 69  ? 0.012   -13.506 5.219   1.00 33.78  ? 99  TYR A CE1 1 
ATOM   324  C  CE2 . TYR A 1 69  ? -1.236  -12.632 3.378   1.00 37.13  ? 99  TYR A CE2 1 
ATOM   325  C  CZ  . TYR A 1 69  ? -0.274  -13.480 3.885   1.00 40.36  ? 99  TYR A CZ  1 
ATOM   326  O  OH  . TYR A 1 69  ? 0.384   -14.330 3.065   1.00 39.18  ? 99  TYR A OH  1 
ATOM   327  N  N   . PHE A 1 70  ? -1.336  -7.955  5.592   1.00 32.03  ? 100 PHE A N   1 
ATOM   328  C  CA  . PHE A 1 70  ? -0.687  -6.981  4.648   1.00 35.17  ? 100 PHE A CA  1 
ATOM   329  C  C   . PHE A 1 70  ? 0.579   -6.303  5.202   1.00 32.91  ? 100 PHE A C   1 
ATOM   330  O  O   . PHE A 1 70  ? 1.642   -6.217  4.543   1.00 29.11  ? 100 PHE A O   1 
ATOM   331  C  CB  . PHE A 1 70  ? -1.693  -5.925  4.262   1.00 37.80  ? 100 PHE A CB  1 
ATOM   332  C  CG  . PHE A 1 70  ? -1.228  -4.995  3.234   1.00 38.24  ? 100 PHE A CG  1 
ATOM   333  C  CD1 . PHE A 1 70  ? -0.570  -3.852  3.590   1.00 37.55  ? 100 PHE A CD1 1 
ATOM   334  C  CD2 . PHE A 1 70  ? -1.497  -5.234  1.899   1.00 39.44  ? 100 PHE A CD2 1 
ATOM   335  C  CE1 . PHE A 1 70  ? -0.126  -2.970  2.642   1.00 38.76  ? 100 PHE A CE1 1 
ATOM   336  C  CE2 . PHE A 1 70  ? -1.066  -4.334  0.931   1.00 43.03  ? 100 PHE A CE2 1 
ATOM   337  C  CZ  . PHE A 1 70  ? -0.379  -3.193  1.315   1.00 41.48  ? 100 PHE A CZ  1 
ATOM   338  N  N   . LEU A 1 71  ? 0.453   -5.856  6.448   1.00 34.29  ? 101 LEU A N   1 
ATOM   339  C  CA  . LEU A 1 71  ? 1.520   -5.187  7.160   1.00 32.51  ? 101 LEU A CA  1 
ATOM   340  C  C   . LEU A 1 71  ? 2.709   -6.076  7.344   1.00 33.98  ? 101 LEU A C   1 
ATOM   341  O  O   . LEU A 1 71  ? 3.826   -5.650  7.150   1.00 30.96  ? 101 LEU A O   1 
ATOM   342  C  CB  . LEU A 1 71  ? 1.062   -4.669  8.519   1.00 36.83  ? 101 LEU A CB  1 
ATOM   343  C  CG  . LEU A 1 71  ? 0.335   -3.327  8.482   1.00 38.46  ? 101 LEU A CG  1 
ATOM   344  C  CD1 . LEU A 1 71  ? -0.164  -3.042  9.891   1.00 39.99  ? 101 LEU A CD1 1 
ATOM   345  C  CD2 . LEU A 1 71  ? 1.314   -2.238  8.090   1.00 42.15  ? 101 LEU A CD2 1 
ATOM   346  N  N   . LEU A 1 72  ? 2.450   -7.326  7.679   1.00 35.60  ? 102 LEU A N   1 
ATOM   347  C  CA  . LEU A 1 72  ? 3.493   -8.317  7.785   1.00 35.45  ? 102 LEU A CA  1 
ATOM   348  C  C   . LEU A 1 72  ? 4.188   -8.514  6.446   1.00 33.94  ? 102 LEU A C   1 
ATOM   349  O  O   . LEU A 1 72  ? 5.433   -8.621  6.391   1.00 33.22  ? 102 LEU A O   1 
ATOM   350  C  CB  . LEU A 1 72  ? 2.914   -9.659  8.154   1.00 41.13  ? 102 LEU A CB  1 
ATOM   351  C  CG  . LEU A 1 72  ? 3.359   -10.400 9.341   1.00 52.05  ? 102 LEU A CG  1 
ATOM   352  C  CD1 . LEU A 1 72  ? 2.834   -11.818 9.081   1.00 47.59  ? 102 LEU A CD1 1 
ATOM   353  C  CD2 . LEU A 1 72  ? 4.864   -10.349 9.617   1.00 48.67  ? 102 LEU A CD2 1 
ATOM   354  N  N   . LYS A 1 73  ? 3.416   -8.607  5.362   1.00 31.43  ? 103 LYS A N   1 
ATOM   355  C  CA  . LYS A 1 73  ? 4.080   -8.759  4.076   1.00 34.19  ? 103 LYS A CA  1 
ATOM   356  C  C   . LYS A 1 73  ? 4.896   -7.493  3.729   1.00 33.08  ? 103 LYS A C   1 
ATOM   357  O  O   . LYS A 1 73  ? 5.987   -7.595  3.237   1.00 33.11  ? 103 LYS A O   1 
ATOM   358  C  CB  . LYS A 1 73  ? 3.090   -9.021  2.972   1.00 35.16  ? 103 LYS A CB  1 
ATOM   359  C  CG  . LYS A 1 73  ? 2.488   -10.401 3.053   1.00 41.47  ? 103 LYS A CG  1 
ATOM   360  C  CD  . LYS A 1 73  ? 1.797   -10.752 1.740   1.00 46.80  ? 103 LYS A CD  1 
ATOM   361  C  CE  . LYS A 1 73  ? 0.715   -9.718  1.451   1.00 59.17  ? 103 LYS A CE  1 
ATOM   362  N  NZ  . LYS A 1 73  ? -0.427  -10.277 0.719   1.00 63.94  ? 103 LYS A NZ  1 
ATOM   363  N  N   . LEU A 1 74  ? 4.371   -6.303  4.011   1.00 31.21  ? 104 LEU A N   1 
ATOM   364  C  CA  . LEU A 1 74  ? 5.087   -5.067  3.653   1.00 31.03  ? 104 LEU A CA  1 
ATOM   365  C  C   . LEU A 1 74  ? 6.385   -4.934  4.443   1.00 32.32  ? 104 LEU A C   1 
ATOM   366  O  O   . LEU A 1 74  ? 7.452   -4.628  3.910   1.00 30.69  ? 104 LEU A O   1 
ATOM   367  C  CB  . LEU A 1 74  ? 4.193   -3.870  3.957   1.00 34.85  ? 104 LEU A CB  1 
ATOM   368  C  CG  . LEU A 1 74  ? 4.627   -2.510  3.422   1.00 37.39  ? 104 LEU A CG  1 
ATOM   369  C  CD1 . LEU A 1 74  ? 4.452   -2.413  1.916   1.00 36.28  ? 104 LEU A CD1 1 
ATOM   370  C  CD2 . LEU A 1 74  ? 3.786   -1.455  4.087   1.00 35.91  ? 104 LEU A CD2 1 
ATOM   371  N  N   . ALA A 1 75  ? 6.323   -5.205  5.732   1.00 33.09  ? 105 ALA A N   1 
ATOM   372  C  CA  . ALA A 1 75  ? 7.493   -5.009  6.568   1.00 31.92  ? 105 ALA A CA  1 
ATOM   373  C  C   . ALA A 1 75  ? 8.616   -5.906  6.189   1.00 34.42  ? 105 ALA A C   1 
ATOM   374  O  O   . ALA A 1 75  ? 9.759   -5.659  6.528   1.00 33.03  ? 105 ALA A O   1 
ATOM   375  C  CB  . ALA A 1 75  ? 7.115   -5.266  8.021   1.00 35.72  ? 105 ALA A CB  1 
ATOM   376  N  N   . GLY A 1 76  ? 8.295   -7.045  5.578   1.00 32.39  ? 106 GLY A N   1 
ATOM   377  C  CA  . GLY A 1 76  ? 9.361   -7.965  5.193   1.00 34.97  ? 106 GLY A CA  1 
ATOM   378  C  C   . GLY A 1 76  ? 10.110  -7.562  3.936   1.00 33.21  ? 106 GLY A C   1 
ATOM   379  O  O   . GLY A 1 76  ? 11.192  -8.069  3.695   1.00 33.13  ? 106 GLY A O   1 
ATOM   380  N  N   . ARG A 1 77  ? 9.535   -6.665  3.153   1.00 33.38  ? 107 ARG A N   1 
ATOM   381  C  CA  . ARG A 1 77  ? 10.101  -6.183  1.899   1.00 43.60  ? 107 ARG A CA  1 
ATOM   382  C  C   . ARG A 1 77  ? 10.828  -4.867  1.976   1.00 40.62  ? 107 ARG A C   1 
ATOM   383  O  O   . ARG A 1 77  ? 11.733  -4.622  1.245   1.00 49.16  ? 107 ARG A O   1 
ATOM   384  C  CB  . ARG A 1 77  ? 9.002   -5.917  0.894   1.00 43.81  ? 107 ARG A CB  1 
ATOM   385  C  CG  . ARG A 1 77  ? 8.013   -7.012  0.679   1.00 57.26  ? 107 ARG A CG  1 
ATOM   386  C  CD  . ARG A 1 77  ? 7.090   -6.637  -0.466  1.00 62.06  ? 107 ARG A CD  1 
ATOM   387  N  NE  . ARG A 1 77  ? 6.184   -7.727  -0.709  1.00 75.55  ? 107 ARG A NE  1 
ATOM   388  C  CZ  . ARG A 1 77  ? 4.881   -7.684  -0.513  1.00 90.58  ? 107 ARG A CZ  1 
ATOM   389  N  NH1 . ARG A 1 77  ? 4.299   -6.585  -0.091  1.00 78.49  ? 107 ARG A NH1 1 
ATOM   390  N  NH2 . ARG A 1 77  ? 4.156   -8.762  -0.755  1.00 97.63  ? 107 ARG A NH2 1 
ATOM   391  N  N   . TRP A 1 78  ? 10.358  -4.004  2.829   1.00 34.16  ? 108 TRP A N   1 
ATOM   392  C  CA  . TRP A 1 78  ? 10.879  -2.681  3.006   1.00 36.23  ? 108 TRP A CA  1 
ATOM   393  C  C   . TRP A 1 78  ? 11.083  -2.437  4.505   1.00 40.40  ? 108 TRP A C   1 
ATOM   394  O  O   . TRP A 1 78  ? 10.416  -3.072  5.368   1.00 39.82  ? 108 TRP A O   1 
ATOM   395  C  CB  . TRP A 1 78  ? 9.875   -1.621  2.498   1.00 36.49  ? 108 TRP A CB  1 
ATOM   396  C  CG  . TRP A 1 78  ? 9.500   -1.775  1.070   1.00 35.38  ? 108 TRP A CG  1 
ATOM   397  C  CD1 . TRP A 1 78  ? 8.318   -2.221  0.576   1.00 37.52  ? 108 TRP A CD1 1 
ATOM   398  C  CD2 . TRP A 1 78  ? 10.319  -1.487  -0.055  1.00 38.21  ? 108 TRP A CD2 1 
ATOM   399  N  NE1 . TRP A 1 78  ? 8.338   -2.216  -0.794  1.00 38.08  ? 108 TRP A NE1 1 
ATOM   400  C  CE2 . TRP A 1 78  ? 9.553   -1.770  -1.213  1.00 38.32  ? 108 TRP A CE2 1 
ATOM   401  C  CE3 . TRP A 1 78  ? 11.623  -1.017  -0.200  1.00 36.47  ? 108 TRP A CE3 1 
ATOM   402  C  CZ2 . TRP A 1 78  ? 10.045  -1.603  -2.503  1.00 37.86  ? 108 TRP A CZ2 1 
ATOM   403  C  CZ3 . TRP A 1 78  ? 12.125  -0.849  -1.475  1.00 39.35  ? 108 TRP A CZ3 1 
ATOM   404  C  CH2 . TRP A 1 78  ? 11.314  -1.151  -2.630  1.00 38.17  ? 108 TRP A CH2 1 
ATOM   405  N  N   . PRO A 1 79  ? 11.917  -1.446  4.838   1.00 42.15  ? 109 PRO A N   1 
ATOM   406  C  CA  . PRO A 1 79  ? 12.074  -1.063  6.227   1.00 40.78  ? 109 PRO A CA  1 
ATOM   407  C  C   . PRO A 1 79  ? 10.925  -0.139  6.697   1.00 46.48  ? 109 PRO A C   1 
ATOM   408  O  O   . PRO A 1 79  ? 11.038  1.055   6.589   1.00 54.71  ? 109 PRO A O   1 
ATOM   409  C  CB  . PRO A 1 79  ? 13.470  -0.367  6.229   1.00 45.68  ? 109 PRO A CB  1 
ATOM   410  C  CG  . PRO A 1 79  ? 13.622  0.156   4.858   1.00 43.11  ? 109 PRO A CG  1 
ATOM   411  C  CD  . PRO A 1 79  ? 12.796  -0.693  3.932   1.00 42.56  ? 109 PRO A CD  1 
ATOM   412  N  N   . VAL A 1 80  ? 9.852   -0.708  7.258   1.00 41.54  ? 110 VAL A N   1 
ATOM   413  C  CA  . VAL A 1 80  ? 8.674   0.021   7.654   1.00 38.09  ? 110 VAL A CA  1 
ATOM   414  C  C   . VAL A 1 80  ? 8.873   0.372   9.122   1.00 47.05  ? 110 VAL A C   1 
ATOM   415  O  O   . VAL A 1 80  ? 8.848   -0.516  9.977   1.00 46.80  ? 110 VAL A O   1 
ATOM   416  C  CB  . VAL A 1 80  ? 7.416   -0.825  7.483   1.00 36.65  ? 110 VAL A CB  1 
ATOM   417  C  CG1 . VAL A 1 80  ? 6.195   0.011   7.778   1.00 38.78  ? 110 VAL A CG1 1 
ATOM   418  C  CG2 . VAL A 1 80  ? 7.320   -1.374  6.056   1.00 39.04  ? 110 VAL A CG2 1 
ATOM   419  N  N   . LYS A 1 81  ? 9.060   1.659   9.419   1.00 44.24  ? 111 LYS A N   1 
ATOM   420  C  CA  . LYS A 1 81  ? 9.254   2.108   10.805  1.00 48.14  ? 111 LYS A CA  1 
ATOM   421  C  C   . LYS A 1 81  ? 7.942   2.606   11.369  1.00 42.45  ? 111 LYS A C   1 
ATOM   422  O  O   . LYS A 1 81  ? 7.546   2.205   12.437  1.00 37.92  ? 111 LYS A O   1 
ATOM   423  C  CB  . LYS A 1 81  ? 10.271  3.234   10.870  1.00 58.67  ? 111 LYS A CB  1 
ATOM   424  C  CG  . LYS A 1 81  ? 11.681  2.831   10.462  1.00 72.46  ? 111 LYS A CG  1 
ATOM   425  C  CD  . LYS A 1 81  ? 12.507  2.242   11.623  1.00 89.13  ? 111 LYS A CD  1 
ATOM   426  C  CE  . LYS A 1 81  ? 12.500  0.717   11.656  1.00 92.85  ? 111 LYS A CE  1 
ATOM   427  N  NZ  . LYS A 1 81  ? 13.182  0.098   10.472  1.00 97.75  ? 111 LYS A NZ  1 
ATOM   428  N  N   . THR A 1 82  ? 7.244   3.464   10.622  1.00 39.06  ? 112 THR A N   1 
ATOM   429  C  CA  . THR A 1 82  ? 6.032   4.058   11.105  1.00 41.16  ? 112 THR A CA  1 
ATOM   430  C  C   . THR A 1 82  ? 4.968   4.063   10.031  1.00 38.58  ? 112 THR A C   1 
ATOM   431  O  O   . THR A 1 82  ? 5.254   4.306   8.843   1.00 37.77  ? 112 THR A O   1 
ATOM   432  C  CB  . THR A 1 82  ? 6.248   5.539   11.532  1.00 43.60  ? 112 THR A CB  1 
ATOM   433  O  OG1 . THR A 1 82  ? 6.686   6.260   10.402  1.00 59.83  ? 112 THR A OG1 1 
ATOM   434  C  CG2 . THR A 1 82  ? 7.273   5.674   12.622  1.00 44.43  ? 112 THR A CG2 1 
ATOM   435  N  N   . VAL A 1 83  ? 3.743   3.833   10.472  1.00 34.38  ? 113 VAL A N   1 
ATOM   436  C  CA  . VAL A 1 83  ? 2.597   3.789   9.619   1.00 38.05  ? 113 VAL A CA  1 
ATOM   437  C  C   . VAL A 1 83  ? 1.515   4.745   10.052  1.00 37.55  ? 113 VAL A C   1 
ATOM   438  O  O   . VAL A 1 83  ? 1.128   4.734   11.207  1.00 43.31  ? 113 VAL A O   1 
ATOM   439  C  CB  . VAL A 1 83  ? 1.963   2.394   9.587   1.00 41.12  ? 113 VAL A CB  1 
ATOM   440  C  CG1 . VAL A 1 83  ? 0.752   2.431   8.652   1.00 46.68  ? 113 VAL A CG1 1 
ATOM   441  C  CG2 . VAL A 1 83  ? 2.943   1.377   9.048   1.00 39.40  ? 113 VAL A CG2 1 
ATOM   442  N  N   . HIS A 1 84  ? 1.012   5.538   9.097   1.00 40.83  ? 114 HIS A N   1 
ATOM   443  C  CA  . HIS A 1 84  ? -0.070  6.513   9.309   1.00 43.33  ? 114 HIS A CA  1 
ATOM   444  C  C   . HIS A 1 84  ? -1.287  6.042   8.514   1.00 42.42  ? 114 HIS A C   1 
ATOM   445  O  O   . HIS A 1 84  ? -1.157  5.310   7.529   1.00 38.13  ? 114 HIS A O   1 
ATOM   446  C  CB  . HIS A 1 84  ? 0.284   7.930   8.805   1.00 47.07  ? 114 HIS A CB  1 
ATOM   447  C  CG  . HIS A 1 84  ? 1.532   8.524   9.398   1.00 76.72  ? 114 HIS A CG  1 
ATOM   448  N  ND1 . HIS A 1 84  ? 1.999   8.223   10.667  1.00 93.96  ? 114 HIS A ND1 1 
ATOM   449  C  CD2 . HIS A 1 84  ? 2.402   9.439   8.892   1.00 83.55  ? 114 HIS A CD2 1 
ATOM   450  C  CE1 . HIS A 1 84  ? 3.110   8.906   10.904  1.00 90.38  ? 114 HIS A CE1 1 
ATOM   451  N  NE2 . HIS A 1 84  ? 3.372   9.652   9.848   1.00 93.36  ? 114 HIS A NE2 1 
ATOM   452  N  N   . THR A 1 85  ? -2.461  6.521   8.887   1.00 40.42  ? 115 THR A N   1 
ATOM   453  C  CA  . THR A 1 85  ? -3.691  6.164   8.185   1.00 40.95  ? 115 THR A CA  1 
ATOM   454  C  C   . THR A 1 85  ? -4.625  7.325   8.277   1.00 39.17  ? 115 THR A C   1 
ATOM   455  O  O   . THR A 1 85  ? -4.447  8.173   9.128   1.00 40.78  ? 115 THR A O   1 
ATOM   456  C  CB  . THR A 1 85  ? -4.338  4.889   8.771   1.00 38.51  ? 115 THR A CB  1 
ATOM   457  O  OG1 . THR A 1 85  ? -5.468  4.488   7.985   1.00 34.39  ? 115 THR A OG1 1 
ATOM   458  C  CG2 . THR A 1 85  ? -4.800  5.079   10.238  1.00 45.99  ? 115 THR A CG2 1 
ATOM   459  N  N   . ASP A 1 86  ? -5.617  7.344   7.399   1.00 40.16  ? 116 ASP A N   1 
ATOM   460  C  CA  . ASP A 1 86  ? -6.697  8.338   7.442   1.00 41.60  ? 116 ASP A CA  1 
ATOM   461  C  C   . ASP A 1 86  ? -7.859  7.817   8.255   1.00 41.65  ? 116 ASP A C   1 
ATOM   462  O  O   . ASP A 1 86  ? -8.809  8.556   8.429   1.00 42.45  ? 116 ASP A O   1 
ATOM   463  C  CB  . ASP A 1 86  ? -7.225  8.735   6.019   1.00 47.30  ? 116 ASP A CB  1 
ATOM   464  C  CG  . ASP A 1 86  ? -6.399  9.891   5.387   1.00 62.46  ? 116 ASP A CG  1 
ATOM   465  O  OD1 . ASP A 1 86  ? -5.467  10.422  6.063   1.00 58.34  ? 116 ASP A OD1 1 
ATOM   466  O  OD2 . ASP A 1 86  ? -6.669  10.274  4.215   1.00 69.61  ? 116 ASP A OD2 1 
ATOM   467  N  N   . ASN A 1 87  ? -7.820  6.563   8.712   1.00 33.92  ? 117 ASN A N   1 
ATOM   468  C  CA  . ASN A 1 87  ? -8.889  6.043   9.546   1.00 36.02  ? 117 ASN A CA  1 
ATOM   469  C  C   . ASN A 1 87  ? -8.234  5.336   10.695  1.00 38.73  ? 117 ASN A C   1 
ATOM   470  O  O   . ASN A 1 87  ? -7.913  4.159   10.605  1.00 34.68  ? 117 ASN A O   1 
ATOM   471  C  CB  . ASN A 1 87  ? -9.880  5.156   8.781   1.00 36.14  ? 117 ASN A CB  1 
ATOM   472  C  CG  . ASN A 1 87  ? -11.045 4.665   9.687   1.00 41.71  ? 117 ASN A CG  1 
ATOM   473  O  OD1 . ASN A 1 87  ? -11.059 4.840   10.908  1.00 40.40  ? 117 ASN A OD1 1 
ATOM   474  N  ND2 . ASN A 1 87  ? -12.014 4.047   9.079   1.00 40.26  ? 117 ASN A ND2 1 
ATOM   475  N  N   . GLY A 1 88  ? -7.986  6.084   11.777  1.00 32.84  ? 118 GLY A N   1 
ATOM   476  C  CA  . GLY A 1 88  ? -7.352  5.538   12.953  1.00 34.16  ? 118 GLY A CA  1 
ATOM   477  C  C   . GLY A 1 88  ? -7.939  4.272   13.578  1.00 35.60  ? 118 GLY A C   1 
ATOM   478  O  O   . GLY A 1 88  ? -7.198  3.440   14.172  1.00 35.76  ? 118 GLY A O   1 
ATOM   479  N  N   . SER A 1 89  ? -9.245  4.113   13.455  1.00 33.57  ? 119 SER A N   1 
ATOM   480  C  CA  . SER A 1 89  ? -9.904  2.934   13.999  1.00 38.46  ? 119 SER A CA  1 
ATOM   481  C  C   . SER A 1 89  ? -9.471  1.653   13.253  1.00 40.61  ? 119 SER A C   1 
ATOM   482  O  O   . SER A 1 89  ? -9.668  0.572   13.744  1.00 43.62  ? 119 SER A O   1 
ATOM   483  C  CB  . SER A 1 89  ? -11.433 3.072   13.933  1.00 35.83  ? 119 SER A CB  1 
ATOM   484  O  OG  . SER A 1 89  ? -11.861 3.108   12.573  1.00 36.43  ? 119 SER A OG  1 
ATOM   485  N  N   . ASN A 1 90  ? -8.896  1.784   12.062  1.00 43.63  ? 120 ASN A N   1 
ATOM   486  C  CA  . ASN A 1 90  ? -8.276  0.633   11.337  1.00 43.67  ? 120 ASN A CA  1 
ATOM   487  C  C   . ASN A 1 90  ? -7.210  -0.153  12.136  1.00 40.96  ? 120 ASN A C   1 
ATOM   488  O  O   . ASN A 1 90  ? -6.957  -1.305  11.814  1.00 43.66  ? 120 ASN A O   1 
ATOM   489  C  CB  . ASN A 1 90  ? -7.486  1.144   10.119  1.00 45.26  ? 120 ASN A CB  1 
ATOM   490  C  CG  . ASN A 1 90  ? -8.347  1.527   8.952   1.00 49.08  ? 120 ASN A CG  1 
ATOM   491  O  OD1 . ASN A 1 90  ? -9.467  1.030   8.822   1.00 52.20  ? 120 ASN A OD1 1 
ATOM   492  N  ND2 . ASN A 1 90  ? -7.777  2.384   8.029   1.00 47.98  ? 120 ASN A ND2 1 
ATOM   493  N  N   . PHE A 1 91  ? -6.514  0.525   13.036  1.00 38.04  ? 121 PHE A N   1 
ATOM   494  C  CA  . PHE A 1 91  ? -5.357  -0.001  13.770  1.00 42.82  ? 121 PHE A CA  1 
ATOM   495  C  C   . PHE A 1 91  ? -5.658  -0.318  15.219  1.00 45.22  ? 121 PHE A C   1 
ATOM   496  O  O   . PHE A 1 91  ? -4.774  -0.373  16.069  1.00 43.10  ? 121 PHE A O   1 
ATOM   497  C  CB  . PHE A 1 91  ? -4.239  1.033   13.798  1.00 42.41  ? 121 PHE A CB  1 
ATOM   498  C  CG  . PHE A 1 91  ? -3.632  1.334   12.433  1.00 46.71  ? 121 PHE A CG  1 
ATOM   499  C  CD1 . PHE A 1 91  ? -3.798  0.453   11.342  1.00 41.90  ? 121 PHE A CD1 1 
ATOM   500  C  CD2 . PHE A 1 91  ? -2.832  2.479   12.270  1.00 44.60  ? 121 PHE A CD2 1 
ATOM   501  C  CE1 . PHE A 1 91  ? -3.256  0.753   10.088  1.00 52.24  ? 121 PHE A CE1 1 
ATOM   502  C  CE2 . PHE A 1 91  ? -2.269  2.775   11.026  1.00 52.87  ? 121 PHE A CE2 1 
ATOM   503  C  CZ  . PHE A 1 91  ? -2.471  1.895   9.938   1.00 47.88  ? 121 PHE A CZ  1 
ATOM   504  N  N   . THR A 1 92  ? -6.910  -0.582  15.466  1.00 42.97  ? 122 THR A N   1 
ATOM   505  C  CA  . THR A 1 92  ? -7.439  -0.656  16.811  1.00 46.69  ? 122 THR A CA  1 
ATOM   506  C  C   . THR A 1 92  ? -7.442  -2.156  17.249  1.00 44.91  ? 122 THR A C   1 
ATOM   507  O  O   . THR A 1 92  ? -7.165  -2.467  18.401  1.00 47.80  ? 122 THR A O   1 
ATOM   508  C  CB  . THR A 1 92  ? -8.829  0.018   16.706  1.00 57.22  ? 122 THR A CB  1 
ATOM   509  O  OG1 . THR A 1 92  ? -9.026  0.955   17.754  1.00 60.34  ? 122 THR A OG1 1 
ATOM   510  C  CG2 . THR A 1 92  ? -9.955  -0.977  16.499  1.00 50.87  ? 122 THR A CG2 1 
ATOM   511  N  N   . SER A 1 93  ? -7.635  -3.075  16.307  1.00 40.63  ? 123 SER A N   1 
ATOM   512  C  CA  . SER A 1 93  ? -7.690  -4.486  16.593  1.00 45.58  ? 123 SER A CA  1 
ATOM   513  C  C   . SER A 1 93  ? -6.369  -5.022  17.176  1.00 44.26  ? 123 SER A C   1 
ATOM   514  O  O   . SER A 1 93  ? -5.260  -4.544  16.947  1.00 38.60  ? 123 SER A O   1 
ATOM   515  C  CB  . SER A 1 93  ? -8.143  -5.325  15.407  1.00 45.83  ? 123 SER A CB  1 
ATOM   516  O  OG  . SER A 1 93  ? -7.066  -5.743  14.599  1.00 46.15  ? 123 SER A OG  1 
ATOM   517  N  N   . THR A 1 94  ? -6.594  -5.977  18.023  1.00 39.22  ? 124 THR A N   1 
ATOM   518  C  CA  . THR A 1 94  ? -5.578  -6.641  18.758  1.00 45.80  ? 124 THR A CA  1 
ATOM   519  C  C   . THR A 1 94  ? -4.649  -7.325  17.751  1.00 37.88  ? 124 THR A C   1 
ATOM   520  O  O   . THR A 1 94  ? -3.445  -7.276  17.927  1.00 43.38  ? 124 THR A O   1 
ATOM   521  C  CB  . THR A 1 94  ? -6.215  -7.644  19.770  1.00 44.22  ? 124 THR A CB  1 
ATOM   522  O  OG1 . THR A 1 94  ? -6.706  -6.891  20.884  1.00 56.53  ? 124 THR A OG1 1 
ATOM   523  C  CG2 . THR A 1 94  ? -5.182  -8.539  20.336  1.00 52.02  ? 124 THR A CG2 1 
ATOM   524  N  N   . THR A 1 95  ? -5.201  -7.867  16.670  1.00 36.70  ? 125 THR A N   1 
ATOM   525  C  CA  . THR A 1 95  ? -4.396  -8.584  15.697  1.00 38.53  ? 125 THR A CA  1 
ATOM   526  C  C   . THR A 1 95  ? -3.477  -7.637  14.863  1.00 39.42  ? 125 THR A C   1 
ATOM   527  O  O   . THR A 1 95  ? -2.318  -7.954  14.654  1.00 35.71  ? 125 THR A O   1 
ATOM   528  C  CB  . THR A 1 95  ? -5.168  -9.643  14.912  1.00 46.46  ? 125 THR A CB  1 
ATOM   529  O  OG1 . THR A 1 95  ? -5.133  -9.396  13.525  1.00 56.56  ? 125 THR A OG1 1 
ATOM   530  C  CG2 . THR A 1 95  ? -6.546  -9.832  15.398  1.00 44.78  ? 125 THR A CG2 1 
ATOM   531  N  N   . VAL A 1 96  ? -3.963  -6.456  14.482  1.00 36.63  ? 126 VAL A N   1 
ATOM   532  C  CA  . VAL A 1 96  ? -3.117  -5.421  13.895  1.00 36.78  ? 126 VAL A CA  1 
ATOM   533  C  C   . VAL A 1 96  ? -1.982  -5.019  14.870  1.00 37.26  ? 126 VAL A C   1 
ATOM   534  O  O   . VAL A 1 96  ? -0.835  -4.963  14.502  1.00 33.82  ? 126 VAL A O   1 
ATOM   535  C  CB  . VAL A 1 96  ? -3.935  -4.178  13.468  1.00 35.33  ? 126 VAL A CB  1 
ATOM   536  C  CG1 . VAL A 1 96  ? -3.026  -3.025  13.017  1.00 36.09  ? 126 VAL A CG1 1 
ATOM   537  C  CG2 . VAL A 1 96  ? -4.898  -4.550  12.336  1.00 37.14  ? 126 VAL A CG2 1 
ATOM   538  N  N   . LYS A 1 97  ? -2.308  -4.766  16.120  1.00 36.60  ? 127 LYS A N   1 
ATOM   539  C  CA  . LYS A 1 97  ? -1.286  -4.395  17.091  1.00 40.22  ? 127 LYS A CA  1 
ATOM   540  C  C   . LYS A 1 97  ? -0.244  -5.482  17.288  1.00 34.84  ? 127 LYS A C   1 
ATOM   541  O  O   . LYS A 1 97  ? 0.921   -5.179  17.472  1.00 34.11  ? 127 LYS A O   1 
ATOM   542  C  CB  . LYS A 1 97  ? -1.923  -4.110  18.436  1.00 44.21  ? 127 LYS A CB  1 
ATOM   543  C  CG  . LYS A 1 97  ? -2.809  -2.895  18.421  1.00 46.92  ? 127 LYS A CG  1 
ATOM   544  C  CD  . LYS A 1 97  ? -3.388  -2.753  19.813  1.00 52.06  ? 127 LYS A CD  1 
ATOM   545  C  CE  . LYS A 1 97  ? -4.081  -1.417  19.916  1.00 61.53  ? 127 LYS A CE  1 
ATOM   546  N  NZ  . LYS A 1 97  ? -5.117  -1.539  20.981  1.00 74.00  ? 127 LYS A NZ  1 
ATOM   547  N  N   . ALA A 1 98  ? -0.684  -6.748  17.265  1.00 37.94  ? 128 ALA A N   1 
ATOM   548  C  CA  . ALA A 1 98  ? 0.215   -7.894  17.424  1.00 34.34  ? 128 ALA A CA  1 
ATOM   549  C  C   . ALA A 1 98  ? 1.189   -7.893  16.217  1.00 32.47  ? 128 ALA A C   1 
ATOM   550  O  O   . ALA A 1 98  ? 2.420   -7.936  16.410  1.00 34.38  ? 128 ALA A O   1 
ATOM   551  C  CB  . ALA A 1 98  ? -0.578  -9.197  17.534  1.00 33.39  ? 128 ALA A CB  1 
ATOM   552  N  N   . ALA A 1 99  ? 0.681   -7.660  15.015  1.00 33.67  ? 129 ALA A N   1 
ATOM   553  C  CA  . ALA A 1 99  ? 1.591   -7.602  13.813  1.00 31.30  ? 129 ALA A CA  1 
ATOM   554  C  C   . ALA A 1 99  ? 2.584   -6.497  13.838  1.00 33.38  ? 129 ALA A C   1 
ATOM   555  O  O   . ALA A 1 99  ? 3.781   -6.675  13.441  1.00 31.91  ? 129 ALA A O   1 
ATOM   556  C  CB  . ALA A 1 99  ? 0.790   -7.537  12.537  1.00 34.92  ? 129 ALA A CB  1 
HETATM 557  N  N   . CAS A 1 100 ? 2.134   -5.328  14.300  1.00 33.28  ? 130 CAS A N   1 
HETATM 558  C  CA  . CAS A 1 100 ? 3.043   -4.179  14.424  1.00 33.88  ? 130 CAS A CA  1 
HETATM 559  C  CB  . CAS A 1 100 ? 2.257   -2.877  14.730  1.00 37.51  ? 130 CAS A CB  1 
HETATM 560  C  C   . CAS A 1 100 ? 4.042   -4.399  15.539  1.00 35.40  ? 130 CAS A C   1 
HETATM 561  O  O   . CAS A 1 100 ? 5.184   -3.977  15.445  1.00 32.78  ? 130 CAS A O   1 
HETATM 562  S  SG  . CAS A 1 100 ? 1.243   -2.376  13.373  1.00 41.76  ? 130 CAS A SG  1 
HETATM 563  AS AS  . CAS A 1 100 ? 0.884   -0.233  13.970  1.00 55.90  ? 130 CAS A AS  1 
HETATM 564  C  CE1 . CAS A 1 100 ? 0.241   0.064   12.098  1.00 59.87  ? 130 CAS A CE1 1 
HETATM 565  C  CE2 . CAS A 1 100 ? -0.502  -0.368  15.347  1.00 55.13  ? 130 CAS A CE2 1 
ATOM   566  N  N   . TRP A 1 101 ? 3.599   -5.023  16.621  1.00 35.06  ? 131 TRP A N   1 
ATOM   567  C  CA  . TRP A 1 101 ? 4.525   -5.456  17.673  1.00 36.38  ? 131 TRP A CA  1 
ATOM   568  C  C   . TRP A 1 101 ? 5.638   -6.402  17.151  1.00 35.02  ? 131 TRP A C   1 
ATOM   569  O  O   . TRP A 1 101 ? 6.829   -6.134  17.336  1.00 35.03  ? 131 TRP A O   1 
ATOM   570  C  CB  . TRP A 1 101 ? 3.781   -6.124  18.784  1.00 37.62  ? 131 TRP A CB  1 
ATOM   571  C  CG  . TRP A 1 101 ? 4.678   -6.834  19.700  1.00 44.23  ? 131 TRP A CG  1 
ATOM   572  C  CD1 . TRP A 1 101 ? 5.466   -6.274  20.674  1.00 41.31  ? 131 TRP A CD1 1 
ATOM   573  C  CD2 . TRP A 1 101 ? 4.919   -8.239  19.739  1.00 46.07  ? 131 TRP A CD2 1 
ATOM   574  N  NE1 . TRP A 1 101 ? 6.161   -7.244  21.317  1.00 44.95  ? 131 TRP A NE1 1 
ATOM   575  C  CE2 . TRP A 1 101 ? 5.862   -8.465  20.766  1.00 43.77  ? 131 TRP A CE2 1 
ATOM   576  C  CE3 . TRP A 1 101 ? 4.462   -9.329  18.983  1.00 43.75  ? 131 TRP A CE3 1 
ATOM   577  C  CZ2 . TRP A 1 101 ? 6.353   -9.728  21.064  1.00 39.49  ? 131 TRP A CZ2 1 
ATOM   578  C  CZ3 . TRP A 1 101 ? 4.946   -10.612 19.290  1.00 46.70  ? 131 TRP A CZ3 1 
ATOM   579  C  CH2 . TRP A 1 101 ? 5.881   -10.796 20.338  1.00 42.91  ? 131 TRP A CH2 1 
ATOM   580  N  N   . TRP A 1 102 ? 5.251   -7.439  16.436  1.00 32.26  ? 132 TRP A N   1 
ATOM   581  C  CA  . TRP A 1 102 ? 6.204   -8.433  15.951  1.00 34.21  ? 132 TRP A CA  1 
ATOM   582  C  C   . TRP A 1 102 ? 7.187   -7.836  14.956  1.00 35.59  ? 132 TRP A C   1 
ATOM   583  O  O   . TRP A 1 102 ? 8.382   -8.101  15.021  1.00 33.39  ? 132 TRP A O   1 
ATOM   584  C  CB  . TRP A 1 102 ? 5.462   -9.621  15.343  1.00 38.01  ? 132 TRP A CB  1 
ATOM   585  C  CG  . TRP A 1 102 ? 6.348   -10.723 15.131  1.00 37.10  ? 132 TRP A CG  1 
ATOM   586  C  CD1 . TRP A 1 102 ? 6.672   -11.720 16.043  1.00 37.78  ? 132 TRP A CD1 1 
ATOM   587  C  CD2 . TRP A 1 102 ? 7.096   -11.011 13.932  1.00 35.96  ? 132 TRP A CD2 1 
ATOM   588  N  NE1 . TRP A 1 102 ? 7.600   -12.587 15.471  1.00 32.62  ? 132 TRP A NE1 1 
ATOM   589  C  CE2 . TRP A 1 102 ? 7.890   -12.172 14.196  1.00 33.21  ? 132 TRP A CE2 1 
ATOM   590  C  CE3 . TRP A 1 102 ? 7.186   -10.411 12.683  1.00 34.99  ? 132 TRP A CE3 1 
ATOM   591  C  CZ2 . TRP A 1 102 ? 8.708   -12.741 13.240  1.00 30.51  ? 132 TRP A CZ2 1 
ATOM   592  C  CZ3 . TRP A 1 102 ? 8.052   -10.970 11.736  1.00 35.70  ? 132 TRP A CZ3 1 
ATOM   593  C  CH2 . TRP A 1 102 ? 8.796   -12.110 12.035  1.00 36.07  ? 132 TRP A CH2 1 
ATOM   594  N  N   . ALA A 1 103 ? 6.677   -6.993  14.054  1.00 33.35  ? 133 ALA A N   1 
ATOM   595  C  CA  . ALA A 1 103 ? 7.495   -6.408  13.045  1.00 37.06  ? 133 ALA A CA  1 
ATOM   596  C  C   . ALA A 1 103 ? 8.233   -5.129  13.462  1.00 38.40  ? 133 ALA A C   1 
ATOM   597  O  O   . ALA A 1 103 ? 9.010   -4.603  12.683  1.00 36.09  ? 133 ALA A O   1 
ATOM   598  C  CB  . ALA A 1 103 ? 6.675   -6.146  11.788  1.00 37.66  ? 133 ALA A CB  1 
ATOM   599  N  N   . GLY A 1 104 ? 7.997   -4.611  14.647  1.00 39.02  ? 134 GLY A N   1 
ATOM   600  C  CA  . GLY A 1 104 ? 8.675   -3.356  15.053  1.00 41.12  ? 134 GLY A CA  1 
ATOM   601  C  C   . GLY A 1 104 ? 8.157   -2.094  14.367  1.00 39.33  ? 134 GLY A C   1 
ATOM   602  O  O   . GLY A 1 104 ? 8.920   -1.182  14.039  1.00 42.85  ? 134 GLY A O   1 
ATOM   603  N  N   . ILE A 1 105 ? 6.850   -2.028  14.162  1.00 39.92  ? 135 ILE A N   1 
ATOM   604  C  CA  . ILE A 1 105 ? 6.229   -0.897  13.502  1.00 39.75  ? 135 ILE A CA  1 
ATOM   605  C  C   . ILE A 1 105 ? 5.527   -0.076  14.542  1.00 40.21  ? 135 ILE A C   1 
ATOM   606  O  O   . ILE A 1 105 ? 4.889   -0.650  15.415  1.00 43.78  ? 135 ILE A O   1 
ATOM   607  C  CB  . ILE A 1 105 ? 5.175   -1.360  12.482  1.00 38.86  ? 135 ILE A CB  1 
ATOM   608  C  CG1 . ILE A 1 105 ? 5.839   -2.214  11.397  1.00 41.32  ? 135 ILE A CG1 1 
ATOM   609  C  CG2 . ILE A 1 105 ? 4.515   -0.156  11.836  1.00 40.02  ? 135 ILE A CG2 1 
ATOM   610  C  CD1 . ILE A 1 105 ? 4.872   -2.983  10.540  1.00 37.34  ? 135 ILE A CD1 1 
ATOM   611  N  N   . LYS A 1 106 ? 5.622   1.247   14.446  1.00 47.40  ? 136 LYS A N   1 
ATOM   612  C  CA  . LYS A 1 106 ? 4.870   2.190   15.351  1.00 50.70  ? 136 LYS A CA  1 
ATOM   613  C  C   . LYS A 1 106 ? 3.776   2.897   14.594  1.00 47.40  ? 136 LYS A C   1 
ATOM   614  O  O   . LYS A 1 106 ? 3.851   3.111   13.371  1.00 41.83  ? 136 LYS A O   1 
ATOM   615  C  CB  . LYS A 1 106 ? 5.811   3.269   15.925  1.00 65.53  ? 136 LYS A CB  1 
ATOM   616  C  CG  . LYS A 1 106 ? 6.560   2.884   17.201  1.00 79.14  ? 136 LYS A CG  1 
ATOM   617  C  CD  . LYS A 1 106 ? 7.687   1.877   16.964  1.00 98.57  ? 136 LYS A CD  1 
ATOM   618  C  CE  . LYS A 1 106 ? 8.062   1.078   18.222  1.00 97.84  ? 136 LYS A CE  1 
ATOM   619  N  NZ  . LYS A 1 106 ? 8.588   -0.279  17.876  1.00 93.73  ? 136 LYS A NZ  1 
ATOM   620  N  N   . GLN A 1 107 ? 2.736   3.269   15.302  1.00 53.56  ? 137 GLN A N   1 
ATOM   621  C  CA  . GLN A 1 107 ? 1.767   4.198   14.763  1.00 63.88  ? 137 GLN A CA  1 
ATOM   622  C  C   . GLN A 1 107 ? 2.197   5.559   15.260  1.00 70.64  ? 137 GLN A C   1 
ATOM   623  O  O   . GLN A 1 107 ? 1.779   6.546   14.687  1.00 84.15  ? 137 GLN A O   1 
ATOM   624  C  CB  . GLN A 1 107 ? 0.396   3.859   15.269  1.00 68.78  ? 137 GLN A CB  1 
ATOM   625  C  CG  . GLN A 1 107 ? -0.731  4.541   14.533  1.00 79.66  ? 137 GLN A CG  1 
ATOM   626  C  CD  . GLN A 1 107 ? -2.090  4.236   15.172  1.00 86.42  ? 137 GLN A CD  1 
ATOM   627  O  OE1 . GLN A 1 107 ? -2.199  3.412   16.104  1.00 72.28  ? 137 GLN A OE1 1 
ATOM   628  N  NE2 . GLN A 1 107 ? -3.138  4.890   14.664  1.00 83.01  ? 137 GLN A NE2 1 
ATOM   629  N  N   . MET A 1 124 ? -3.701  9.437   -3.282  1.00 68.36  ? 154 MET A N   1 
ATOM   630  C  CA  . MET A 1 124 ? -3.439  8.460   -4.365  1.00 64.79  ? 154 MET A CA  1 
ATOM   631  C  C   . MET A 1 124 ? -4.634  7.604   -4.726  1.00 62.20  ? 154 MET A C   1 
ATOM   632  O  O   . MET A 1 124 ? -4.635  6.999   -5.802  1.00 60.43  ? 154 MET A O   1 
ATOM   633  C  CB  . MET A 1 124 ? -2.290  7.512   -4.016  1.00 69.54  ? 154 MET A CB  1 
ATOM   634  C  CG  . MET A 1 124 ? -1.225  7.407   -5.117  1.00 73.14  ? 154 MET A CG  1 
ATOM   635  S  SD  . MET A 1 124 ? 0.164   8.502   -4.743  1.00 90.60  ? 154 MET A SD  1 
ATOM   636  C  CE  . MET A 1 124 ? -0.643  10.093  -4.476  1.00 82.74  ? 154 MET A CE  1 
ATOM   637  N  N   . ASN A 1 125 ? -5.636  7.521   -3.846  1.00 57.41  ? 155 ASN A N   1 
ATOM   638  C  CA  . ASN A 1 125 ? -6.808  6.685   -4.156  1.00 65.06  ? 155 ASN A CA  1 
ATOM   639  C  C   . ASN A 1 125 ? -7.480  7.087   -5.481  1.00 64.26  ? 155 ASN A C   1 
ATOM   640  O  O   . ASN A 1 125 ? -7.809  6.219   -6.285  1.00 63.36  ? 155 ASN A O   1 
ATOM   641  C  CB  . ASN A 1 125 ? -7.788  6.612   -2.972  1.00 66.46  ? 155 ASN A CB  1 
ATOM   642  C  CG  . ASN A 1 125 ? -7.307  5.649   -1.852  1.00 74.57  ? 155 ASN A CG  1 
ATOM   643  O  OD1 . ASN A 1 125 ? -6.326  4.904   -1.997  1.00 69.17  ? 155 ASN A OD1 1 
ATOM   644  N  ND2 . ASN A 1 125 ? -8.004  5.676   -0.718  1.00 80.60  ? 155 ASN A ND2 1 
ATOM   645  N  N   . LYS A 1 126 ? -7.574  8.392   -5.729  1.00 65.53  ? 156 LYS A N   1 
ATOM   646  C  CA  . LYS A 1 126 ? -8.072  8.941   -6.979  1.00 65.68  ? 156 LYS A CA  1 
ATOM   647  C  C   . LYS A 1 126 ? -7.125  8.667   -8.188  1.00 61.90  ? 156 LYS A C   1 
ATOM   648  O  O   . LYS A 1 126 ? -7.588  8.219   -9.238  1.00 59.33  ? 156 LYS A O   1 
ATOM   649  C  CB  . LYS A 1 126 ? -8.348  10.462  -6.825  1.00 66.82  ? 156 LYS A CB  1 
ATOM   650  N  N   . GLU A 1 127 ? -5.828  8.936   -8.068  1.00 55.82  ? 157 GLU A N   1 
ATOM   651  C  CA  . GLU A 1 127 ? -4.897  8.568   -9.154  1.00 58.34  ? 157 GLU A CA  1 
ATOM   652  C  C   . GLU A 1 127 ? -4.884  7.044   -9.513  1.00 60.13  ? 157 GLU A C   1 
ATOM   653  O  O   . GLU A 1 127 ? -4.805  6.629   -10.689 1.00 51.37  ? 157 GLU A O   1 
ATOM   654  C  CB  . GLU A 1 127 ? -3.488  9.006   -8.812  1.00 66.16  ? 157 GLU A CB  1 
ATOM   655  C  CG  . GLU A 1 127 ? -2.418  8.187   -9.536  1.00 84.17  ? 157 GLU A CG  1 
ATOM   656  C  CD  . GLU A 1 127 ? -1.088  8.896   -9.728  1.00 98.46  ? 157 GLU A CD  1 
ATOM   657  O  OE1 . GLU A 1 127 ? -0.757  9.797   -8.913  1.00 104.05 ? 157 GLU A OE1 1 
ATOM   658  O  OE2 . GLU A 1 127 ? -0.355  8.501   -10.681 1.00 100.08 ? 157 GLU A OE2 1 
ATOM   659  N  N   . LEU A 1 128 ? -4.962  6.212   -8.489  1.00 49.50  ? 158 LEU A N   1 
ATOM   660  C  CA  . LEU A 1 128 ? -4.894  4.795   -8.723  1.00 52.86  ? 158 LEU A CA  1 
ATOM   661  C  C   . LEU A 1 128 ? -6.178  4.368   -9.373  1.00 49.59  ? 158 LEU A C   1 
ATOM   662  O  O   . LEU A 1 128 ? -6.170  3.545   -10.301 1.00 51.90  ? 158 LEU A O   1 
ATOM   663  C  CB  . LEU A 1 128 ? -4.601  4.026   -7.413  1.00 53.86  ? 158 LEU A CB  1 
ATOM   664  C  CG  . LEU A 1 128 ? -4.628  2.492   -7.461  1.00 56.00  ? 158 LEU A CG  1 
ATOM   665  C  CD1 . LEU A 1 128 ? -3.504  1.967   -8.344  1.00 60.81  ? 158 LEU A CD1 1 
ATOM   666  C  CD2 . LEU A 1 128 ? -4.517  1.908   -6.079  1.00 57.58  ? 158 LEU A CD2 1 
ATOM   667  N  N   . LYS A 1 129 ? -7.307  4.891   -8.893  1.00 50.06  ? 159 LYS A N   1 
ATOM   668  C  CA  . LYS A 1 129 ? -8.578  4.553   -9.545  1.00 49.32  ? 159 LYS A CA  1 
ATOM   669  C  C   . LYS A 1 129 ? -8.599  4.988   -11.013 1.00 46.44  ? 159 LYS A C   1 
ATOM   670  O  O   . LYS A 1 129 ? -9.088  4.273   -11.914 1.00 50.47  ? 159 LYS A O   1 
ATOM   671  C  CB  . LYS A 1 129 ? -9.769  5.154   -8.792  1.00 56.33  ? 159 LYS A CB  1 
ATOM   672  C  CG  . LYS A 1 129 ? -10.150 4.331   -7.591  1.00 60.97  ? 159 LYS A CG  1 
ATOM   673  C  CD  . LYS A 1 129 ? -11.477 4.753   -6.963  1.00 68.80  ? 159 LYS A CD  1 
ATOM   674  C  CE  . LYS A 1 129 ? -11.561 4.213   -5.535  1.00 64.22  ? 159 LYS A CE  1 
ATOM   675  N  NZ  . LYS A 1 129 ? -12.788 4.622   -4.829  1.00 63.24  ? 159 LYS A NZ  1 
ATOM   676  N  N   . LYS A 1 130 ? -7.981  6.111   -11.275 1.00 43.34  ? 160 LYS A N   1 
ATOM   677  C  CA  . LYS A 1 130 ? -7.848  6.554   -12.645 1.00 52.14  ? 160 LYS A CA  1 
ATOM   678  C  C   . LYS A 1 130 ? -7.100  5.492   -13.482 1.00 46.50  ? 160 LYS A C   1 
ATOM   679  O  O   . LYS A 1 130 ? -7.611  5.019   -14.507 1.00 45.97  ? 160 LYS A O   1 
ATOM   680  C  CB  . LYS A 1 130 ? -7.124  7.882   -12.660 1.00 60.13  ? 160 LYS A CB  1 
ATOM   681  C  CG  . LYS A 1 130 ? -7.119  8.616   -13.983 1.00 70.84  ? 160 LYS A CG  1 
ATOM   682  C  CD  . LYS A 1 130 ? -6.260  9.877   -13.871 1.00 74.47  ? 160 LYS A CD  1 
ATOM   683  C  CE  . LYS A 1 130 ? -6.572  10.876  -14.975 1.00 83.81  ? 160 LYS A CE  1 
ATOM   684  N  NZ  . LYS A 1 130 ? -5.326  11.415  -15.589 1.00 87.01  ? 160 LYS A NZ  1 
ATOM   685  N  N   . ILE A 1 131 ? -5.907  5.095   -13.038 1.00 45.05  ? 161 ILE A N   1 
ATOM   686  C  CA  . ILE A 1 131 ? -5.145  4.078   -13.789 1.00 41.41  ? 161 ILE A CA  1 
ATOM   687  C  C   . ILE A 1 131 ? -5.953  2.771   -13.824 1.00 42.36  ? 161 ILE A C   1 
ATOM   688  O  O   . ILE A 1 131 ? -6.061  2.150   -14.884 1.00 39.81  ? 161 ILE A O   1 
ATOM   689  C  CB  . ILE A 1 131 ? -3.756  3.851   -13.230 1.00 46.23  ? 161 ILE A CB  1 
ATOM   690  C  CG1 . ILE A 1 131 ? -2.932  5.145   -13.308 1.00 46.22  ? 161 ILE A CG1 1 
ATOM   691  C  CG2 . ILE A 1 131 ? -3.040  2.750   -14.014 1.00 46.75  ? 161 ILE A CG2 1 
ATOM   692  C  CD1 . ILE A 1 131 ? -1.921  5.232   -12.195 1.00 47.31  ? 161 ILE A CD1 1 
ATOM   693  N  N   . ILE A 1 132 ? -6.626  2.407   -12.724 1.00 36.04  ? 162 ILE A N   1 
ATOM   694  C  CA  . ILE A 1 132 ? -7.462  1.185   -12.786 1.00 39.61  ? 162 ILE A CA  1 
ATOM   695  C  C   . ILE A 1 132 ? -8.497  1.270   -13.903 1.00 46.81  ? 162 ILE A C   1 
ATOM   696  O  O   . ILE A 1 132 ? -8.646  0.325   -14.752 1.00 42.36  ? 162 ILE A O   1 
ATOM   697  C  CB  . ILE A 1 132 ? -8.162  0.884   -11.425 1.00 38.28  ? 162 ILE A CB  1 
ATOM   698  C  CG1 . ILE A 1 132 ? -7.107  0.384   -10.418 1.00 43.97  ? 162 ILE A CG1 1 
ATOM   699  C  CG2 . ILE A 1 132 ? -9.236  -0.152  -11.597 1.00 37.91  ? 162 ILE A CG2 1 
ATOM   700  C  CD1 . ILE A 1 132 ? -7.553  0.370   -8.970  1.00 43.97  ? 162 ILE A CD1 1 
ATOM   701  N  N   . GLY A 1 133 ? -9.250  2.381   -13.891 1.00 45.76  ? 163 GLY A N   1 
ATOM   702  C  CA  . GLY A 1 133 ? -10.175 2.662   -15.001 1.00 45.04  ? 163 GLY A CA  1 
ATOM   703  C  C   . GLY A 1 133 ? -9.559  2.544   -16.401 1.00 44.17  ? 163 GLY A C   1 
ATOM   704  O  O   . GLY A 1 133 ? -10.127 1.929   -17.247 1.00 50.80  ? 163 GLY A O   1 
ATOM   705  N  N   . GLN A 1 134 ? -8.366  3.050   -16.630 1.00 45.61  ? 164 GLN A N   1 
ATOM   706  C  CA  . GLN A 1 134 ? -7.737  2.871   -17.958 1.00 47.95  ? 164 GLN A CA  1 
ATOM   707  C  C   . GLN A 1 134 ? -7.436  1.432   -18.354 1.00 55.46  ? 164 GLN A C   1 
ATOM   708  O  O   . GLN A 1 134 ? -7.521  1.123   -19.537 1.00 51.07  ? 164 GLN A O   1 
ATOM   709  C  CB  . GLN A 1 134 ? -6.454  3.653   -18.052 1.00 48.89  ? 164 GLN A CB  1 
ATOM   710  C  CG  . GLN A 1 134 ? -6.686  5.155   -18.044 1.00 50.88  ? 164 GLN A CG  1 
ATOM   711  C  CD  . GLN A 1 134 ? -5.471  5.875   -17.537 1.00 59.49  ? 164 GLN A CD  1 
ATOM   712  O  OE1 . GLN A 1 134 ? -4.432  5.264   -17.250 1.00 71.66  ? 164 GLN A OE1 1 
ATOM   713  N  NE2 . GLN A 1 134 ? -5.576  7.172   -17.433 1.00 55.99  ? 164 GLN A NE2 1 
ATOM   714  N  N   . VAL A 1 135 ? -7.120  0.549   -17.395 1.00 47.77  ? 165 VAL A N   1 
ATOM   715  C  CA  . VAL A 1 135 ? -6.753  -0.856  -17.760 1.00 44.77  ? 165 VAL A CA  1 
ATOM   716  C  C   . VAL A 1 135 ? -7.798  -1.874  -17.518 1.00 50.03  ? 165 VAL A C   1 
ATOM   717  O  O   . VAL A 1 135 ? -7.597  -3.036  -17.875 1.00 54.09  ? 165 VAL A O   1 
ATOM   718  C  CB  . VAL A 1 135 ? -5.451  -1.327  -17.051 1.00 47.24  ? 165 VAL A CB  1 
ATOM   719  C  CG1 . VAL A 1 135 ? -4.318  -0.410  -17.461 1.00 46.91  ? 165 VAL A CG1 1 
ATOM   720  C  CG2 . VAL A 1 135 ? -5.539  -1.374  -15.511 1.00 41.16  ? 165 VAL A CG2 1 
ATOM   721  N  N   . ARG A 1 136 ? -8.913  -1.468  -16.898 1.00 48.24  ? 166 ARG A N   1 
ATOM   722  C  CA  . ARG A 1 136 ? -9.899  -2.431  -16.355 1.00 51.01  ? 166 ARG A CA  1 
ATOM   723  C  C   . ARG A 1 136 ? -10.377 -3.459  -17.361 1.00 51.20  ? 166 ARG A C   1 
ATOM   724  O  O   . ARG A 1 136 ? -10.594 -4.629  -17.030 1.00 54.77  ? 166 ARG A O   1 
ATOM   725  C  CB  . ARG A 1 136 ? -11.140 -1.694  -15.790 1.00 44.99  ? 166 ARG A CB  1 
ATOM   726  C  CG  . ARG A 1 136 ? -12.143 -2.604  -15.103 1.00 49.60  ? 166 ARG A CG  1 
ATOM   727  C  CD  . ARG A 1 136 ? -11.534 -3.155  -13.807 1.00 50.51  ? 166 ARG A CD  1 
ATOM   728  N  NE  . ARG A 1 136 ? -12.307 -4.211  -13.179 1.00 42.57  ? 166 ARG A NE  1 
ATOM   729  C  CZ  . ARG A 1 136 ? -12.317 -5.482  -13.576 1.00 46.16  ? 166 ARG A CZ  1 
ATOM   730  N  NH1 . ARG A 1 136 ? -11.604 -5.919  -14.631 1.00 45.25  ? 166 ARG A NH1 1 
ATOM   731  N  NH2 . ARG A 1 136 ? -13.049 -6.348  -12.901 1.00 47.91  ? 166 ARG A NH2 1 
ATOM   732  N  N   . ASP A 1 137 ? -10.588 -2.995  -18.577 1.00 54.47  ? 167 ASP A N   1 
ATOM   733  C  CA  . ASP A 1 137 ? -11.185 -3.808  -19.625 1.00 64.77  ? 167 ASP A CA  1 
ATOM   734  C  C   . ASP A 1 137 ? -10.180 -4.835  -20.099 1.00 64.95  ? 167 ASP A C   1 
ATOM   735  O  O   . ASP A 1 137 ? -10.597 -5.817  -20.698 1.00 67.79  ? 167 ASP A O   1 
ATOM   736  C  CB  . ASP A 1 137 ? -11.618 -2.937  -20.812 1.00 74.24  ? 167 ASP A CB  1 
ATOM   737  C  CG  . ASP A 1 137 ? -10.426 -2.167  -21.431 1.00 96.44  ? 167 ASP A CG  1 
ATOM   738  O  OD1 . ASP A 1 137 ? -9.973  -1.135  -20.852 1.00 108.15 ? 167 ASP A OD1 1 
ATOM   739  O  OD2 . ASP A 1 137 ? -9.908  -2.631  -22.466 1.00 103.81 ? 167 ASP A OD2 1 
ATOM   740  N  N   . GLN A 1 138 ? -8.872  -4.627  -19.855 1.00 58.16  ? 168 GLN A N   1 
ATOM   741  C  CA  . GLN A 1 138 ? -7.865  -5.622  -20.238 1.00 51.88  ? 168 GLN A CA  1 
ATOM   742  C  C   . GLN A 1 138 ? -7.792  -6.820  -19.346 1.00 54.20  ? 168 GLN A C   1 
ATOM   743  O  O   . GLN A 1 138 ? -7.129  -7.811  -19.688 1.00 55.18  ? 168 GLN A O   1 
ATOM   744  C  CB  . GLN A 1 138 ? -6.500  -5.028  -20.304 1.00 56.49  ? 168 GLN A CB  1 
ATOM   745  C  CG  . GLN A 1 138 ? -6.436  -3.936  -21.351 1.00 64.01  ? 168 GLN A CG  1 
ATOM   746  C  CD  . GLN A 1 138 ? -5.314  -3.002  -21.049 1.00 74.45  ? 168 GLN A CD  1 
ATOM   747  O  OE1 . GLN A 1 138 ? -4.168  -3.438  -20.821 1.00 78.45  ? 168 GLN A OE1 1 
ATOM   748  N  NE2 . GLN A 1 138 ? -5.612  -1.701  -21.044 1.00 80.72  ? 168 GLN A NE2 1 
ATOM   749  N  N   . ALA A 1 139 ? -8.451  -6.771  -18.205 1.00 48.59  ? 169 ALA A N   1 
ATOM   750  C  CA  . ALA A 1 139 ? -8.418  -7.912  -17.346 1.00 46.87  ? 169 ALA A CA  1 
ATOM   751  C  C   . ALA A 1 139 ? -9.785  -8.314  -16.888 1.00 44.53  ? 169 ALA A C   1 
ATOM   752  O  O   . ALA A 1 139 ? -10.681 -7.510  -16.724 1.00 46.59  ? 169 ALA A O   1 
ATOM   753  C  CB  . ALA A 1 139 ? -7.561  -7.601  -16.154 1.00 48.42  ? 169 ALA A CB  1 
ATOM   754  N  N   . GLU A 1 140 ? -9.903  -9.577  -16.609 1.00 44.81  ? 170 GLU A N   1 
ATOM   755  C  CA  . GLU A 1 140 ? -11.087 -10.147 -16.032 1.00 50.15  ? 170 GLU A CA  1 
ATOM   756  C  C   . GLU A 1 140 ? -11.221 -9.753  -14.563 1.00 55.31  ? 170 GLU A C   1 
ATOM   757  O  O   . GLU A 1 140 ? -12.215 -9.180  -14.162 1.00 64.54  ? 170 GLU A O   1 
ATOM   758  C  CB  . GLU A 1 140 ? -11.007 -11.669 -16.185 1.00 50.87  ? 170 GLU A CB  1 
ATOM   759  C  CG  . GLU A 1 140 ? -12.185 -12.426 -15.649 1.00 61.56  ? 170 GLU A CG  1 
ATOM   760  C  CD  . GLU A 1 140 ? -12.051 -13.922 -15.822 1.00 67.05  ? 170 GLU A CD  1 
ATOM   761  O  OE1 . GLU A 1 140 ? -11.344 -14.415 -16.740 1.00 67.91  ? 170 GLU A OE1 1 
ATOM   762  O  OE2 . GLU A 1 140 ? -12.678 -14.606 -15.000 1.00 86.85  ? 170 GLU A OE2 1 
ATOM   763  N  N   . HIS A 1 141 ? -10.214 -10.046 -13.760 1.00 51.34  ? 171 HIS A N   1 
ATOM   764  C  CA  . HIS A 1 141 ? -10.313 -9.851  -12.320 1.00 46.31  ? 171 HIS A CA  1 
ATOM   765  C  C   . HIS A 1 141 ? -9.901  -8.406  -11.948 1.00 45.41  ? 171 HIS A C   1 
ATOM   766  O  O   . HIS A 1 141 ? -8.965  -7.827  -12.521 1.00 37.35  ? 171 HIS A O   1 
ATOM   767  C  CB  . HIS A 1 141 ? -9.449  -10.879 -11.620 1.00 46.89  ? 171 HIS A CB  1 
ATOM   768  C  CG  . HIS A 1 141 ? -9.743  -12.287 -11.994 1.00 49.05  ? 171 HIS A CG  1 
ATOM   769  N  ND1 . HIS A 1 141 ? -10.952 -12.895 -11.728 1.00 57.16  ? 171 HIS A ND1 1 
ATOM   770  C  CD2 . HIS A 1 141 ? -8.981  -13.221 -12.615 1.00 50.68  ? 171 HIS A CD2 1 
ATOM   771  C  CE1 . HIS A 1 141 ? -10.923 -14.146 -12.159 1.00 52.28  ? 171 HIS A CE1 1 
ATOM   772  N  NE2 . HIS A 1 141 ? -9.735  -14.371 -12.698 1.00 55.08  ? 171 HIS A NE2 1 
ATOM   773  N  N   . LEU A 1 142 ? -10.607 -7.804  -10.996 1.00 42.41  ? 172 LEU A N   1 
ATOM   774  C  CA  . LEU A 1 142 ? -10.223 -6.475  -10.506 1.00 39.80  ? 172 LEU A CA  1 
ATOM   775  C  C   . LEU A 1 142 ? -8.769  -6.531  -9.921  1.00 37.62  ? 172 LEU A C   1 
ATOM   776  O  O   . LEU A 1 142 ? -7.963  -5.567  -10.085 1.00 37.27  ? 172 LEU A O   1 
ATOM   777  C  CB  . LEU A 1 142 ? -11.215 -6.001  -9.419  1.00 39.88  ? 172 LEU A CB  1 
ATOM   778  C  CG  . LEU A 1 142 ? -10.859 -4.720  -8.665  1.00 40.71  ? 172 LEU A CG  1 
ATOM   779  C  CD1 . LEU A 1 142 ? -10.686 -3.549  -9.633  1.00 40.29  ? 172 LEU A CD1 1 
ATOM   780  C  CD2 . LEU A 1 142 ? -11.854 -4.410  -7.544  1.00 45.31  ? 172 LEU A CD2 1 
ATOM   781  N  N   . LYS A 1 143 ? -8.450  -7.637  -9.229  1.00 34.86  ? 173 LYS A N   1 
ATOM   782  C  CA  . LYS A 1 143 ? -7.142  -7.762  -8.546  1.00 36.21  ? 173 LYS A CA  1 
ATOM   783  C  C   . LYS A 1 143 ? -6.002  -7.643  -9.557  1.00 33.27  ? 173 LYS A C   1 
ATOM   784  O  O   . LYS A 1 143 ? -5.014  -6.984  -9.274  1.00 32.63  ? 173 LYS A O   1 
ATOM   785  C  CB  . LYS A 1 143 ? -7.055  -9.054  -7.717  1.00 38.65  ? 173 LYS A CB  1 
ATOM   786  C  CG  . LYS A 1 143 ? -6.838  -10.256 -8.547  1.00 40.13  ? 173 LYS A CG  1 
ATOM   787  C  CD  . LYS A 1 143 ? -6.788  -11.519 -7.734  1.00 45.32  ? 173 LYS A CD  1 
ATOM   788  C  CE  . LYS A 1 143 ? -6.438  -12.680 -8.691  1.00 50.12  ? 173 LYS A CE  1 
ATOM   789  N  NZ  . LYS A 1 143 ? -5.952  -13.819 -7.884  1.00 54.89  ? 173 LYS A NZ  1 
ATOM   790  N  N   . THR A 1 144 ? -6.192  -8.178  -10.763 1.00 30.53  ? 174 THR A N   1 
ATOM   791  C  CA  . THR A 1 144 ? -5.246  -8.077  -11.858 1.00 28.85  ? 174 THR A CA  1 
ATOM   792  C  C   . THR A 1 144 ? -5.159  -6.647  -12.357 1.00 33.92  ? 174 THR A C   1 
ATOM   793  O  O   . THR A 1 144 ? -4.039  -6.112  -12.568 1.00 34.68  ? 174 THR A O   1 
ATOM   794  C  CB  . THR A 1 144 ? -5.686  -8.990  -13.015 1.00 33.36  ? 174 THR A CB  1 
ATOM   795  O  OG1 . THR A 1 144 ? -5.864  -10.333 -12.512 1.00 32.33  ? 174 THR A OG1 1 
ATOM   796  C  CG2 . THR A 1 144 ? -4.718  -8.955  -14.112 1.00 33.13  ? 174 THR A CG2 1 
ATOM   797  N  N   . ALA A 1 145 ? -6.312  -5.981  -12.511 1.00 31.87  ? 175 ALA A N   1 
ATOM   798  C  CA  . ALA A 1 145 ? -6.281  -4.545  -12.895 1.00 32.25  ? 175 ALA A CA  1 
ATOM   799  C  C   . ALA A 1 145 ? -5.541  -3.668  -11.886 1.00 31.79  ? 175 ALA A C   1 
ATOM   800  O  O   . ALA A 1 145 ? -4.826  -2.716  -12.232 1.00 31.80  ? 175 ALA A O   1 
ATOM   801  C  CB  . ALA A 1 145 ? -7.711  -4.006  -13.097 1.00 35.99  ? 175 ALA A CB  1 
ATOM   802  N  N   . VAL A 1 146 ? -5.747  -3.962  -10.627 1.00 33.11  ? 176 VAL A N   1 
ATOM   803  C  CA  . VAL A 1 146 ? -5.043  -3.238  -9.576  1.00 33.31  ? 176 VAL A CA  1 
ATOM   804  C  C   . VAL A 1 146 ? -3.527  -3.403  -9.648  1.00 32.15  ? 176 VAL A C   1 
ATOM   805  O  O   . VAL A 1 146 ? -2.799  -2.446  -9.560  1.00 30.31  ? 176 VAL A O   1 
ATOM   806  C  CB  . VAL A 1 146 ? -5.602  -3.709  -8.195  1.00 35.52  ? 176 VAL A CB  1 
ATOM   807  C  CG1 . VAL A 1 146 ? -4.679  -3.341  -7.020  1.00 34.49  ? 176 VAL A CG1 1 
ATOM   808  C  CG2 . VAL A 1 146 ? -6.996  -3.112  -8.006  1.00 35.59  ? 176 VAL A CG2 1 
ATOM   809  N  N   . GLN A 1 147 ? -3.040  -4.631  -9.796  1.00 33.94  ? 177 GLN A N   1 
ATOM   810  C  CA  . GLN A 1 147 ? -1.609  -4.839  -9.942  1.00 31.70  ? 177 GLN A CA  1 
ATOM   811  C  C   . GLN A 1 147 ? -1.045  -4.213  -11.198 1.00 31.34  ? 177 GLN A C   1 
ATOM   812  O  O   . GLN A 1 147 ? 0.054   -3.660  -11.164 1.00 30.14  ? 177 GLN A O   1 
ATOM   813  C  CB  . GLN A 1 147 ? -1.255  -6.334  -9.871  1.00 30.26  ? 177 GLN A CB  1 
ATOM   814  C  CG  . GLN A 1 147 ? -1.671  -6.993  -8.562  1.00 32.28  ? 177 GLN A CG  1 
ATOM   815  C  CD  . GLN A 1 147 ? -1.294  -6.245  -7.294  1.00 30.74  ? 177 GLN A CD  1 
ATOM   816  O  OE1 . GLN A 1 147 ? -2.022  -6.264  -6.287  1.00 37.91  ? 177 GLN A OE1 1 
ATOM   817  N  NE2 . GLN A 1 147 ? -0.160  -5.638  -7.303  1.00 35.57  ? 177 GLN A NE2 1 
ATOM   818  N  N   . MET A 1 148 ? -1.797  -4.277  -12.293 1.00 30.93  ? 178 MET A N   1 
ATOM   819  C  CA  . MET A 1 148 ? -1.411  -3.477  -13.523 1.00 34.40  ? 178 MET A CA  1 
ATOM   820  C  C   . MET A 1 148 ? -1.301  -1.953  -13.246 1.00 33.68  ? 178 MET A C   1 
ATOM   821  O  O   . MET A 1 148 ? -0.324  -1.326  -13.625 1.00 29.08  ? 178 MET A O   1 
ATOM   822  C  CB  . MET A 1 148 ? -2.363  -3.747  -14.707 1.00 31.79  ? 178 MET A CB  1 
ATOM   823  C  CG  . MET A 1 148 ? -2.351  -5.193  -15.173 1.00 32.90  ? 178 MET A CG  1 
ATOM   824  S  SD  . MET A 1 148 ? -3.717  -5.536  -16.299 1.00 40.09  ? 178 MET A SD  1 
ATOM   825  C  CE  . MET A 1 148 ? -2.983  -4.915  -17.789 1.00 36.34  ? 178 MET A CE  1 
ATOM   826  N  N   . ALA A 1 149 ? -2.260  -1.399  -12.492 1.00 32.29  ? 179 ALA A N   1 
ATOM   827  C  CA  . ALA A 1 149 ? -2.221  0.029   -12.147 1.00 30.58  ? 179 ALA A CA  1 
ATOM   828  C  C   . ALA A 1 149 ? -1.075  0.378   -11.213 1.00 33.35  ? 179 ALA A C   1 
ATOM   829  O  O   . ALA A 1 149 ? -0.445  1.432   -11.372 1.00 33.01  ? 179 ALA A O   1 
ATOM   830  C  CB  . ALA A 1 149 ? -3.576  0.429   -11.547 1.00 35.34  ? 179 ALA A CB  1 
ATOM   831  N  N   . VAL A 1 150 ? -0.804  -0.509  -10.223 1.00 32.38  ? 180 VAL A N   1 
ATOM   832  C  CA  . VAL A 1 150 ? 0.330   -0.351  -9.369  1.00 30.00  ? 180 VAL A CA  1 
ATOM   833  C  C   . VAL A 1 150 ? 1.642   -0.319  -10.190 1.00 30.58  ? 180 VAL A C   1 
ATOM   834  O  O   . VAL A 1 150 ? 2.501   0.493   -9.951  1.00 30.86  ? 180 VAL A O   1 
ATOM   835  C  CB  . VAL A 1 150 ? 0.396   -1.480  -8.276  1.00 31.08  ? 180 VAL A CB  1 
ATOM   836  C  CG1 . VAL A 1 150 ? 1.716   -1.429  -7.536  1.00 29.89  ? 180 VAL A CG1 1 
ATOM   837  C  CG2 . VAL A 1 150 ? -0.789  -1.382  -7.261  1.00 31.32  ? 180 VAL A CG2 1 
ATOM   838  N  N   . PHE A 1 151 ? 1.824   -1.286  -11.076 1.00 29.04  ? 181 PHE A N   1 
ATOM   839  C  CA  . PHE A 1 151 ? 2.949   -1.306  -11.957 1.00 30.66  ? 181 PHE A CA  1 
ATOM   840  C  C   . PHE A 1 151 ? 3.101   0.012   -12.745 1.00 30.76  ? 181 PHE A C   1 
ATOM   841  O  O   . PHE A 1 151 ? 4.176   0.628   -12.739 1.00 30.27  ? 181 PHE A O   1 
ATOM   842  C  CB  . PHE A 1 151 ? 2.850   -2.535  -12.902 1.00 33.41  ? 181 PHE A CB  1 
ATOM   843  C  CG  . PHE A 1 151 ? 3.987   -2.676  -13.897 1.00 32.95  ? 181 PHE A CG  1 
ATOM   844  C  CD1 . PHE A 1 151 ? 4.069   -1.842  -15.024 1.00 35.01  ? 181 PHE A CD1 1 
ATOM   845  C  CD2 . PHE A 1 151 ? 4.933   -3.668  -13.748 1.00 35.99  ? 181 PHE A CD2 1 
ATOM   846  C  CE1 . PHE A 1 151 ? 5.087   -2.008  -16.011 1.00 37.01  ? 181 PHE A CE1 1 
ATOM   847  C  CE2 . PHE A 1 151 ? 5.960   -3.835  -14.716 1.00 39.14  ? 181 PHE A CE2 1 
ATOM   848  C  CZ  . PHE A 1 151 ? 6.034   -2.976  -15.846 1.00 36.08  ? 181 PHE A CZ  1 
ATOM   849  N  N   . ILE A 1 152 ? 2.034   0.435   -13.393 1.00 34.55  ? 182 ILE A N   1 
ATOM   850  C  CA  . ILE A 1 152 ? 2.067   1.647   -14.211 1.00 33.84  ? 182 ILE A CA  1 
ATOM   851  C  C   . ILE A 1 152 ? 2.432   2.819   -13.351 1.00 41.74  ? 182 ILE A C   1 
ATOM   852  O  O   . ILE A 1 152 ? 3.388   3.564   -13.686 1.00 37.23  ? 182 ILE A O   1 
ATOM   853  C  CB  . ILE A 1 152 ? 0.705   1.904   -14.908 1.00 40.87  ? 182 ILE A CB  1 
ATOM   854  C  CG1 . ILE A 1 152 ? 0.532   0.918   -16.072 1.00 39.39  ? 182 ILE A CG1 1 
ATOM   855  C  CG2 . ILE A 1 152 ? 0.628   3.343   -15.504 1.00 41.34  ? 182 ILE A CG2 1 
ATOM   856  C  CD1 . ILE A 1 152 ? -0.938  0.620   -16.371 1.00 44.62  ? 182 ILE A CD1 1 
ATOM   857  N  N   . HIS A 1 153 ? 1.739   2.952   -12.201 1.00 36.09  ? 183 HIS A N   1 
ATOM   858  C  CA  . HIS A 1 153 ? 2.063   4.026   -11.289 1.00 36.32  ? 183 HIS A CA  1 
ATOM   859  C  C   . HIS A 1 153 ? 3.517   4.019   -10.870 1.00 35.12  ? 183 HIS A C   1 
ATOM   860  O  O   . HIS A 1 153 ? 4.154   5.053   -10.880 1.00 35.11  ? 183 HIS A O   1 
ATOM   861  C  CB  . HIS A 1 153 ? 1.203   4.002   -10.028 1.00 36.54  ? 183 HIS A CB  1 
ATOM   862  C  CG  . HIS A 1 153 ? 1.621   5.035   -9.040  1.00 39.85  ? 183 HIS A CG  1 
ATOM   863  N  ND1 . HIS A 1 153 ? 1.167   6.340   -9.096  1.00 48.91  ? 183 HIS A ND1 1 
ATOM   864  C  CD2 . HIS A 1 153 ? 2.538   5.006   -8.056  1.00 41.86  ? 183 HIS A CD2 1 
ATOM   865  C  CE1 . HIS A 1 153 ? 1.735   7.047   -8.143  1.00 45.29  ? 183 HIS A CE1 1 
ATOM   866  N  NE2 . HIS A 1 153 ? 2.564   6.258   -7.483  1.00 45.06  ? 183 HIS A NE2 1 
ATOM   867  N  N   . ASN A 1 154 ? 4.063   2.901   -10.433 1.00 33.85  ? 184 ASN A N   1 
ATOM   868  C  CA  . ASN A 1 154 ? 5.468   2.933   -9.949  1.00 32.85  ? 184 ASN A CA  1 
ATOM   869  C  C   . ASN A 1 154 ? 6.546   3.128   -11.035 1.00 36.90  ? 184 ASN A C   1 
ATOM   870  O  O   . ASN A 1 154 ? 7.668   3.555   -10.724 1.00 36.04  ? 184 ASN A O   1 
ATOM   871  C  CB  . ASN A 1 154 ? 5.818   1.610   -9.181  1.00 31.44  ? 184 ASN A CB  1 
ATOM   872  C  CG  . ASN A 1 154 ? 5.000   1.452   -7.886  1.00 33.74  ? 184 ASN A CG  1 
ATOM   873  O  OD1 . ASN A 1 154 ? 4.806   0.363   -7.368  1.00 38.66  ? 184 ASN A OD1 1 
ATOM   874  N  ND2 . ASN A 1 154 ? 4.530   2.547   -7.376  1.00 28.54  ? 184 ASN A ND2 1 
ATOM   875  N  N   . LYS A 1 155 ? 6.264   2.730   -12.266 1.00 37.84  ? 185 LYS A N   1 
ATOM   876  C  CA  . LYS A 1 155 ? 7.288   2.790   -13.358 1.00 45.02  ? 185 LYS A CA  1 
ATOM   877  C  C   . LYS A 1 155 ? 7.305   4.103   -14.132 1.00 48.43  ? 185 LYS A C   1 
ATOM   878  O  O   . LYS A 1 155 ? 8.285   4.377   -14.798 1.00 50.06  ? 185 LYS A O   1 
ATOM   879  C  CB  . LYS A 1 155 ? 7.068   1.712   -14.396 1.00 42.73  ? 185 LYS A CB  1 
ATOM   880  C  CG  . LYS A 1 155 ? 7.112   0.280   -13.943 1.00 43.46  ? 185 LYS A CG  1 
ATOM   881  C  CD  . LYS A 1 155 ? 8.111   -0.073  -12.874 1.00 43.77  ? 185 LYS A CD  1 
ATOM   882  C  CE  . LYS A 1 155 ? 8.258   -1.605  -12.802 1.00 51.38  ? 185 LYS A CE  1 
ATOM   883  N  NZ  . LYS A 1 155 ? 9.263   -2.069  -11.772 1.00 55.67  ? 185 LYS A NZ  1 
ATOM   884  N  N   . LYS A 1 156 ? 6.218   4.871   -14.045 1.00 54.87  ? 186 LYS A N   1 
ATOM   885  C  CA  . LYS A 1 156 ? 6.040   6.159   -14.716 1.00 61.08  ? 186 LYS A CA  1 
ATOM   886  C  C   . LYS A 1 156 ? 7.070   7.259   -14.329 1.00 69.60  ? 186 LYS A C   1 
ATOM   887  O  O   . LYS A 1 156 ? 7.409   7.455   -13.155 1.00 65.36  ? 186 LYS A O   1 
ATOM   888  C  CB  . LYS A 1 156 ? 4.634   6.662   -14.433 1.00 63.82  ? 186 LYS A CB  1 
ATOM   889  C  CG  . LYS A 1 156 ? 4.230   7.881   -15.250 1.00 75.53  ? 186 LYS A CG  1 
ATOM   890  C  CD  . LYS A 1 156 ? 2.732   7.912   -15.489 1.00 74.17  ? 186 LYS A CD  1 
ATOM   891  C  CE  . LYS A 1 156 ? 1.962   8.108   -14.193 1.00 85.12  ? 186 LYS A CE  1 
ATOM   892  N  NZ  . LYS A 1 156 ? 0.829   7.143   -14.075 1.00 89.79  ? 186 LYS A NZ  1 
ATOM   893  N  N   . ARG A 1 157 ? 7.581   7.957   -15.339 1.00 80.09  ? 187 ARG A N   1 
ATOM   894  C  CA  . ARG A 1 157 ? 8.506   9.074   -15.126 1.00 91.80  ? 187 ARG A CA  1 
ATOM   895  C  C   . ARG A 1 157 ? 7.655   10.321  -14.873 1.00 90.25  ? 187 ARG A C   1 
ATOM   896  O  O   . ARG A 1 157 ? 6.934   10.753  -15.776 1.00 85.22  ? 187 ARG A O   1 
ATOM   897  C  CB  . ARG A 1 157 ? 9.401   9.219   -16.348 1.00 91.49  ? 187 ARG A CB  1 
ATOM   898  C  CG  . ARG A 1 157 ? 10.342  8.034   -16.529 1.00 91.62  ? 187 ARG A CG  1 
ATOM   899  C  CD  . ARG A 1 157 ? 11.766  8.306   -16.002 1.00 100.60 ? 187 ARG A CD  1 
ATOM   900  N  NE  . ARG A 1 157 ? 12.409  7.107   -15.455 1.00 91.28  ? 187 ARG A NE  1 
ATOM   901  C  CZ  . ARG A 1 157 ? 12.662  5.988   -16.143 1.00 96.79  ? 187 ARG A CZ  1 
ATOM   902  N  NH1 . ARG A 1 157 ? 12.358  5.859   -17.438 1.00 101.97 ? 187 ARG A NH1 1 
ATOM   903  N  NH2 . ARG A 1 157 ? 13.228  4.962   -15.527 1.00 97.64  ? 187 ARG A NH2 1 
ATOM   904  N  N   . LYS A 1 158 ? 7.712   10.846  -13.639 1.00 98.48  ? 188 LYS A N   1 
ATOM   905  C  CA  . LYS A 1 158 ? 6.734   11.848  -13.115 1.00 107.24 ? 188 LYS A CA  1 
ATOM   906  C  C   . LYS A 1 158 ? 7.292   13.274  -13.183 1.00 109.78 ? 188 LYS A C   1 
ATOM   907  O  O   . LYS A 1 158 ? 8.425   13.527  -12.768 1.00 105.42 ? 188 LYS A O   1 
ATOM   908  C  CB  . LYS A 1 158 ? 6.288   11.508  -11.661 1.00 98.58  ? 188 LYS A CB  1 
ATOM   909  C  CG  . LYS A 1 158 ? 4.787   11.308  -11.451 1.00 83.37  ? 188 LYS A CG  1 
ATOM   910  N  N   . TYR A 1 164 ? 13.120  10.285  -12.836 1.00 56.72  ? 194 TYR A N   1 
ATOM   911  C  CA  . TYR A 1 164 ? 12.927  9.105   -11.940 1.00 64.42  ? 194 TYR A CA  1 
ATOM   912  C  C   . TYR A 1 164 ? 11.477  8.711   -11.671 1.00 57.29  ? 194 TYR A C   1 
ATOM   913  O  O   . TYR A 1 164 ? 10.625  9.549   -11.351 1.00 54.28  ? 194 TYR A O   1 
ATOM   914  C  CB  . TYR A 1 164 ? 13.544  9.318   -10.563 1.00 68.16  ? 194 TYR A CB  1 
ATOM   915  C  CG  . TYR A 1 164 ? 15.027  9.198   -10.532 1.00 82.92  ? 194 TYR A CG  1 
ATOM   916  C  CD1 . TYR A 1 164 ? 15.823  9.993   -11.370 1.00 91.12  ? 194 TYR A CD1 1 
ATOM   917  C  CD2 . TYR A 1 164 ? 15.652  8.320   -9.656  1.00 82.40  ? 194 TYR A CD2 1 
ATOM   918  C  CE1 . TYR A 1 164 ? 17.197  9.911   -11.339 1.00 94.38  ? 194 TYR A CE1 1 
ATOM   919  C  CE2 . TYR A 1 164 ? 17.026  8.227   -9.618  1.00 96.25  ? 194 TYR A CE2 1 
ATOM   920  C  CZ  . TYR A 1 164 ? 17.793  9.027   -10.459 1.00 102.22 ? 194 TYR A CZ  1 
ATOM   921  O  OH  . TYR A 1 164 ? 19.163  8.951   -10.423 1.00 110.47 ? 194 TYR A OH  1 
ATOM   922  N  N   . SER A 1 165 ? 11.207  7.423   -11.762 1.00 49.58  ? 195 SER A N   1 
ATOM   923  C  CA  . SER A 1 165 ? 9.907   6.880   -11.337 1.00 47.39  ? 195 SER A CA  1 
ATOM   924  C  C   . SER A 1 165 ? 9.836   6.712   -9.821  1.00 40.93  ? 195 SER A C   1 
ATOM   925  O  O   . SER A 1 165 ? 10.846  6.744   -9.095  1.00 38.89  ? 195 SER A O   1 
ATOM   926  C  CB  . SER A 1 165 ? 9.706   5.536   -11.976 1.00 45.22  ? 195 SER A CB  1 
ATOM   927  O  OG  . SER A 1 165 ? 10.702  4.704   -11.450 1.00 47.98  ? 195 SER A OG  1 
ATOM   928  N  N   . ALA A 1 166 ? 8.612   6.577   -9.320  1.00 42.30  ? 196 ALA A N   1 
ATOM   929  C  CA  . ALA A 1 166 ? 8.430   6.323   -7.856  1.00 40.72  ? 196 ALA A CA  1 
ATOM   930  C  C   . ALA A 1 166 ? 9.190   5.058   -7.410  1.00 34.83  ? 196 ALA A C   1 
ATOM   931  O  O   . ALA A 1 166 ? 9.807   5.052   -6.369  1.00 39.19  ? 196 ALA A O   1 
ATOM   932  C  CB  . ALA A 1 166 ? 6.949   6.238   -7.536  1.00 39.88  ? 196 ALA A CB  1 
ATOM   933  N  N   . GLY A 1 167 ? 9.230   4.031   -8.269  1.00 36.63  ? 197 GLY A N   1 
ATOM   934  C  CA  . GLY A 1 167 ? 9.992   2.790   -8.026  1.00 34.57  ? 197 GLY A CA  1 
ATOM   935  C  C   . GLY A 1 167 ? 11.466  3.027   -7.896  1.00 40.83  ? 197 GLY A C   1 
ATOM   936  O  O   . GLY A 1 167 ? 12.157  2.353   -7.110  1.00 42.19  ? 197 GLY A O   1 
ATOM   937  N  N   . GLU A 1 168 ? 11.976  3.988   -8.678  1.00 47.02  ? 198 GLU A N   1 
ATOM   938  C  CA  . GLU A 1 168 ? 13.401  4.338   -8.562  1.00 45.11  ? 198 GLU A CA  1 
ATOM   939  C  C   . GLU A 1 168 ? 13.635  5.165   -7.347  1.00 40.86  ? 198 GLU A C   1 
ATOM   940  O  O   . GLU A 1 168 ? 14.615  4.943   -6.658  1.00 42.58  ? 198 GLU A O   1 
ATOM   941  C  CB  . GLU A 1 168 ? 13.875  5.072   -9.806  1.00 53.38  ? 198 GLU A CB  1 
ATOM   942  C  CG  . GLU A 1 168 ? 14.022  4.125   -10.992 1.00 54.61  ? 198 GLU A CG  1 
ATOM   943  C  CD  . GLU A 1 168 ? 13.963  4.840   -12.321 1.00 59.67  ? 198 GLU A CD  1 
ATOM   944  O  OE1 . GLU A 1 168 ? 13.301  5.889   -12.457 1.00 60.50  ? 198 GLU A OE1 1 
ATOM   945  O  OE2 . GLU A 1 168 ? 14.555  4.325   -13.266 1.00 67.35  ? 198 GLU A OE2 1 
ATOM   946  N  N   . ARG A 1 169 ? 12.735  6.115   -7.082  1.00 40.61  ? 199 ARG A N   1 
ATOM   947  C  CA  . ARG A 1 169 ? 12.904  6.967   -5.905  1.00 47.07  ? 199 ARG A CA  1 
ATOM   948  C  C   . ARG A 1 169 ? 12.911  6.224   -4.580  1.00 43.43  ? 199 ARG A C   1 
ATOM   949  O  O   . ARG A 1 169 ? 13.655  6.585   -3.683  1.00 44.06  ? 199 ARG A O   1 
ATOM   950  C  CB  . ARG A 1 169 ? 11.836  8.040   -5.829  1.00 49.25  ? 199 ARG A CB  1 
ATOM   951  C  CG  . ARG A 1 169 ? 11.904  9.079   -6.915  1.00 62.23  ? 199 ARG A CG  1 
ATOM   952  C  CD  . ARG A 1 169 ? 11.081  10.323  -6.563  1.00 66.40  ? 199 ARG A CD  1 
ATOM   953  N  NE  . ARG A 1 169 ? 9.632   10.066  -6.592  1.00 67.61  ? 199 ARG A NE  1 
ATOM   954  C  CZ  . ARG A 1 169 ? 8.861   9.984   -7.692  1.00 67.89  ? 199 ARG A CZ  1 
ATOM   955  N  NH1 . ARG A 1 169 ? 9.372   10.145  -8.914  1.00 66.57  ? 199 ARG A NH1 1 
ATOM   956  N  NH2 . ARG A 1 169 ? 7.546   9.745   -7.572  1.00 63.52  ? 199 ARG A NH2 1 
ATOM   957  N  N   . ILE A 1 170 ? 12.018  5.248   -4.390  1.00 40.45  ? 200 ILE A N   1 
ATOM   958  C  CA  . ILE A 1 170 ? 12.051  4.531   -3.108  1.00 37.51  ? 200 ILE A CA  1 
ATOM   959  C  C   . ILE A 1 170 ? 13.372  3.850   -2.891  1.00 40.29  ? 200 ILE A C   1 
ATOM   960  O  O   . ILE A 1 170 ? 13.923  3.862   -1.799  1.00 45.15  ? 200 ILE A O   1 
ATOM   961  C  CB  . ILE A 1 170 ? 10.878  3.560   -2.886  1.00 35.06  ? 200 ILE A CB  1 
ATOM   962  C  CG1 . ILE A 1 170 ? 10.999  2.889   -1.521  1.00 33.06  ? 200 ILE A CG1 1 
ATOM   963  C  CG2 . ILE A 1 170 ? 10.719  2.507   -3.987  1.00 35.96  ? 200 ILE A CG2 1 
ATOM   964  C  CD1 . ILE A 1 170 ? 9.689   2.198   -1.138  1.00 34.70  ? 200 ILE A CD1 1 
ATOM   965  N  N   . VAL A 1 171 ? 13.879  3.210   -3.913  1.00 42.13  ? 201 VAL A N   1 
ATOM   966  C  CA  . VAL A 1 171 ? 15.151  2.502   -3.774  1.00 45.89  ? 201 VAL A CA  1 
ATOM   967  C  C   . VAL A 1 171 ? 16.306  3.501   -3.481  1.00 46.58  ? 201 VAL A C   1 
ATOM   968  O  O   . VAL A 1 171 ? 17.107  3.277   -2.600  1.00 44.27  ? 201 VAL A O   1 
ATOM   969  C  CB  . VAL A 1 171 ? 15.337  1.632   -5.003  1.00 48.56  ? 201 VAL A CB  1 
ATOM   970  C  CG1 . VAL A 1 171 ? 16.752  1.170   -5.173  1.00 55.17  ? 201 VAL A CG1 1 
ATOM   971  C  CG2 . VAL A 1 171 ? 14.403  0.425   -4.870  1.00 52.16  ? 201 VAL A CG2 1 
ATOM   972  N  N   . ASP A 1 172 ? 16.321  4.620   -4.166  1.00 47.71  ? 202 ASP A N   1 
ATOM   973  C  CA  . ASP A 1 172 ? 17.355  5.661   -3.971  1.00 55.54  ? 202 ASP A CA  1 
ATOM   974  C  C   . ASP A 1 172 ? 17.257  6.232   -2.566  1.00 52.89  ? 202 ASP A C   1 
ATOM   975  O  O   . ASP A 1 172 ? 18.239  6.240   -1.822  1.00 54.44  ? 202 ASP A O   1 
ATOM   976  C  CB  . ASP A 1 172 ? 17.178  6.757   -5.029  1.00 64.47  ? 202 ASP A CB  1 
ATOM   977  C  CG  . ASP A 1 172 ? 18.286  7.826   -5.006  1.00 76.77  ? 202 ASP A CG  1 
ATOM   978  O  OD1 . ASP A 1 172 ? 19.439  7.559   -4.556  1.00 79.36  ? 202 ASP A OD1 1 
ATOM   979  O  OD2 . ASP A 1 172 ? 17.972  8.947   -5.472  1.00 69.21  ? 202 ASP A OD2 1 
ATOM   980  N  N   . ILE A 1 173 ? 16.042  6.597   -2.156  1.00 52.06  ? 203 ILE A N   1 
ATOM   981  C  CA  . ILE A 1 173 ? 15.817  7.071   -0.783  1.00 48.84  ? 203 ILE A CA  1 
ATOM   982  C  C   . ILE A 1 173 ? 16.269  6.090   0.262   1.00 46.15  ? 203 ILE A C   1 
ATOM   983  O  O   . ILE A 1 173 ? 16.969  6.454   1.184   1.00 55.36  ? 203 ILE A O   1 
ATOM   984  C  CB  . ILE A 1 173 ? 14.366  7.500   -0.571  1.00 55.32  ? 203 ILE A CB  1 
ATOM   985  C  CG1 . ILE A 1 173 ? 14.115  8.769   -1.402  1.00 55.31  ? 203 ILE A CG1 1 
ATOM   986  C  CG2 . ILE A 1 173 ? 14.027  7.708   0.919   1.00 52.14  ? 203 ILE A CG2 1 
ATOM   987  C  CD1 . ILE A 1 173 ? 12.659  9.124   -1.571  1.00 58.81  ? 203 ILE A CD1 1 
ATOM   988  N  N   . ILE A 1 174 ? 15.917  4.829   0.111   1.00 49.36  ? 204 ILE A N   1 
ATOM   989  C  CA  . ILE A 1 174 ? 16.232  3.857   1.164   1.00 50.89  ? 204 ILE A CA  1 
ATOM   990  C  C   . ILE A 1 174 ? 17.732  3.554   1.219   1.00 56.03  ? 204 ILE A C   1 
ATOM   991  O  O   . ILE A 1 174 ? 18.287  3.350   2.301   1.00 58.33  ? 204 ILE A O   1 
ATOM   992  C  CB  . ILE A 1 174 ? 15.487  2.525   0.970   1.00 48.27  ? 204 ILE A CB  1 
ATOM   993  C  CG1 . ILE A 1 174 ? 13.952  2.697   0.962   1.00 53.61  ? 204 ILE A CG1 1 
ATOM   994  C  CG2 . ILE A 1 174 ? 15.895  1.507   2.028   1.00 45.47  ? 204 ILE A CG2 1 
ATOM   995  C  CD1 . ILE A 1 174 ? 13.325  2.852   2.304   1.00 58.09  ? 204 ILE A CD1 1 
ATOM   996  N  N   . ALA A 1 175 ? 18.348  3.405   0.051   1.00 55.06  ? 205 ALA A N   1 
ATOM   997  C  CA  . ALA A 1 175 ? 19.781  3.079   -0.041  1.00 60.88  ? 205 ALA A CA  1 
ATOM   998  C  C   . ALA A 1 175 ? 20.618  4.196   0.583   1.00 59.87  ? 205 ALA A C   1 
ATOM   999  O  O   . ALA A 1 175 ? 21.420  3.928   1.484   1.00 55.09  ? 205 ALA A O   1 
ATOM   1000 C  CB  . ALA A 1 175 ? 20.205  2.865   -1.476  1.00 56.55  ? 205 ALA A CB  1 
ATOM   1001 N  N   . THR A 1 176 ? 20.373  5.435   0.144   1.00 60.85  ? 206 THR A N   1 
ATOM   1002 C  CA  . THR A 1 176 ? 21.040  6.586   0.723   1.00 59.42  ? 206 THR A CA  1 
ATOM   1003 C  C   . THR A 1 176 ? 20.992  6.526   2.222   1.00 66.84  ? 206 THR A C   1 
ATOM   1004 O  O   . THR A 1 176 ? 22.009  6.668   2.880   1.00 72.81  ? 206 THR A O   1 
ATOM   1005 C  CB  . THR A 1 176 ? 20.393  7.886   0.300   1.00 59.60  ? 206 THR A CB  1 
ATOM   1006 O  OG1 . THR A 1 176 ? 20.353  7.940   -1.126  1.00 63.92  ? 206 THR A OG1 1 
ATOM   1007 C  CG2 . THR A 1 176 ? 21.183  9.057   0.804   1.00 53.62  ? 206 THR A CG2 1 
ATOM   1008 N  N   . ASP A 1 177 ? 19.806  6.269   2.750   1.00 74.14  ? 207 ASP A N   1 
ATOM   1009 C  CA  . ASP A 1 177 ? 19.611  6.101   4.186   1.00 77.09  ? 207 ASP A CA  1 
ATOM   1010 C  C   . ASP A 1 177 ? 20.420  4.996   4.919   1.00 78.52  ? 207 ASP A C   1 
ATOM   1011 O  O   . ASP A 1 177 ? 20.650  5.119   6.112   1.00 83.10  ? 207 ASP A O   1 
ATOM   1012 C  CB  . ASP A 1 177 ? 18.135  5.890   4.474   1.00 80.46  ? 207 ASP A CB  1 
ATOM   1013 C  CG  . ASP A 1 177 ? 17.816  6.103   5.908   1.00 88.78  ? 207 ASP A CG  1 
ATOM   1014 O  OD1 . ASP A 1 177 ? 17.977  7.260   6.363   1.00 94.86  ? 207 ASP A OD1 1 
ATOM   1015 O  OD2 . ASP A 1 177 ? 17.446  5.116   6.574   1.00 84.89  ? 207 ASP A OD2 1 
ATOM   1016 N  N   . ILE A 1 178 ? 20.825  3.930   4.235   1.00 78.78  ? 208 ILE A N   1 
ATOM   1017 C  CA  . ILE A 1 178 ? 21.693  2.885   4.827   1.00 84.39  ? 208 ILE A CA  1 
ATOM   1018 C  C   . ILE A 1 178 ? 23.131  3.427   4.979   1.00 74.04  ? 208 ILE A C   1 
ATOM   1019 O  O   . ILE A 1 178 ? 23.660  4.033   4.033   1.00 71.40  ? 208 ILE A O   1 
ATOM   1020 C  CB  . ILE A 1 178 ? 21.678  1.575   3.965   1.00 84.05  ? 208 ILE A CB  1 
ATOM   1021 C  CG1 . ILE A 1 178 ? 20.275  0.946   3.953   1.00 84.32  ? 208 ILE A CG1 1 
ATOM   1022 C  CG2 . ILE A 1 178 ? 22.693  0.543   4.473   1.00 80.70  ? 208 ILE A CG2 1 
ATOM   1023 C  CD1 . ILE A 1 178 ? 20.042  -0.020  2.799   1.00 78.07  ? 208 ILE A CD1 1 
HETATM 1024 MG MG  . MG  B 2 .   ? -8.864  3.819   5.312   1.00 60.61  ? 301 MG  A MG  1 
HETATM 1025 MG MG  . MG  C 2 .   ? 10.577  2.199   4.309   1.00 65.14  ? 302 MG  A MG  1 
HETATM 1026 MG MG  . MG  D 2 .   ? 4.293   -2.517  -5.737  1.00 73.11  ? 303 MG  A MG  1 
HETATM 1027 MG MG  . MG  E 2 .   ? -4.673  -6.942  -6.177  1.00 78.39  ? 304 MG  A MG  1 
HETATM 1028 C  C6  . 9VN F 3 .   ? -3.174  -13.275 10.426  1.00 43.51  ? 305 9VN A C6  1 
HETATM 1029 C  C7  . 9VN F 3 .   ? -3.939  -13.471 9.123   1.00 43.13  ? 305 9VN A C7  1 
HETATM 1030 C  C8  . 9VN F 3 .   ? -4.014  -12.361 11.280  1.00 40.21  ? 305 9VN A C8  1 
HETATM 1031 C  C9  . 9VN F 3 .   ? -1.772  -12.601 10.269  1.00 41.88  ? 305 9VN A C9  1 
HETATM 1032 C  C3  . 9VN F 3 .   ? -2.029  -16.211 12.359  1.00 46.68  ? 305 9VN A C3  1 
HETATM 1033 C  C1  . 9VN F 3 .   ? -2.350  -14.747 12.198  1.00 42.19  ? 305 9VN A C1  1 
HETATM 1034 O  O4  . 9VN F 3 .   ? -1.857  -16.734 13.470  1.00 48.84  ? 305 9VN A O4  1 
HETATM 1035 O  O5  . 9VN F 3 .   ? -1.854  -16.932 11.263  1.00 39.07  ? 305 9VN A O5  1 
HETATM 1036 O  O2  . 9VN F 3 .   ? -3.111  -14.597 10.996  1.00 42.81  ? 305 9VN A O2  1 
HETATM 1037 C  C22 . 9VN F 3 .   ? -3.077  -14.332 13.414  1.00 37.79  ? 305 9VN A C22 1 
HETATM 1038 C  C23 . 9VN F 3 .   ? -2.489  -13.682 14.490  1.00 38.69  ? 305 9VN A C23 1 
HETATM 1039 C  C27 . 9VN F 3 .   ? -1.106  -13.232 14.469  1.00 37.55  ? 305 9VN A C27 1 
HETATM 1040 C  C26 . 9VN F 3 .   ? -0.904  -11.761 14.242  1.00 41.92  ? 305 9VN A C26 1 
HETATM 1041 C  C28 . 9VN F 3 .   ? -0.111  -14.091 14.633  1.00 38.94  ? 305 9VN A C28 1 
HETATM 1042 C  C29 . 9VN F 3 .   ? 1.344   -13.693 14.523  1.00 44.28  ? 305 9VN A C29 1 
HETATM 1043 C  C30 . 9VN F 3 .   ? 1.557   -12.306 13.989  1.00 48.69  ? 305 9VN A C30 1 
HETATM 1044 C  C51 . 9VN F 3 .   ? 2.977   -11.879 14.277  1.00 47.60  ? 305 9VN A C51 1 
HETATM 1045 C  C25 . 9VN F 3 .   ? 0.536   -11.328 14.481  1.00 48.77  ? 305 9VN A C25 1 
HETATM 1046 C  C24 . 9VN F 3 .   ? 1.405   -12.318 12.499  1.00 65.86  ? 305 9VN A C24 1 
HETATM 1047 C  C21 . 9VN F 3 .   ? -3.331  -13.380 15.632  1.00 38.74  ? 305 9VN A C21 1 
HETATM 1048 S  S35 . 9VN F 3 .   ? -4.878  -13.988 15.262  1.00 45.56  ? 305 9VN A S35 1 
HETATM 1049 C  C20 . 9VN F 3 .   ? -4.464  -14.672 13.728  1.00 40.17  ? 305 9VN A C20 1 
HETATM 1050 C  C36 . 9VN F 3 .   ? -5.526  -15.363 12.948  1.00 43.77  ? 305 9VN A C36 1 
HETATM 1051 C  C38 . 9VN F 3 .   ? -3.068  -12.678 16.893  1.00 45.78  ? 305 9VN A C38 1 
HETATM 1052 C  C42 . 9VN F 3 .   ? -4.063  -12.015 17.562  1.00 46.15  ? 305 9VN A C42 1 
HETATM 1053 C  C41 . 9VN F 3 .   ? -3.729  -11.404 18.773  1.00 44.96  ? 305 9VN A C41 1 
HETATM 1054 N  N52 . 9VN F 3 .   ? -2.491  -11.405 19.315  1.00 48.36  ? 305 9VN A N52 1 
HETATM 1055 C  C40 . 9VN F 3 .   ? -1.520  -12.072 18.692  1.00 47.78  ? 305 9VN A C40 1 
HETATM 1056 C  C39 . 9VN F 3 .   ? -1.793  -12.718 17.475  1.00 41.56  ? 305 9VN A C39 1 
HETATM 1057 S  S   . SO4 G 4 .   ? -13.682 5.044   -0.855  1.00 80.01  ? 306 SO4 A S   1 
HETATM 1058 O  O1  . SO4 G 4 .   ? -13.947 3.920   0.068   1.00 83.75  ? 306 SO4 A O1  1 
HETATM 1059 O  O2  . SO4 G 4 .   ? -12.356 5.749   -0.676  1.00 68.19  ? 306 SO4 A O2  1 
HETATM 1060 O  O3  . SO4 G 4 .   ? -14.784 6.004   -0.599  1.00 95.30  ? 306 SO4 A O3  1 
HETATM 1061 O  O4  . SO4 G 4 .   ? -13.787 4.538   -2.227  1.00 81.14  ? 306 SO4 A O4  1 
HETATM 1062 S  S   . SO4 H 4 .   ? -13.274 -10.593 -10.044 1.00 68.67  ? 307 SO4 A S   1 
HETATM 1063 O  O1  . SO4 H 4 .   ? -14.259 -11.089 -9.044  1.00 81.17  ? 307 SO4 A O1  1 
HETATM 1064 O  O2  . SO4 H 4 .   ? -11.957 -10.962 -9.476  1.00 80.05  ? 307 SO4 A O2  1 
HETATM 1065 O  O3  . SO4 H 4 .   ? -13.442 -11.297 -11.358 1.00 78.75  ? 307 SO4 A O3  1 
HETATM 1066 O  O4  . SO4 H 4 .   ? -13.267 -9.110  -10.233 1.00 59.55  ? 307 SO4 A O4  1 
HETATM 1067 O  O   . HOH I 5 .   ? -2.704  -10.490 -3.747  1.00 65.83  ? 401 HOH A O   1 
HETATM 1068 O  O   . HOH I 5 .   ? -7.689  -14.121 8.067   1.00 52.97  ? 402 HOH A O   1 
HETATM 1069 O  O   . HOH I 5 .   ? 1.848   8.689   13.403  1.00 62.34  ? 403 HOH A O   1 
HETATM 1070 O  O   . HOH I 5 .   ? -5.324  3.869   15.856  1.00 48.62  ? 404 HOH A O   1 
HETATM 1071 O  O   . HOH I 5 .   ? -10.389 -9.549  -8.032  1.00 46.65  ? 405 HOH A O   1 
HETATM 1072 O  O   . HOH I 5 .   ? -5.952  -11.427 1.558   1.00 56.69  ? 406 HOH A O   1 
HETATM 1073 O  O   . HOH I 5 .   ? 0.362   -15.556 0.814   1.00 50.06  ? 407 HOH A O   1 
HETATM 1074 O  O   . HOH I 5 .   ? -2.712  10.347  -1.076  1.00 55.15  ? 408 HOH A O   1 
HETATM 1075 O  O   . HOH I 5 .   ? 6.307   6.731   -10.934 1.00 40.64  ? 409 HOH A O   1 
HETATM 1076 O  O   . HOH I 5 .   ? -9.223  5.376   1.868   1.00 67.99  ? 410 HOH A O   1 
HETATM 1077 O  O   . HOH I 5 .   ? -14.731 -6.949  -9.087  1.00 59.69  ? 411 HOH A O   1 
HETATM 1078 O  O   . HOH I 5 .   ? 6.421   -1.698  17.569  1.00 54.09  ? 412 HOH A O   1 
HETATM 1079 O  O   . HOH I 5 .   ? -4.283  -8.933  3.617   1.00 35.69  ? 413 HOH A O   1 
HETATM 1080 O  O   . HOH I 5 .   ? -17.383 0.526   -8.197  1.00 60.80  ? 414 HOH A O   1 
HETATM 1081 O  O   . HOH I 5 .   ? -7.937  -2.936  9.990   1.00 41.66  ? 415 HOH A O   1 
HETATM 1082 O  O   . HOH I 5 .   ? 12.427  10.968  3.548   1.00 67.19  ? 416 HOH A O   1 
HETATM 1083 O  O   . HOH I 5 .   ? 10.483  -3.666  8.133   1.00 36.89  ? 417 HOH A O   1 
HETATM 1084 O  O   . HOH I 5 .   ? 8.167   11.775  4.313   1.00 62.83  ? 418 HOH A O   1 
HETATM 1085 O  O   . HOH I 5 .   ? 3.573   -1.114  17.713  1.00 56.49  ? 419 HOH A O   1 
HETATM 1086 O  O   . HOH I 5 .   ? 11.647  7.063   8.958   1.00 62.51  ? 420 HOH A O   1 
HETATM 1087 O  O   . HOH I 5 .   ? -4.116  12.055  -3.770  1.00 57.16  ? 421 HOH A O   1 
HETATM 1088 O  O   . HOH I 5 .   ? -8.300  -4.645  6.080   1.00 72.46  ? 422 HOH A O   1 
HETATM 1089 O  O   . HOH I 5 .   ? -5.176  10.377  -5.387  1.00 56.23  ? 423 HOH A O   1 
HETATM 1090 O  O   . HOH I 5 .   ? 8.491   7.796   3.474   1.00 39.66  ? 424 HOH A O   1 
HETATM 1091 O  O   . HOH I 5 .   ? 2.186   -4.744  -9.802  1.00 30.97  ? 425 HOH A O   1 
HETATM 1092 O  O   . HOH I 5 .   ? -1.730  -10.167 21.653  1.00 62.63  ? 426 HOH A O   1 
HETATM 1093 O  O   . HOH I 5 .   ? -2.719  -16.715 16.085  1.00 59.92  ? 427 HOH A O   1 
HETATM 1094 O  O   . HOH I 5 .   ? 4.213   3.690   -16.319 1.00 51.47  ? 428 HOH A O   1 
HETATM 1095 O  O   . HOH I 5 .   ? 9.113   -3.264  10.170  1.00 37.45  ? 429 HOH A O   1 
HETATM 1096 O  O   . HOH I 5 .   ? -17.668 -0.660  -4.070  1.00 59.86  ? 430 HOH A O   1 
HETATM 1097 O  O   . HOH I 5 .   ? 9.382   1.612   14.424  1.00 50.68  ? 431 HOH A O   1 
HETATM 1098 O  O   . HOH I 5 .   ? -5.341  -9.997  -0.629  1.00 56.98  ? 432 HOH A O   1 
HETATM 1099 O  O   . HOH I 5 .   ? 13.520  -6.443  3.454   1.00 42.90  ? 433 HOH A O   1 
HETATM 1100 O  O   . HOH I 5 .   ? 7.152   -10.113 2.542   1.00 38.37  ? 434 HOH A O   1 
HETATM 1101 O  O   . HOH I 5 .   ? -0.289  8.290   15.617  1.00 62.39  ? 435 HOH A O   1 
HETATM 1102 O  O   . HOH I 5 .   ? 1.925   -6.070  1.433   1.00 53.60  ? 436 HOH A O   1 
HETATM 1103 O  O   . HOH I 5 .   ? 3.902   6.395   12.734  1.00 85.11  ? 437 HOH A O   1 
HETATM 1104 O  O   . HOH I 5 .   ? 1.695   -2.646  18.632  1.00 49.48  ? 438 HOH A O   1 
HETATM 1105 O  O   . HOH I 5 .   ? -10.311 -13.144 -8.425  1.00 62.21  ? 439 HOH A O   1 
HETATM 1106 O  O   . HOH I 5 .   ? 1.240   -4.369  -5.047  1.00 31.18  ? 440 HOH A O   1 
HETATM 1107 O  O   . HOH I 5 .   ? -10.394 8.228   -10.128 1.00 57.86  ? 441 HOH A O   1 
HETATM 1108 O  O   . HOH I 5 .   ? 8.218   -5.107  -1.388  0.50 41.81  ? 442 HOH A O   1 
HETATM 1109 O  O   . HOH I 5 .   ? -9.354  -7.018  18.329  1.00 51.09  ? 443 HOH A O   1 
HETATM 1110 O  O   . HOH I 5 .   ? -4.539  -13.528 -5.271  1.00 62.14  ? 444 HOH A O   1 
HETATM 1111 O  O   . HOH I 5 .   ? -2.189  7.519   11.695  1.00 51.23  ? 445 HOH A O   1 
HETATM 1112 O  O   . HOH I 5 .   ? -16.744 -2.454  -1.580  1.00 77.65  ? 446 HOH A O   1 
HETATM 1113 O  O   . HOH I 5 .   ? -2.003  9.848   9.711   1.00 70.01  ? 447 HOH A O   1 
HETATM 1114 O  O   . HOH I 5 .   ? 11.356  -0.553  -10.198 1.00 67.40  ? 448 HOH A O   1 
HETATM 1115 O  O   . HOH I 5 .   ? -15.188 4.690   -6.670  1.00 60.50  ? 449 HOH A O   1 
HETATM 1116 O  O   . HOH I 5 .   ? -6.498  10.870  -3.268  1.00 54.55  ? 450 HOH A O   1 
HETATM 1117 O  O   . HOH I 5 .   ? -3.248  5.135   1.351   1.00 58.28  ? 451 HOH A O   1 
HETATM 1118 O  O   . HOH I 5 .   ? -4.732  8.832   -0.250  1.00 71.84  ? 452 HOH A O   1 
HETATM 1119 O  O   . HOH I 5 .   ? -5.374  11.388  -1.265  1.00 65.24  ? 453 HOH A O   1 
HETATM 1120 O  O   . HOH I 5 .   ? -10.107 -9.267  12.414  1.00 62.35  ? 454 HOH A O   1 
HETATM 1121 O  O   . HOH I 5 .   ? -3.176  9.324   -12.176 1.00 77.25  ? 455 HOH A O   1 
HETATM 1122 O  O   . HOH I 5 .   ? -9.257  -11.091 14.631  1.00 84.93  ? 456 HOH A O   1 
HETATM 1123 O  O   . HOH I 5 .   ? -12.051 -6.404  12.493  1.00 46.02  ? 457 HOH A O   1 
HETATM 1124 O  O   . HOH I 5 .   ? -9.033  -8.354  15.934  1.00 69.35  ? 458 HOH A O   1 
HETATM 1125 O  O   . HOH I 5 .   ? -11.356 -10.265 -2.717  1.00 61.15  ? 459 HOH A O   1 
HETATM 1126 O  O   . HOH I 5 .   ? -3.161  10.347  -18.234 1.00 66.29  ? 460 HOH A O   1 
HETATM 1127 O  O   . HOH I 5 .   ? -2.305  12.587  -4.874  1.00 66.36  ? 461 HOH A O   1 
HETATM 1128 O  O   . HOH I 5 .   ? -9.228  -14.266 -5.990  1.00 59.39  ? 462 HOH A O   1 
HETATM 1129 O  O   . HOH I 5 .   ? 0.602   -7.031  20.906  1.00 67.91  ? 463 HOH A O   1 
HETATM 1130 O  O   . HOH I 5 .   ? -19.486 -0.972  -9.247  1.00 65.38  ? 464 HOH A O   1 
HETATM 1131 O  O   . HOH I 5 .   ? 7.489   13.436  7.462   1.00 73.25  ? 465 HOH A O   1 
HETATM 1132 O  O   . HOH I 5 .   ? -11.616 8.554   -8.105  1.00 62.67  ? 466 HOH A O   1 
HETATM 1133 O  O   . HOH I 5 .   ? 2.250   -8.504  22.309  1.00 61.87  ? 467 HOH A O   1 
HETATM 1134 O  O   . HOH I 5 .   ? -2.947  -15.750 18.805  1.00 67.79  ? 468 HOH A O   1 
HETATM 1135 O  O   . HOH I 5 .   ? -1.745  8.164   17.267  1.00 66.33  ? 469 HOH A O   1 
HETATM 1136 O  O   . HOH I 5 .   ? 5.767   13.286  5.470   1.00 66.68  ? 470 HOH A O   1 
HETATM 1137 O  O   . HOH I 5 .   ? -1.028  11.158  0.716   1.00 67.38  ? 471 HOH A O   1 
HETATM 1138 O  O   . HOH I 5 .   ? 2.998   -11.206 22.340  1.00 61.81  ? 472 HOH A O   1 
HETATM 1139 O  O   . HOH I 5 .   ? -3.988  -7.574  -24.289 1.00 62.26  ? 473 HOH A O   1 
# 
